data_4YR8
#
_entry.id   4YR8
#
_cell.length_a   58.151
_cell.length_b   74.850
_cell.length_c   134.810
_cell.angle_alpha   76.94
_cell.angle_beta   84.32
_cell.angle_gamma   67.44
#
_symmetry.space_group_name_H-M   'P 1'
#
loop_
_entity.id
_entity.type
_entity.pdbx_description
1 polymer 'Mitogen-activated protein kinase 8'
2 polymer 'Dual specificity protein phosphatase 16'
3 non-polymer 'CHLORIDE ION'
4 water water
#
loop_
_entity_poly.entity_id
_entity_poly.type
_entity_poly.pdbx_seq_one_letter_code
_entity_poly.pdbx_strand_id
1 'polypeptide(L)'
;MSRSKRDNNFYSVEIGDSTFTVLKRYQNLKPIGSGAQGIVCAAYDAILERNVAIKKLSRPFQNQTHAKRAYRELVLMKCV
NHKNIIGLLNVFTPQKSLEEFQDVYIVMELMDANLCQVIQMELDHERMSYLLYQMLCGIKHLHSAGIIHRDLKPSNIVVK
SDCTLKILDFGLARTAGTSFMMTPYVVTRYYRAPEVILGMGYKENVDIWSVGCIMGEMIKGGVLFPGTDHIDQWNKVIEQ
LGTPCPEFMKKLQPTVRTYVENRPKYAGYSFEKLFPDVLFPADSEHNKLKASQARDLLSKMLVIDASKRISVDEALQHPY
INVWYDPSEAEAPPPKIPDKQLDEREHTIEEWKELIYKEVMDLLEHHHHHH
;
E,A,C,F
2 'polypeptide(L)'
;MGSSHHHHHHSSGLVPRGSHMNIGPTRILPNLYLGCQRDVLNKELMQQNGIGYVLNASNTCPKPDFIPESHFLRVPVNDS
FCEKILPWLDKSVDFIEKAKASNGCVLVHCLAGISRSATIAIAYIMKRMDMSLDEAYRFVKEKRPTISPNFNFLGQLLDY
EKKIKNQ
;
G,B,D,H
#
# COMPACT_ATOMS: atom_id res chain seq x y z
N ASP A 7 18.52 -10.53 -50.68
CA ASP A 7 17.63 -11.24 -51.58
C ASP A 7 16.48 -10.34 -51.90
N ASN A 8 16.19 -10.22 -53.17
CA ASN A 8 15.27 -9.24 -53.65
C ASN A 8 14.18 -9.86 -54.49
N ASN A 9 14.04 -11.17 -54.43
CA ASN A 9 13.12 -11.86 -55.29
C ASN A 9 11.80 -12.11 -54.62
N PHE A 10 10.82 -11.26 -54.86
CA PHE A 10 9.56 -11.29 -54.15
C PHE A 10 8.34 -11.64 -54.96
N TYR A 11 7.41 -12.32 -54.33
CA TYR A 11 6.14 -12.56 -54.95
C TYR A 11 5.00 -12.48 -53.98
N SER A 12 3.77 -12.60 -54.47
CA SER A 12 2.60 -12.40 -53.63
C SER A 12 1.60 -13.48 -53.76
N VAL A 13 1.00 -13.81 -52.65
CA VAL A 13 -0.07 -14.76 -52.61
C VAL A 13 -1.11 -14.31 -51.66
N GLU A 14 -2.33 -14.61 -52.01
CA GLU A 14 -3.44 -14.26 -51.22
C GLU A 14 -3.66 -15.37 -50.27
N ILE A 15 -3.44 -15.14 -48.97
CA ILE A 15 -3.72 -16.16 -47.97
C ILE A 15 -4.92 -15.75 -47.12
N GLY A 16 -6.08 -16.37 -47.38
CA GLY A 16 -7.27 -16.00 -46.67
C GLY A 16 -7.57 -14.57 -46.97
N ASP A 17 -7.57 -13.76 -45.94
CA ASP A 17 -7.89 -12.37 -46.10
C ASP A 17 -6.69 -11.49 -46.28
N SER A 18 -5.51 -12.04 -46.07
CA SER A 18 -4.31 -11.27 -46.18
C SER A 18 -3.52 -11.57 -47.44
N THR A 19 -2.57 -10.71 -47.72
CA THR A 19 -1.61 -10.89 -48.78
C THR A 19 -0.28 -11.15 -48.18
N PHE A 20 0.35 -12.21 -48.57
CA PHE A 20 1.68 -12.44 -48.13
C PHE A 20 2.55 -12.11 -49.29
N THR A 21 3.51 -11.26 -49.08
CA THR A 21 4.50 -11.01 -50.11
C THR A 21 5.90 -11.36 -49.63
N VAL A 22 6.37 -12.50 -50.12
CA VAL A 22 7.54 -13.18 -49.63
C VAL A 22 8.57 -13.49 -50.68
N LEU A 23 9.72 -13.97 -50.22
CA LEU A 23 10.79 -14.38 -51.11
C LEU A 23 10.44 -15.61 -51.93
N LYS A 24 10.94 -15.67 -53.16
CA LYS A 24 10.62 -16.75 -54.08
C LYS A 24 11.02 -18.12 -53.56
N ARG A 25 11.99 -18.16 -52.68
CA ARG A 25 12.42 -19.41 -52.11
C ARG A 25 11.34 -20.09 -51.27
N TYR A 26 10.39 -19.33 -50.76
CA TYR A 26 9.34 -19.89 -49.92
C TYR A 26 8.16 -20.26 -50.76
N GLN A 27 7.86 -21.54 -50.84
CA GLN A 27 6.94 -22.01 -51.84
C GLN A 27 5.69 -22.57 -51.27
N ASN A 28 4.66 -22.56 -52.08
CA ASN A 28 3.43 -23.24 -51.80
C ASN A 28 2.86 -22.96 -50.42
N LEU A 29 2.58 -21.70 -50.15
CA LEU A 29 2.10 -21.26 -48.86
C LEU A 29 0.71 -21.70 -48.51
N LYS A 30 0.54 -22.18 -47.30
CA LYS A 30 -0.72 -22.62 -46.81
C LYS A 30 -0.87 -22.13 -45.39
N PRO A 31 -2.04 -21.65 -45.03
CA PRO A 31 -2.26 -21.03 -43.73
C PRO A 31 -2.30 -22.00 -42.55
N ILE A 32 -1.93 -21.50 -41.36
CA ILE A 32 -1.99 -22.26 -40.12
C ILE A 32 -2.40 -21.37 -38.96
N GLY A 38 -0.10 -13.30 -34.90
CA GLY A 38 -0.03 -12.77 -36.24
C GLY A 38 -0.72 -13.77 -37.09
N ILE A 39 -0.78 -13.54 -38.38
CA ILE A 39 -1.21 -14.56 -39.29
C ILE A 39 0.02 -15.33 -39.70
N VAL A 40 -0.02 -16.62 -39.53
CA VAL A 40 1.11 -17.45 -39.80
C VAL A 40 0.73 -18.48 -40.83
N CYS A 41 1.46 -18.52 -41.91
CA CYS A 41 1.34 -19.65 -42.81
C CYS A 41 2.57 -20.51 -42.92
N ALA A 42 2.34 -21.70 -43.43
CA ALA A 42 3.39 -22.65 -43.60
C ALA A 42 3.90 -22.51 -45.00
N ALA A 43 5.16 -22.80 -45.22
CA ALA A 43 5.74 -22.78 -46.56
C ALA A 43 6.83 -23.78 -46.70
N TYR A 44 7.20 -24.06 -47.91
CA TYR A 44 8.32 -24.90 -48.18
C TYR A 44 9.47 -24.07 -48.59
N ASP A 45 10.56 -24.18 -47.86
CA ASP A 45 11.77 -23.45 -48.19
C ASP A 45 12.62 -24.23 -49.15
N ALA A 46 12.68 -23.78 -50.37
CA ALA A 46 13.28 -24.52 -51.41
C ALA A 46 14.77 -24.59 -51.27
N ILE A 47 15.33 -23.71 -50.47
CA ILE A 47 16.74 -23.63 -50.35
C ILE A 47 17.19 -24.41 -49.14
N LEU A 48 16.28 -24.78 -48.28
CA LEU A 48 16.62 -25.59 -47.13
C LEU A 48 15.97 -26.93 -47.25
N GLU A 49 15.06 -27.06 -48.17
CA GLU A 49 14.37 -28.31 -48.35
C GLU A 49 13.65 -28.75 -47.10
N ARG A 50 13.00 -27.81 -46.43
CA ARG A 50 12.06 -28.12 -45.37
C ARG A 50 10.95 -27.10 -45.23
N ASN A 51 9.88 -27.50 -44.57
CA ASN A 51 8.79 -26.61 -44.29
C ASN A 51 9.17 -25.60 -43.23
N VAL A 52 8.64 -24.40 -43.34
CA VAL A 52 8.94 -23.37 -42.40
C VAL A 52 7.69 -22.59 -42.09
N ALA A 53 7.71 -21.77 -41.06
CA ALA A 53 6.57 -20.93 -40.79
C ALA A 53 6.95 -19.49 -41.12
N ILE A 54 5.99 -18.75 -41.64
CA ILE A 54 6.18 -17.35 -41.96
C ILE A 54 5.13 -16.54 -41.28
N LYS A 55 5.56 -15.67 -40.41
CA LYS A 55 4.68 -14.86 -39.65
C LYS A 55 4.76 -13.46 -40.17
N LYS A 56 3.63 -12.89 -40.51
CA LYS A 56 3.61 -11.53 -40.97
C LYS A 56 3.30 -10.60 -39.84
N LEU A 57 4.10 -9.57 -39.70
CA LEU A 57 3.80 -8.42 -38.88
C LEU A 57 3.43 -7.20 -39.72
N SER A 58 2.15 -6.86 -39.74
CA SER A 58 1.67 -5.73 -40.52
C SER A 58 1.60 -4.43 -39.77
N ARG A 59 2.27 -3.42 -40.35
CA ARG A 59 2.38 -2.09 -39.77
C ARG A 59 2.56 -2.23 -38.27
N PRO A 60 3.70 -2.78 -37.86
CA PRO A 60 3.81 -3.09 -36.44
C PRO A 60 3.98 -1.84 -35.65
N PHE A 61 4.33 -0.76 -36.34
CA PHE A 61 4.45 0.53 -35.75
C PHE A 61 3.14 1.29 -35.90
N GLN A 62 2.05 0.54 -36.05
CA GLN A 62 0.72 1.13 -36.07
C GLN A 62 0.52 1.95 -34.81
N ASN A 63 1.43 1.79 -33.85
CA ASN A 63 1.34 2.54 -32.61
C ASN A 63 2.55 2.31 -31.72
N GLN A 64 2.58 3.08 -30.63
CA GLN A 64 3.65 3.02 -29.66
C GLN A 64 3.76 1.63 -29.04
N THR A 65 2.64 0.93 -28.89
CA THR A 65 2.74 -0.38 -28.30
C THR A 65 3.29 -1.50 -29.16
N HIS A 66 2.68 -1.67 -30.32
CA HIS A 66 3.08 -2.73 -31.20
C HIS A 66 4.55 -2.58 -31.48
N ALA A 67 5.02 -1.35 -31.49
CA ALA A 67 6.42 -1.10 -31.75
C ALA A 67 7.31 -1.71 -30.71
N LYS A 68 7.03 -1.42 -29.46
CA LYS A 68 7.93 -1.87 -28.44
C LYS A 68 7.87 -3.38 -28.25
N ARG A 69 6.72 -4.00 -28.43
CA ARG A 69 6.66 -5.45 -28.36
C ARG A 69 7.32 -6.13 -29.56
N ALA A 70 7.16 -5.55 -30.73
CA ALA A 70 7.73 -6.11 -31.92
C ALA A 70 9.22 -5.99 -31.93
N TYR A 71 9.74 -4.90 -31.40
CA TYR A 71 11.15 -4.64 -31.43
C TYR A 71 11.84 -5.56 -30.48
N ARG A 72 11.26 -5.72 -29.29
CA ARG A 72 11.83 -6.63 -28.30
C ARG A 72 11.89 -8.07 -28.81
N GLU A 73 10.75 -8.54 -29.34
CA GLU A 73 10.62 -9.87 -29.86
C GLU A 73 11.59 -10.05 -30.95
N LEU A 74 11.77 -9.01 -31.72
CA LEU A 74 12.62 -9.11 -32.86
C LEU A 74 14.10 -9.15 -32.48
N VAL A 75 14.46 -8.38 -31.47
CA VAL A 75 15.81 -8.35 -30.96
C VAL A 75 16.08 -9.64 -30.22
N LEU A 76 15.10 -10.09 -29.47
CA LEU A 76 15.33 -11.22 -28.62
C LEU A 76 15.50 -12.42 -29.46
N MET A 77 14.76 -12.46 -30.55
CA MET A 77 14.71 -13.63 -31.37
C MET A 77 16.04 -13.80 -32.03
N LYS A 78 16.64 -12.67 -32.35
CA LYS A 78 17.90 -12.65 -33.02
C LYS A 78 19.04 -13.01 -32.10
N CYS A 79 19.00 -12.62 -30.84
CA CYS A 79 20.16 -12.85 -29.99
C CYS A 79 20.05 -14.10 -29.10
N VAL A 80 18.87 -14.67 -28.99
CA VAL A 80 18.67 -15.86 -28.22
C VAL A 80 18.64 -17.09 -29.13
N ASN A 81 19.02 -18.24 -28.60
CA ASN A 81 18.95 -19.47 -29.37
C ASN A 81 19.17 -20.63 -28.44
N HIS A 82 18.24 -21.54 -28.40
CA HIS A 82 18.34 -22.66 -27.55
C HIS A 82 17.43 -23.66 -28.14
N LYS A 83 17.54 -24.90 -27.73
CA LYS A 83 16.86 -25.98 -28.41
C LYS A 83 15.37 -26.03 -28.14
N ASN A 84 14.97 -25.45 -27.03
CA ASN A 84 13.61 -25.45 -26.64
C ASN A 84 12.96 -24.08 -26.89
N ILE A 85 13.62 -23.23 -27.65
CA ILE A 85 13.07 -21.97 -28.12
C ILE A 85 13.03 -22.02 -29.64
N ILE A 86 11.97 -21.56 -30.24
CA ILE A 86 11.78 -21.70 -31.66
C ILE A 86 12.87 -21.00 -32.38
N GLY A 87 13.39 -21.64 -33.39
CA GLY A 87 14.50 -21.09 -34.11
C GLY A 87 14.18 -20.16 -35.24
N LEU A 88 14.83 -19.02 -35.22
CA LEU A 88 14.78 -18.06 -36.27
C LEU A 88 15.60 -18.43 -37.49
N LEU A 89 14.97 -18.41 -38.64
CA LEU A 89 15.60 -18.76 -39.89
C LEU A 89 15.84 -17.55 -40.74
N ASN A 90 14.92 -16.60 -40.68
CA ASN A 90 15.01 -15.44 -41.54
C ASN A 90 14.16 -14.27 -41.13
N VAL A 91 14.53 -13.11 -41.59
CA VAL A 91 13.75 -11.92 -41.37
C VAL A 91 13.79 -11.02 -42.55
N PHE A 92 12.65 -10.59 -43.06
CA PHE A 92 12.65 -9.67 -44.20
C PHE A 92 11.52 -8.67 -44.30
N THR A 93 11.71 -7.72 -45.17
CA THR A 93 10.66 -6.84 -45.53
C THR A 93 10.64 -6.71 -47.01
N PRO A 94 9.48 -6.84 -47.62
CA PRO A 94 9.42 -6.80 -49.07
C PRO A 94 9.52 -5.41 -49.57
N GLN A 95 9.51 -4.46 -48.67
CA GLN A 95 9.59 -3.09 -49.10
C GLN A 95 11.02 -2.57 -49.20
N LYS A 96 11.22 -1.69 -50.14
CA LYS A 96 12.53 -1.31 -50.58
C LYS A 96 13.13 -0.13 -49.85
N SER A 97 12.30 0.60 -49.14
CA SER A 97 12.78 1.81 -48.51
C SER A 97 12.24 1.97 -47.09
N LEU A 98 12.71 3.01 -46.43
CA LEU A 98 12.30 3.26 -45.08
C LEU A 98 10.96 3.95 -45.15
N GLU A 99 10.72 4.67 -46.23
CA GLU A 99 9.42 5.31 -46.40
C GLU A 99 8.46 4.24 -46.84
N GLU A 100 8.84 3.47 -47.83
CA GLU A 100 8.01 2.38 -48.26
C GLU A 100 7.68 1.48 -47.09
N PHE A 101 8.57 1.41 -46.12
CA PHE A 101 8.40 0.44 -45.02
C PHE A 101 7.04 0.25 -44.41
N GLN A 102 6.52 -0.98 -44.53
CA GLN A 102 5.20 -1.31 -43.98
C GLN A 102 5.17 -2.61 -43.15
N ASP A 103 5.71 -3.69 -43.70
CA ASP A 103 5.56 -4.99 -43.06
C ASP A 103 6.84 -5.80 -42.86
N VAL A 104 6.90 -6.48 -41.73
CA VAL A 104 7.94 -7.42 -41.42
C VAL A 104 7.50 -8.86 -41.42
N TYR A 105 8.31 -9.70 -42.02
CA TYR A 105 8.10 -11.15 -42.04
C TYR A 105 9.19 -11.89 -41.26
N ILE A 106 8.75 -12.76 -40.37
CA ILE A 106 9.63 -13.60 -39.57
C ILE A 106 9.49 -15.07 -39.97
N VAL A 107 10.57 -15.64 -40.46
CA VAL A 107 10.63 -17.02 -40.83
C VAL A 107 11.22 -17.85 -39.71
N MET A 108 10.48 -18.85 -39.30
CA MET A 108 10.93 -19.72 -38.26
C MET A 108 10.76 -21.15 -38.71
N GLU A 109 11.29 -22.04 -37.92
CA GLU A 109 11.18 -23.43 -38.09
C GLU A 109 9.74 -23.80 -37.78
N LEU A 110 9.19 -24.80 -38.42
CA LEU A 110 7.77 -25.18 -38.26
C LEU A 110 7.54 -26.49 -37.57
N MET A 111 6.74 -26.50 -36.53
CA MET A 111 6.55 -27.67 -35.74
C MET A 111 5.32 -28.34 -36.22
N ASP A 112 4.75 -29.23 -35.47
CA ASP A 112 3.67 -30.03 -36.02
C ASP A 112 2.38 -29.79 -35.31
N ALA A 113 2.41 -29.02 -34.26
CA ALA A 113 1.22 -28.83 -33.44
C ALA A 113 1.48 -27.88 -32.29
N ASN A 114 0.46 -27.28 -31.70
CA ASN A 114 0.68 -26.46 -30.51
C ASN A 114 0.36 -27.28 -29.27
N LEU A 115 0.78 -26.84 -28.13
CA LEU A 115 0.57 -27.57 -26.94
C LEU A 115 -0.88 -27.76 -26.55
N CYS A 116 -1.77 -26.90 -27.01
CA CYS A 116 -3.22 -27.09 -26.81
C CYS A 116 -3.68 -28.40 -27.37
N GLN A 117 -3.31 -28.68 -28.60
CA GLN A 117 -3.64 -29.94 -29.24
C GLN A 117 -3.08 -31.14 -28.48
N VAL A 118 -1.81 -31.07 -28.18
CA VAL A 118 -1.09 -32.12 -27.53
C VAL A 118 -1.67 -32.43 -26.17
N ILE A 119 -2.03 -31.43 -25.39
CA ILE A 119 -2.61 -31.66 -24.09
C ILE A 119 -3.75 -32.62 -24.25
N GLN A 120 -4.39 -32.57 -25.40
CA GLN A 120 -5.65 -33.20 -25.63
C GLN A 120 -5.49 -34.65 -25.99
N MET A 121 -4.27 -35.04 -26.32
CA MET A 121 -3.92 -36.38 -26.67
C MET A 121 -3.75 -37.28 -25.48
N GLU A 122 -3.37 -38.50 -25.75
CA GLU A 122 -3.26 -39.51 -24.71
C GLU A 122 -1.81 -39.66 -24.36
N LEU A 123 -1.43 -39.20 -23.18
CA LEU A 123 -0.04 -39.05 -22.82
C LEU A 123 0.41 -39.94 -21.68
N ASP A 124 1.53 -40.59 -21.81
CA ASP A 124 2.08 -41.27 -20.69
C ASP A 124 2.83 -40.26 -19.88
N HIS A 125 3.11 -40.69 -18.70
CA HIS A 125 4.08 -40.10 -17.81
C HIS A 125 5.38 -39.74 -18.45
N GLU A 126 5.87 -40.55 -19.36
CA GLU A 126 7.15 -40.34 -19.95
C GLU A 126 7.15 -39.14 -20.87
N ARG A 127 6.10 -39.00 -21.62
CA ARG A 127 5.88 -37.86 -22.47
C ARG A 127 5.52 -36.57 -21.74
N MET A 128 4.70 -36.66 -20.68
CA MET A 128 4.38 -35.46 -19.91
C MET A 128 5.66 -34.90 -19.29
N SER A 129 6.40 -35.79 -18.65
CA SER A 129 7.70 -35.48 -18.05
C SER A 129 8.59 -34.82 -19.08
N TYR A 130 8.65 -35.37 -20.27
CA TYR A 130 9.55 -34.84 -21.27
C TYR A 130 9.15 -33.45 -21.74
N LEU A 131 7.85 -33.26 -21.97
CA LEU A 131 7.36 -31.93 -22.33
C LEU A 131 7.67 -30.87 -21.23
N LEU A 132 7.43 -31.23 -19.97
CA LEU A 132 7.68 -30.34 -18.83
C LEU A 132 9.16 -30.02 -18.65
N TYR A 133 9.99 -31.03 -18.86
CA TYR A 133 11.42 -30.92 -18.79
C TYR A 133 11.93 -29.97 -19.84
N GLN A 134 11.45 -30.13 -21.06
CA GLN A 134 11.81 -29.21 -22.13
C GLN A 134 11.37 -27.76 -21.84
N MET A 135 10.17 -27.61 -21.34
CA MET A 135 9.65 -26.35 -20.94
C MET A 135 10.56 -25.65 -19.95
N LEU A 136 10.94 -26.35 -18.91
CA LEU A 136 11.82 -25.89 -17.89
C LEU A 136 13.21 -25.52 -18.39
N CYS A 137 13.77 -26.25 -19.33
CA CYS A 137 15.03 -25.85 -19.93
C CYS A 137 14.93 -24.60 -20.72
N GLY A 138 13.87 -24.48 -21.51
CA GLY A 138 13.59 -23.29 -22.25
C GLY A 138 13.53 -22.10 -21.34
N ILE A 139 12.83 -22.23 -20.24
CA ILE A 139 12.72 -21.18 -19.29
C ILE A 139 14.02 -20.83 -18.57
N LYS A 140 14.76 -21.82 -18.14
CA LYS A 140 16.04 -21.63 -17.50
C LYS A 140 16.95 -20.83 -18.38
N HIS A 141 17.00 -21.17 -19.65
CA HIS A 141 17.75 -20.43 -20.58
C HIS A 141 17.31 -19.02 -20.69
N LEU A 142 16.03 -18.77 -20.64
CA LEU A 142 15.53 -17.42 -20.72
C LEU A 142 15.92 -16.62 -19.51
N HIS A 143 15.73 -17.18 -18.33
CA HIS A 143 16.09 -16.53 -17.07
C HIS A 143 17.59 -16.24 -16.97
N SER A 144 18.39 -17.17 -17.48
CA SER A 144 19.83 -17.01 -17.52
C SER A 144 20.16 -15.81 -18.39
N ALA A 145 19.32 -15.52 -19.38
CA ALA A 145 19.61 -14.36 -20.21
C ALA A 145 18.96 -13.09 -19.64
N GLY A 146 18.32 -13.20 -18.49
CA GLY A 146 17.65 -12.08 -17.88
C GLY A 146 16.24 -11.82 -18.33
N ILE A 147 15.62 -12.83 -18.92
CA ILE A 147 14.28 -12.78 -19.46
C ILE A 147 13.32 -13.60 -18.67
N ILE A 148 12.35 -12.93 -18.10
CA ILE A 148 11.27 -13.58 -17.45
C ILE A 148 10.12 -13.48 -18.43
N HIS A 149 9.42 -14.57 -18.65
CA HIS A 149 8.38 -14.66 -19.65
C HIS A 149 7.07 -14.03 -19.24
N ARG A 150 6.52 -14.46 -18.11
CA ARG A 150 5.29 -13.89 -17.57
C ARG A 150 4.02 -14.08 -18.40
N ASP A 151 4.13 -14.78 -19.52
CA ASP A 151 2.97 -15.06 -20.33
C ASP A 151 3.05 -16.45 -20.98
N LEU A 152 3.41 -17.46 -20.23
CA LEU A 152 3.54 -18.79 -20.73
C LEU A 152 2.24 -19.57 -20.79
N LYS A 153 1.82 -19.97 -21.97
CA LYS A 153 0.52 -20.58 -22.26
C LYS A 153 0.64 -21.76 -23.19
N PRO A 154 -0.25 -22.75 -23.12
CA PRO A 154 -0.13 -23.81 -24.13
C PRO A 154 -0.20 -23.39 -25.56
N SER A 155 -0.82 -22.28 -25.79
CA SER A 155 -1.00 -21.78 -27.16
C SER A 155 0.24 -21.09 -27.71
N ASN A 156 1.18 -20.72 -26.88
CA ASN A 156 2.39 -20.20 -27.48
C ASN A 156 3.58 -21.13 -27.22
N ILE A 157 3.27 -22.43 -27.16
CA ILE A 157 4.30 -23.46 -27.09
C ILE A 157 3.95 -24.49 -28.17
N VAL A 158 4.91 -24.84 -29.03
CA VAL A 158 4.61 -25.78 -30.11
C VAL A 158 5.46 -27.03 -29.97
N VAL A 159 5.01 -28.15 -30.50
CA VAL A 159 5.76 -29.38 -30.31
C VAL A 159 5.79 -30.20 -31.58
N LYS A 160 6.90 -30.90 -31.83
CA LYS A 160 7.07 -31.77 -32.98
C LYS A 160 6.40 -33.12 -32.77
N SER A 161 6.31 -33.89 -33.83
CA SER A 161 5.77 -35.24 -33.85
C SER A 161 6.48 -36.16 -32.89
N ASP A 162 7.77 -36.02 -32.80
CA ASP A 162 8.58 -36.89 -31.94
C ASP A 162 8.62 -36.33 -30.51
N CYS A 163 7.78 -35.35 -30.23
CA CYS A 163 7.66 -34.79 -28.88
C CYS A 163 8.64 -33.70 -28.42
N THR A 164 9.47 -33.19 -29.34
CA THR A 164 10.30 -32.04 -29.03
C THR A 164 9.48 -30.78 -28.85
N LEU A 165 9.85 -29.92 -27.90
CA LEU A 165 9.05 -28.79 -27.55
C LEU A 165 9.79 -27.49 -27.74
N LYS A 166 9.22 -26.55 -28.46
CA LYS A 166 9.79 -25.24 -28.57
C LYS A 166 8.84 -24.15 -28.03
N ILE A 167 9.40 -23.17 -27.37
CA ILE A 167 8.70 -21.98 -26.90
C ILE A 167 8.79 -20.92 -27.97
N LEU A 168 7.66 -20.33 -28.32
CA LEU A 168 7.59 -19.45 -29.48
C LEU A 168 7.95 -17.99 -29.20
N ASP A 169 7.57 -17.48 -28.03
CA ASP A 169 7.73 -16.06 -27.76
C ASP A 169 8.43 -15.76 -26.47
N PHE A 170 8.77 -14.50 -26.29
CA PHE A 170 9.59 -14.09 -25.17
C PHE A 170 8.81 -13.42 -24.08
N GLY A 171 7.51 -13.42 -24.23
CA GLY A 171 6.65 -12.96 -23.20
C GLY A 171 6.50 -11.48 -23.16
N LEU A 172 5.95 -11.03 -22.06
CA LEU A 172 5.68 -9.64 -21.83
C LEU A 172 6.87 -8.73 -21.60
N ALA A 173 6.60 -7.46 -21.82
CA ALA A 173 7.54 -6.39 -21.67
C ALA A 173 7.97 -6.20 -20.23
N ARG A 174 9.19 -5.69 -20.07
CA ARG A 174 9.73 -5.18 -18.79
C ARG A 174 10.65 -6.15 -18.07
N VAL A 187 -6.42 -11.74 -23.02
CA VAL A 187 -7.72 -12.37 -22.86
C VAL A 187 -7.59 -13.73 -22.18
N THR A 188 -6.68 -14.57 -22.70
CA THR A 188 -6.41 -15.85 -22.04
C THR A 188 -5.49 -15.62 -20.85
N ARG A 189 -6.10 -15.64 -19.67
CA ARG A 189 -5.42 -15.25 -18.44
C ARG A 189 -5.15 -16.45 -17.52
N TYR A 190 -5.56 -17.65 -17.95
CA TYR A 190 -5.60 -18.79 -17.06
C TYR A 190 -4.25 -19.22 -16.48
N TYR A 191 -3.14 -18.80 -17.09
CA TYR A 191 -1.84 -19.33 -16.66
C TYR A 191 -0.94 -18.31 -15.94
N ARG A 192 -1.47 -17.14 -15.68
CA ARG A 192 -0.76 -16.12 -15.00
C ARG A 192 -0.73 -16.33 -13.53
N ALA A 193 0.43 -16.11 -12.98
CA ALA A 193 0.66 -16.17 -11.56
C ALA A 193 -0.18 -15.19 -10.74
N PRO A 194 -0.51 -15.62 -9.56
CA PRO A 194 -1.19 -14.75 -8.62
C PRO A 194 -0.50 -13.39 -8.48
N GLU A 195 0.82 -13.30 -8.48
CA GLU A 195 1.55 -12.07 -8.40
C GLU A 195 1.11 -11.06 -9.40
N VAL A 196 0.70 -11.51 -10.55
CA VAL A 196 0.34 -10.64 -11.62
C VAL A 196 -1.04 -10.05 -11.43
N ILE A 197 -1.90 -10.82 -10.82
CA ILE A 197 -3.28 -10.46 -10.55
C ILE A 197 -3.29 -9.60 -9.34
N LEU A 198 -2.36 -9.82 -8.45
CA LEU A 198 -2.36 -9.14 -7.19
C LEU A 198 -1.50 -7.89 -7.18
N GLY A 199 -0.92 -7.58 -8.31
CA GLY A 199 -0.06 -6.45 -8.46
C GLY A 199 1.21 -6.43 -7.67
N MET A 200 1.72 -7.58 -7.32
CA MET A 200 2.92 -7.70 -6.58
C MET A 200 4.10 -7.68 -7.46
N GLY A 201 5.25 -7.54 -6.86
CA GLY A 201 6.48 -7.73 -7.59
C GLY A 201 6.58 -9.20 -7.92
N TYR A 202 7.37 -9.50 -8.96
CA TYR A 202 7.59 -10.88 -9.36
C TYR A 202 9.07 -11.17 -9.47
N LYS A 203 9.42 -12.45 -9.40
CA LYS A 203 10.76 -12.87 -9.72
C LYS A 203 10.70 -14.03 -10.69
N GLU A 204 11.82 -14.72 -10.91
CA GLU A 204 11.88 -15.77 -11.93
C GLU A 204 10.80 -16.86 -11.79
N ASN A 205 10.54 -17.26 -10.55
CA ASN A 205 9.68 -18.40 -10.34
C ASN A 205 8.20 -18.09 -10.68
N VAL A 206 7.89 -16.89 -11.12
CA VAL A 206 6.63 -16.55 -11.72
C VAL A 206 6.25 -17.47 -12.85
N ASP A 207 7.22 -17.78 -13.69
CA ASP A 207 7.05 -18.70 -14.78
C ASP A 207 6.78 -20.13 -14.33
N ILE A 208 7.24 -20.49 -13.16
CA ILE A 208 6.95 -21.77 -12.57
C ILE A 208 5.47 -21.93 -12.29
N TRP A 209 4.78 -20.91 -11.91
CA TRP A 209 3.36 -21.02 -11.71
C TRP A 209 2.71 -21.41 -13.04
N SER A 210 3.15 -20.84 -14.13
CA SER A 210 2.52 -21.19 -15.40
C SER A 210 2.80 -22.65 -15.70
N VAL A 211 4.01 -23.09 -15.43
CA VAL A 211 4.33 -24.47 -15.73
C VAL A 211 3.41 -25.40 -14.93
N GLY A 212 3.15 -25.03 -13.69
CA GLY A 212 2.29 -25.83 -12.84
C GLY A 212 0.92 -25.89 -13.46
N CYS A 213 0.44 -24.75 -13.93
CA CYS A 213 -0.88 -24.77 -14.51
C CYS A 213 -0.90 -25.73 -15.69
N ILE A 214 0.15 -25.68 -16.51
CA ILE A 214 0.14 -26.48 -17.71
C ILE A 214 0.21 -27.92 -17.26
N MET A 215 1.14 -28.24 -16.38
CA MET A 215 1.24 -29.58 -15.90
C MET A 215 -0.11 -30.07 -15.45
N GLY A 216 -0.80 -29.27 -14.67
CA GLY A 216 -2.02 -29.68 -14.07
C GLY A 216 -3.05 -29.96 -15.13
N GLU A 217 -3.03 -29.16 -16.17
CA GLU A 217 -3.95 -29.29 -17.24
C GLU A 217 -3.74 -30.61 -17.96
N MET A 218 -2.50 -30.95 -18.26
CA MET A 218 -2.10 -32.21 -18.81
C MET A 218 -2.58 -33.40 -18.00
N ILE A 219 -2.63 -33.31 -16.69
CA ILE A 219 -3.04 -34.45 -15.92
C ILE A 219 -4.55 -34.53 -15.78
N LYS A 220 -5.16 -33.40 -15.56
CA LYS A 220 -6.56 -33.34 -15.26
C LYS A 220 -7.38 -33.54 -16.52
N GLY A 221 -6.89 -33.06 -17.63
CA GLY A 221 -7.65 -33.01 -18.86
C GLY A 221 -8.44 -31.74 -19.10
N GLY A 222 -8.14 -30.67 -18.38
CA GLY A 222 -8.78 -29.40 -18.57
C GLY A 222 -8.14 -28.34 -17.75
N VAL A 223 -8.30 -27.10 -18.17
CA VAL A 223 -7.78 -25.94 -17.51
C VAL A 223 -7.98 -25.91 -16.00
N LEU A 224 -6.92 -25.64 -15.27
CA LEU A 224 -7.05 -25.61 -13.82
C LEU A 224 -7.89 -24.45 -13.32
N PHE A 225 -7.59 -23.25 -13.80
CA PHE A 225 -8.26 -22.05 -13.31
C PHE A 225 -8.82 -21.28 -14.50
N PRO A 226 -9.94 -21.74 -15.03
CA PRO A 226 -10.57 -21.08 -16.18
C PRO A 226 -11.50 -19.95 -15.73
N GLY A 227 -11.21 -18.73 -16.18
CA GLY A 227 -12.01 -17.58 -15.80
C GLY A 227 -12.05 -16.51 -16.87
N THR A 228 -13.11 -15.70 -16.85
CA THR A 228 -13.28 -14.63 -17.79
C THR A 228 -12.79 -13.26 -17.29
N ASP A 229 -12.39 -13.19 -16.02
CA ASP A 229 -11.83 -11.95 -15.48
C ASP A 229 -10.97 -12.22 -14.24
N HIS A 230 -10.46 -11.16 -13.61
CA HIS A 230 -9.59 -11.33 -12.44
C HIS A 230 -10.30 -11.97 -11.28
N ILE A 231 -11.50 -11.51 -11.02
CA ILE A 231 -12.31 -12.02 -9.91
C ILE A 231 -12.48 -13.53 -10.02
N ASP A 232 -12.85 -13.94 -11.17
CA ASP A 232 -13.12 -15.27 -11.45
C ASP A 232 -11.90 -16.17 -11.41
N GLN A 233 -10.82 -15.71 -11.98
CA GLN A 233 -9.51 -16.31 -11.87
C GLN A 233 -9.15 -16.57 -10.45
N TRP A 234 -9.06 -15.50 -9.66
CA TRP A 234 -8.73 -15.64 -8.26
C TRP A 234 -9.56 -16.71 -7.61
N ASN A 235 -10.87 -16.64 -7.82
CA ASN A 235 -11.82 -17.61 -7.27
C ASN A 235 -11.52 -19.08 -7.44
N LYS A 236 -11.21 -19.49 -8.67
CA LYS A 236 -10.89 -20.87 -8.96
C LYS A 236 -9.59 -21.21 -8.26
N VAL A 237 -8.67 -20.26 -8.28
CA VAL A 237 -7.44 -20.40 -7.55
C VAL A 237 -7.65 -20.68 -6.08
N ILE A 238 -8.47 -19.93 -5.37
CA ILE A 238 -8.60 -20.14 -3.94
C ILE A 238 -9.59 -21.23 -3.56
N GLU A 239 -10.48 -21.53 -4.47
CA GLU A 239 -11.42 -22.56 -4.25
C GLU A 239 -10.64 -23.87 -4.21
N GLN A 240 -9.65 -24.01 -5.08
CA GLN A 240 -8.82 -25.20 -5.12
C GLN A 240 -7.63 -25.26 -4.18
N LEU A 241 -6.87 -24.17 -4.08
CA LEU A 241 -5.64 -24.20 -3.28
C LEU A 241 -5.86 -23.70 -1.86
N GLY A 242 -6.96 -22.97 -1.63
CA GLY A 242 -7.27 -22.46 -0.31
C GLY A 242 -6.91 -20.99 -0.19
N THR A 243 -7.65 -20.24 0.62
CA THR A 243 -7.32 -18.85 0.90
C THR A 243 -5.91 -18.73 1.50
N PRO A 244 -5.09 -17.86 0.92
CA PRO A 244 -3.74 -17.64 1.41
C PRO A 244 -3.75 -17.24 2.89
N CYS A 245 -2.71 -17.59 3.63
CA CYS A 245 -2.67 -17.29 5.05
C CYS A 245 -2.54 -15.77 5.27
N PRO A 246 -2.82 -15.31 6.51
CA PRO A 246 -2.74 -13.86 6.80
C PRO A 246 -1.39 -13.20 6.49
N GLU A 247 -0.31 -13.92 6.75
CA GLU A 247 1.03 -13.44 6.46
C GLU A 247 1.13 -12.98 5.00
N PHE A 248 0.54 -13.78 4.10
CA PHE A 248 0.57 -13.46 2.67
C PHE A 248 -0.33 -12.27 2.37
N MET A 249 -1.50 -12.23 3.00
CA MET A 249 -2.41 -11.11 2.79
C MET A 249 -1.70 -9.79 3.11
N LYS A 250 -0.89 -9.79 4.16
CA LYS A 250 -0.19 -8.56 4.56
C LYS A 250 0.88 -8.08 3.57
N LYS A 251 1.26 -8.93 2.62
CA LYS A 251 2.25 -8.55 1.59
C LYS A 251 1.63 -7.68 0.48
N LEU A 252 0.31 -7.71 0.34
CA LEU A 252 -0.37 -6.97 -0.71
C LEU A 252 -0.49 -5.49 -0.37
N GLN A 253 -0.47 -4.63 -1.39
CA GLN A 253 -0.69 -3.19 -1.22
C GLN A 253 -2.08 -3.01 -0.60
N PRO A 254 -2.32 -1.89 0.11
CA PRO A 254 -3.55 -1.75 0.89
C PRO A 254 -4.81 -2.07 0.10
N THR A 255 -4.99 -1.45 -1.06
CA THR A 255 -6.23 -1.66 -1.82
C THR A 255 -6.49 -3.09 -2.28
N VAL A 256 -5.50 -3.71 -2.90
CA VAL A 256 -5.61 -5.10 -3.31
C VAL A 256 -5.91 -5.97 -2.10
N ARG A 257 -5.33 -5.60 -0.97
CA ARG A 257 -5.49 -6.34 0.27
C ARG A 257 -6.91 -6.22 0.77
N THR A 258 -7.49 -5.01 0.68
CA THR A 258 -8.87 -4.87 1.11
C THR A 258 -9.78 -5.68 0.19
N TYR A 259 -9.54 -5.66 -1.12
CA TYR A 259 -10.40 -6.52 -1.93
C TYR A 259 -10.24 -8.01 -1.65
N VAL A 260 -9.01 -8.50 -1.57
CA VAL A 260 -8.77 -9.92 -1.36
C VAL A 260 -9.24 -10.46 0.00
N GLU A 261 -9.08 -9.66 1.06
CA GLU A 261 -9.50 -10.07 2.41
C GLU A 261 -11.02 -10.03 2.59
N ASN A 262 -11.69 -9.42 1.65
CA ASN A 262 -13.12 -9.38 1.65
C ASN A 262 -13.74 -10.56 0.99
N ARG A 263 -12.98 -11.42 0.34
CA ARG A 263 -13.61 -12.55 -0.37
C ARG A 263 -13.82 -13.76 0.53
N PRO A 264 -14.93 -14.49 0.36
CA PRO A 264 -15.12 -15.67 1.20
C PRO A 264 -13.85 -16.48 1.36
N LYS A 265 -13.70 -17.17 2.47
CA LYS A 265 -12.60 -18.05 2.70
C LYS A 265 -12.93 -19.43 2.21
N TYR A 266 -11.89 -20.13 1.81
CA TYR A 266 -11.99 -21.50 1.34
C TYR A 266 -10.90 -22.30 1.97
N ALA A 267 -11.22 -23.53 2.30
CA ALA A 267 -10.21 -24.40 2.90
C ALA A 267 -9.25 -24.93 1.84
N GLY A 268 -9.77 -25.18 0.65
CA GLY A 268 -8.95 -25.74 -0.40
C GLY A 268 -8.86 -27.25 -0.27
N TYR A 269 -8.15 -27.88 -1.20
CA TYR A 269 -8.07 -29.31 -1.16
C TYR A 269 -6.61 -29.72 -1.17
N SER A 270 -6.31 -30.86 -0.55
CA SER A 270 -4.97 -31.40 -0.59
C SER A 270 -4.64 -31.87 -2.01
N PHE A 271 -3.35 -31.98 -2.31
CA PHE A 271 -2.95 -32.36 -3.65
C PHE A 271 -3.33 -33.82 -3.99
N GLU A 272 -3.53 -34.65 -2.96
CA GLU A 272 -4.08 -36.00 -3.17
C GLU A 272 -5.54 -35.99 -3.67
N LYS A 273 -6.31 -35.04 -3.19
CA LYS A 273 -7.66 -34.89 -3.65
C LYS A 273 -7.81 -34.15 -4.96
N LEU A 274 -6.90 -33.24 -5.24
CA LEU A 274 -6.88 -32.50 -6.51
C LEU A 274 -6.35 -33.34 -7.65
N PHE A 275 -5.37 -34.20 -7.38
CA PHE A 275 -4.74 -34.98 -8.42
C PHE A 275 -4.64 -36.45 -8.05
N PRO A 276 -5.79 -37.11 -7.93
CA PRO A 276 -5.79 -38.55 -7.62
C PRO A 276 -5.11 -39.38 -8.70
N ASP A 277 -4.86 -40.64 -8.36
CA ASP A 277 -4.22 -41.59 -9.24
C ASP A 277 -5.00 -41.84 -10.49
N VAL A 278 -6.32 -41.93 -10.39
CA VAL A 278 -7.16 -42.17 -11.52
C VAL A 278 -7.01 -41.23 -12.69
N LEU A 279 -6.54 -40.03 -12.47
CA LEU A 279 -6.44 -39.07 -13.54
C LEU A 279 -5.30 -39.36 -14.45
N PHE A 280 -4.33 -40.09 -13.97
CA PHE A 280 -3.16 -40.37 -14.75
C PHE A 280 -3.44 -41.56 -15.61
N PRO A 281 -2.73 -41.72 -16.71
CA PRO A 281 -2.94 -42.89 -17.54
C PRO A 281 -2.82 -44.16 -16.74
N ALA A 282 -3.71 -45.07 -17.01
CA ALA A 282 -4.08 -46.10 -16.08
C ALA A 282 -3.13 -47.30 -15.89
N ASP A 283 -2.62 -47.84 -16.99
CA ASP A 283 -1.71 -48.97 -16.96
C ASP A 283 -0.31 -48.51 -17.35
N SER A 284 0.42 -47.99 -16.37
CA SER A 284 1.69 -47.41 -16.58
C SER A 284 2.53 -48.23 -15.64
N GLU A 285 3.77 -48.51 -15.98
CA GLU A 285 4.66 -49.16 -15.05
C GLU A 285 4.97 -48.21 -13.91
N HIS A 286 4.94 -48.65 -12.67
CA HIS A 286 5.25 -47.79 -11.55
C HIS A 286 4.45 -46.48 -11.43
N ASN A 287 3.17 -46.49 -11.73
CA ASN A 287 2.41 -45.29 -11.78
C ASN A 287 2.05 -44.80 -10.43
N LYS A 288 2.00 -45.66 -9.44
CA LYS A 288 1.71 -45.13 -8.15
C LYS A 288 2.83 -44.23 -7.69
N LEU A 289 4.05 -44.58 -8.02
CA LEU A 289 5.17 -43.80 -7.63
C LEU A 289 5.27 -42.63 -8.54
N LYS A 290 4.94 -42.83 -9.77
CA LYS A 290 5.01 -41.78 -10.72
C LYS A 290 3.96 -40.70 -10.48
N ALA A 291 2.80 -41.10 -10.03
CA ALA A 291 1.78 -40.17 -9.68
C ALA A 291 2.12 -39.45 -8.42
N SER A 292 2.68 -40.11 -7.44
CA SER A 292 3.08 -39.33 -6.27
C SER A 292 4.20 -38.31 -6.58
N GLN A 293 5.11 -38.64 -7.49
CA GLN A 293 6.16 -37.70 -7.90
C GLN A 293 5.56 -36.49 -8.59
N ALA A 294 4.62 -36.75 -9.49
CA ALA A 294 3.89 -35.69 -10.17
C ALA A 294 3.13 -34.78 -9.20
N ARG A 295 2.39 -35.39 -8.28
CA ARG A 295 1.65 -34.64 -7.27
C ARG A 295 2.59 -33.80 -6.44
N ASP A 296 3.75 -34.35 -6.11
CA ASP A 296 4.66 -33.60 -5.27
C ASP A 296 5.16 -32.36 -6.02
N LEU A 297 5.60 -32.60 -7.25
CA LEU A 297 6.06 -31.50 -8.07
C LEU A 297 4.99 -30.40 -8.19
N LEU A 298 3.76 -30.81 -8.49
CA LEU A 298 2.63 -29.88 -8.58
C LEU A 298 2.44 -29.09 -7.29
N SER A 299 2.53 -29.80 -6.17
CA SER A 299 2.30 -29.21 -4.87
C SER A 299 3.38 -28.20 -4.57
N LYS A 300 4.50 -28.29 -5.25
CA LYS A 300 5.51 -27.26 -5.02
C LYS A 300 5.46 -26.17 -6.09
N MET A 301 4.73 -26.41 -7.18
CA MET A 301 4.58 -25.37 -8.19
C MET A 301 3.34 -24.49 -8.06
N LEU A 302 2.20 -25.09 -7.78
CA LEU A 302 0.96 -24.32 -7.64
C LEU A 302 0.90 -23.77 -6.21
N VAL A 303 1.82 -22.88 -5.89
CA VAL A 303 1.92 -22.32 -4.56
C VAL A 303 1.72 -20.83 -4.71
N ILE A 304 0.68 -20.29 -4.06
CA ILE A 304 0.34 -18.88 -4.23
C ILE A 304 1.47 -17.93 -3.81
N ASP A 305 2.04 -18.16 -2.63
CA ASP A 305 3.14 -17.31 -2.11
C ASP A 305 4.44 -17.61 -2.88
N ALA A 306 4.85 -16.72 -3.78
CA ALA A 306 6.00 -16.98 -4.64
C ALA A 306 7.30 -17.19 -3.89
N SER A 307 7.35 -16.74 -2.65
CA SER A 307 8.56 -16.90 -1.87
C SER A 307 8.64 -18.31 -1.28
N LYS A 308 7.56 -19.07 -1.42
CA LYS A 308 7.57 -20.46 -0.96
C LYS A 308 7.39 -21.43 -2.12
N ARG A 309 7.35 -20.92 -3.33
CA ARG A 309 7.21 -21.70 -4.51
C ARG A 309 8.57 -22.07 -5.04
N ILE A 310 8.75 -23.29 -5.51
CA ILE A 310 10.01 -23.73 -6.07
C ILE A 310 10.51 -22.99 -7.27
N SER A 311 11.80 -23.09 -7.48
CA SER A 311 12.46 -22.47 -8.61
C SER A 311 12.60 -23.45 -9.74
N VAL A 312 12.96 -22.93 -10.88
CA VAL A 312 13.13 -23.74 -12.03
C VAL A 312 14.27 -24.72 -11.86
N ASP A 313 15.30 -24.33 -11.14
CA ASP A 313 16.41 -25.19 -10.92
C ASP A 313 16.07 -26.30 -10.00
N GLU A 314 15.35 -26.02 -8.94
CA GLU A 314 14.86 -27.07 -8.09
C GLU A 314 13.87 -27.96 -8.81
N ALA A 315 13.20 -27.44 -9.82
CA ALA A 315 12.16 -28.19 -10.50
C ALA A 315 12.84 -29.21 -11.41
N LEU A 316 13.93 -28.80 -12.06
CA LEU A 316 14.64 -29.65 -12.97
C LEU A 316 15.27 -30.81 -12.24
N GLN A 317 15.51 -30.62 -10.93
CA GLN A 317 16.16 -31.62 -10.10
C GLN A 317 15.16 -32.53 -9.41
N HIS A 318 13.89 -32.25 -9.59
CA HIS A 318 12.83 -33.03 -8.97
C HIS A 318 12.78 -34.42 -9.60
N PRO A 319 12.54 -35.45 -8.79
CA PRO A 319 12.49 -36.85 -9.26
C PRO A 319 11.61 -37.05 -10.52
N TYR A 320 10.57 -36.26 -10.68
CA TYR A 320 9.67 -36.41 -11.83
C TYR A 320 10.31 -35.94 -13.13
N ILE A 321 11.26 -35.00 -13.02
CA ILE A 321 11.85 -34.33 -14.17
C ILE A 321 13.29 -34.75 -14.42
N ASN A 322 14.01 -35.04 -13.35
CA ASN A 322 15.46 -35.24 -13.44
C ASN A 322 15.94 -36.49 -14.22
N VAL A 323 15.02 -37.40 -14.56
CA VAL A 323 15.38 -38.54 -15.39
C VAL A 323 15.98 -38.08 -16.72
N TRP A 324 15.71 -36.84 -17.11
CA TRP A 324 16.14 -36.36 -18.41
C TRP A 324 17.53 -35.69 -18.43
N TYR A 325 18.12 -35.47 -17.25
CA TYR A 325 19.46 -34.88 -17.16
C TYR A 325 20.51 -35.91 -17.52
N ASP A 326 21.49 -35.53 -18.34
CA ASP A 326 22.54 -36.48 -18.69
C ASP A 326 23.88 -35.92 -18.20
N PRO A 327 24.53 -36.60 -17.30
CA PRO A 327 25.78 -36.11 -16.74
C PRO A 327 26.88 -35.91 -17.74
N SER A 328 26.85 -36.62 -18.86
CA SER A 328 27.97 -36.63 -19.79
C SER A 328 27.94 -35.59 -20.88
N GLU A 329 26.84 -34.90 -21.07
CA GLU A 329 26.74 -33.98 -22.17
C GLU A 329 27.15 -32.61 -21.69
N ALA A 330 27.06 -31.61 -22.55
CA ALA A 330 27.32 -30.24 -22.16
C ALA A 330 26.88 -29.80 -20.77
N LYS A 353 10.84 3.46 -35.21
CA LYS A 353 10.57 2.59 -36.35
C LYS A 353 11.74 2.50 -37.32
N GLU A 354 12.62 3.49 -37.29
CA GLU A 354 13.90 3.37 -37.96
C GLU A 354 14.67 2.28 -37.28
N LEU A 355 14.34 2.01 -36.04
CA LEU A 355 14.97 0.98 -35.31
C LEU A 355 14.55 -0.32 -35.93
N ILE A 356 13.25 -0.59 -35.90
CA ILE A 356 12.73 -1.83 -36.45
C ILE A 356 13.27 -2.06 -37.83
N TYR A 357 13.14 -1.06 -38.65
CA TYR A 357 13.61 -1.17 -39.99
C TYR A 357 15.09 -1.40 -39.97
N LYS A 358 15.77 -0.83 -38.99
CA LYS A 358 17.21 -0.99 -38.87
C LYS A 358 17.48 -2.44 -38.59
N GLU A 359 16.74 -2.95 -37.62
CA GLU A 359 16.92 -4.29 -37.18
C GLU A 359 16.51 -5.30 -38.21
N VAL A 360 15.69 -4.94 -39.19
CA VAL A 360 15.29 -5.91 -40.19
C VAL A 360 16.37 -6.03 -41.24
N MET A 361 17.09 -4.95 -41.48
CA MET A 361 18.13 -5.00 -42.49
C MET A 361 19.47 -5.51 -41.99
N ASP A 362 19.49 -6.25 -40.90
CA ASP A 362 20.69 -6.95 -40.47
C ASP A 362 20.60 -8.46 -40.68
N GLY B 24 -21.19 -2.96 -30.90
CA GLY B 24 -20.87 -1.66 -30.35
C GLY B 24 -20.81 -1.61 -28.82
N PRO B 25 -21.20 -0.46 -28.24
CA PRO B 25 -21.15 -0.25 -26.79
C PRO B 25 -22.32 -0.95 -26.10
N THR B 26 -22.22 -1.24 -24.80
CA THR B 26 -23.25 -1.96 -24.07
C THR B 26 -24.18 -1.04 -23.29
N ARG B 27 -25.48 -1.16 -23.48
CA ARG B 27 -26.43 -0.45 -22.66
C ARG B 27 -26.49 -1.09 -21.28
N ILE B 28 -26.35 -0.26 -20.26
CA ILE B 28 -26.24 -0.71 -18.90
C ILE B 28 -27.51 -0.36 -18.24
N LEU B 29 -27.94 0.84 -18.53
CA LEU B 29 -29.13 1.44 -18.02
C LEU B 29 -29.71 2.28 -19.14
N PRO B 30 -30.94 2.74 -18.99
CA PRO B 30 -31.49 3.67 -19.98
C PRO B 30 -30.74 4.99 -19.94
N ASN B 31 -30.16 5.36 -21.06
CA ASN B 31 -29.37 6.58 -21.12
C ASN B 31 -27.90 6.45 -20.64
N LEU B 32 -27.43 5.22 -20.40
CA LEU B 32 -26.09 4.99 -19.97
C LEU B 32 -25.44 3.86 -20.70
N TYR B 33 -24.39 4.13 -21.44
CA TYR B 33 -23.71 3.10 -22.21
C TYR B 33 -22.30 2.91 -21.72
N LEU B 34 -21.78 1.71 -21.87
CA LEU B 34 -20.40 1.46 -21.48
C LEU B 34 -19.66 0.88 -22.67
N GLY B 35 -18.54 1.49 -23.02
CA GLY B 35 -17.82 1.10 -24.23
C GLY B 35 -16.33 1.39 -24.28
N CYS B 36 -15.77 1.28 -25.47
CA CYS B 36 -14.34 1.49 -25.67
C CYS B 36 -14.10 2.67 -26.62
N GLN B 37 -12.84 3.00 -26.91
CA GLN B 37 -12.60 4.19 -27.71
C GLN B 37 -13.01 4.01 -29.17
N ARG B 38 -12.90 2.79 -29.68
CA ARG B 38 -13.36 2.51 -31.03
C ARG B 38 -14.86 2.81 -31.13
N ASP B 39 -15.58 2.64 -30.02
CA ASP B 39 -17.01 2.97 -29.99
C ASP B 39 -17.22 4.47 -30.15
N VAL B 40 -16.52 5.31 -29.37
CA VAL B 40 -16.73 6.77 -29.48
C VAL B 40 -16.30 7.28 -30.83
N LEU B 41 -15.23 6.70 -31.38
CA LEU B 41 -14.70 7.23 -32.63
C LEU B 41 -15.56 6.84 -33.81
N ASN B 42 -16.50 5.93 -33.60
CA ASN B 42 -17.40 5.50 -34.65
C ASN B 42 -18.62 6.42 -34.76
N LYS B 43 -18.55 7.42 -35.65
CA LYS B 43 -19.64 8.38 -35.85
C LYS B 43 -21.01 7.71 -35.93
N GLU B 44 -21.13 6.78 -36.87
CA GLU B 44 -22.37 6.08 -37.16
C GLU B 44 -23.05 5.41 -35.95
N LEU B 45 -22.35 4.46 -35.33
CA LEU B 45 -22.84 3.78 -34.13
C LEU B 45 -23.30 4.78 -33.06
N MET B 46 -22.48 5.82 -32.88
CA MET B 46 -22.74 6.88 -31.92
C MET B 46 -24.04 7.61 -32.27
N GLN B 47 -24.31 7.76 -33.56
CA GLN B 47 -25.49 8.52 -33.96
C GLN B 47 -26.71 7.65 -33.74
N GLN B 48 -26.58 6.34 -33.98
CA GLN B 48 -27.69 5.40 -33.76
C GLN B 48 -28.12 5.23 -32.30
N ASN B 49 -27.18 5.16 -31.37
CA ASN B 49 -27.55 5.05 -29.95
C ASN B 49 -28.02 6.32 -29.29
N GLY B 50 -27.48 7.44 -29.71
CA GLY B 50 -27.97 8.70 -29.22
C GLY B 50 -27.00 9.35 -28.31
N ILE B 51 -25.78 8.86 -28.43
CA ILE B 51 -24.74 9.27 -27.56
C ILE B 51 -24.57 10.76 -27.73
N GLY B 52 -25.10 11.41 -26.72
CA GLY B 52 -24.89 12.78 -26.42
C GLY B 52 -23.73 13.03 -25.46
N TYR B 53 -23.41 12.17 -24.47
CA TYR B 53 -22.33 12.71 -23.64
C TYR B 53 -21.15 11.74 -23.61
N VAL B 54 -20.00 12.16 -23.12
CA VAL B 54 -18.87 11.28 -23.06
C VAL B 54 -18.12 11.43 -21.79
N LEU B 55 -17.90 10.34 -21.07
CA LEU B 55 -17.02 10.33 -19.94
C LEU B 55 -15.88 9.51 -20.39
N ASN B 56 -14.78 10.18 -20.68
CA ASN B 56 -13.54 9.56 -21.06
C ASN B 56 -12.66 9.28 -19.85
N ALA B 57 -12.30 8.02 -19.66
CA ALA B 57 -11.56 7.60 -18.49
C ALA B 57 -10.09 7.25 -18.77
N SER B 58 -9.48 7.92 -19.74
CA SER B 58 -8.10 7.63 -20.10
C SER B 58 -7.33 8.91 -20.39
N ASN B 59 -6.00 8.84 -20.32
CA ASN B 59 -5.20 9.99 -20.57
C ASN B 59 -4.94 10.13 -22.06
N THR B 60 -5.12 9.04 -22.78
CA THR B 60 -4.68 8.94 -24.15
C THR B 60 -5.76 8.91 -25.17
N CYS B 61 -6.99 8.60 -24.77
CA CYS B 61 -8.07 8.43 -25.74
C CYS B 61 -8.68 9.79 -26.03
N PRO B 62 -8.72 10.20 -27.30
CA PRO B 62 -9.14 11.58 -27.50
C PRO B 62 -10.61 11.72 -27.62
N LYS B 63 -11.10 12.95 -27.42
CA LYS B 63 -12.52 13.23 -27.53
C LYS B 63 -12.88 13.08 -28.99
N PRO B 64 -14.10 12.59 -29.25
CA PRO B 64 -14.57 12.38 -30.62
C PRO B 64 -14.79 13.76 -31.18
N ASP B 65 -14.30 13.99 -32.40
CA ASP B 65 -14.38 15.29 -33.03
C ASP B 65 -15.76 15.89 -32.85
N PHE B 66 -16.75 15.02 -32.70
CA PHE B 66 -18.12 15.48 -32.48
C PHE B 66 -18.81 15.49 -31.10
N ILE B 67 -18.14 15.95 -30.05
CA ILE B 67 -18.86 16.14 -28.79
C ILE B 67 -18.57 17.50 -28.17
N PRO B 68 -19.59 18.32 -27.91
CA PRO B 68 -19.25 19.62 -27.30
C PRO B 68 -18.42 19.42 -26.07
N GLU B 69 -17.33 20.15 -25.92
CA GLU B 69 -16.58 20.15 -24.69
C GLU B 69 -17.42 20.01 -23.45
N SER B 70 -18.50 20.76 -23.32
CA SER B 70 -19.27 20.82 -22.07
C SER B 70 -20.01 19.51 -21.82
N HIS B 71 -20.19 18.80 -22.90
CA HIS B 71 -20.87 17.53 -22.90
C HIS B 71 -19.94 16.37 -22.67
N PHE B 72 -18.78 16.67 -22.12
CA PHE B 72 -17.74 15.69 -22.04
C PHE B 72 -16.88 15.89 -20.83
N LEU B 73 -16.05 14.91 -20.55
CA LEU B 73 -15.40 14.85 -19.28
C LEU B 73 -14.32 13.86 -19.53
N ARG B 74 -13.13 14.11 -19.02
CA ARG B 74 -12.04 13.19 -19.10
C ARG B 74 -11.93 12.85 -17.64
N VAL B 75 -11.56 11.62 -17.32
CA VAL B 75 -11.21 11.26 -15.96
C VAL B 75 -9.86 10.70 -16.23
N PRO B 76 -8.82 11.48 -16.00
CA PRO B 76 -7.49 11.19 -16.53
C PRO B 76 -6.75 10.12 -15.76
N VAL B 77 -7.07 8.87 -16.00
CA VAL B 77 -6.52 7.84 -15.18
C VAL B 77 -5.90 6.82 -16.06
N ASN B 78 -4.93 6.12 -15.56
CA ASN B 78 -4.37 4.98 -16.27
C ASN B 78 -4.91 3.69 -15.72
N ASP B 79 -4.74 2.63 -16.48
CA ASP B 79 -5.15 1.31 -16.05
C ASP B 79 -3.99 0.61 -15.37
N SER B 80 -3.87 0.85 -14.06
CA SER B 80 -2.71 0.38 -13.34
C SER B 80 -3.02 0.05 -11.90
N PHE B 81 -2.02 -0.41 -11.15
CA PHE B 81 -2.27 -0.85 -9.79
C PHE B 81 -2.01 0.30 -8.82
N CYS B 82 -1.40 1.37 -9.31
CA CYS B 82 -1.03 2.48 -8.45
C CYS B 82 -1.92 3.70 -8.65
N GLU B 83 -2.71 3.67 -9.71
CA GLU B 83 -3.63 4.74 -10.04
C GLU B 83 -4.75 4.86 -8.99
N LYS B 84 -5.18 6.08 -8.69
CA LYS B 84 -6.30 6.30 -7.78
C LYS B 84 -7.51 6.80 -8.55
N ILE B 85 -8.53 5.95 -8.64
CA ILE B 85 -9.77 6.30 -9.33
C ILE B 85 -10.90 6.46 -8.33
N LEU B 86 -10.58 6.62 -7.08
CA LEU B 86 -11.59 6.78 -6.07
C LEU B 86 -11.94 8.23 -5.88
N PRO B 87 -10.96 9.09 -5.99
CA PRO B 87 -11.22 10.50 -5.81
C PRO B 87 -11.91 11.15 -6.98
N TRP B 88 -12.12 10.41 -8.05
CA TRP B 88 -12.87 10.94 -9.17
C TRP B 88 -14.20 10.35 -9.22
N LEU B 89 -14.59 9.60 -8.22
CA LEU B 89 -15.89 8.93 -8.26
C LEU B 89 -17.01 9.93 -8.16
N ASP B 90 -17.10 10.63 -7.06
CA ASP B 90 -18.17 11.62 -6.91
C ASP B 90 -18.40 12.44 -8.17
N LYS B 91 -17.34 13.12 -8.61
CA LYS B 91 -17.38 13.86 -9.87
C LYS B 91 -18.09 13.02 -10.94
N SER B 92 -17.58 11.81 -11.17
CA SER B 92 -18.09 10.91 -12.20
C SER B 92 -19.60 10.68 -12.09
N VAL B 93 -20.09 10.33 -10.90
CA VAL B 93 -21.51 9.98 -10.85
C VAL B 93 -22.36 11.22 -11.17
N ASP B 94 -21.89 12.38 -10.68
CA ASP B 94 -22.64 13.62 -10.89
C ASP B 94 -22.75 13.86 -12.38
N PHE B 95 -21.63 13.67 -13.06
CA PHE B 95 -21.60 13.94 -14.49
C PHE B 95 -22.59 13.04 -15.20
N ILE B 96 -22.72 11.80 -14.74
CA ILE B 96 -23.68 10.89 -15.36
C ILE B 96 -25.08 11.38 -14.98
N GLU B 97 -25.27 11.68 -13.69
CA GLU B 97 -26.59 12.14 -13.23
C GLU B 97 -27.02 13.38 -13.98
N LYS B 98 -26.11 14.35 -14.07
CA LYS B 98 -26.39 15.61 -14.74
C LYS B 98 -26.88 15.32 -16.13
N ALA B 99 -26.19 14.40 -16.82
CA ALA B 99 -26.54 14.17 -18.21
C ALA B 99 -27.88 13.43 -18.38
N LYS B 100 -28.32 12.74 -17.34
CA LYS B 100 -29.65 12.12 -17.42
C LYS B 100 -30.70 13.16 -17.09
N ALA B 101 -30.32 14.20 -16.38
CA ALA B 101 -31.28 15.24 -16.07
C ALA B 101 -31.71 16.06 -17.27
N SER B 102 -30.78 16.40 -18.12
CA SER B 102 -31.07 17.05 -19.38
C SER B 102 -31.70 16.06 -20.36
N ASN B 103 -31.97 14.85 -19.90
CA ASN B 103 -32.47 13.75 -20.74
C ASN B 103 -31.51 13.36 -21.85
N GLY B 104 -30.23 13.26 -21.53
CA GLY B 104 -29.17 12.92 -22.44
C GLY B 104 -28.73 11.49 -22.24
N CYS B 105 -27.93 11.00 -23.16
CA CYS B 105 -27.51 9.62 -23.12
C CYS B 105 -26.00 9.65 -22.98
N VAL B 106 -25.48 8.96 -21.98
CA VAL B 106 -24.05 9.00 -21.67
C VAL B 106 -23.30 7.75 -22.05
N LEU B 107 -22.18 7.93 -22.73
CA LEU B 107 -21.26 6.83 -22.94
C LEU B 107 -20.06 7.02 -22.04
N VAL B 108 -19.85 6.06 -21.15
CA VAL B 108 -18.66 5.97 -20.34
C VAL B 108 -17.71 5.02 -20.98
N HIS B 109 -16.54 5.47 -21.35
CA HIS B 109 -15.59 4.61 -22.01
C HIS B 109 -14.16 4.90 -21.57
N CYS B 110 -13.26 4.02 -21.98
CA CYS B 110 -11.82 4.19 -21.92
C CYS B 110 -11.30 3.39 -23.09
N LEU B 111 -10.03 3.09 -23.13
CA LEU B 111 -9.50 2.41 -24.29
C LEU B 111 -10.23 1.16 -24.68
N ALA B 112 -10.53 0.28 -23.74
CA ALA B 112 -11.17 -0.97 -24.07
C ALA B 112 -12.52 -1.25 -23.45
N GLY B 113 -12.89 -0.50 -22.44
CA GLY B 113 -14.12 -0.75 -21.74
C GLY B 113 -14.03 -2.02 -20.97
N ILE B 114 -12.87 -2.31 -20.43
CA ILE B 114 -12.70 -3.55 -19.69
C ILE B 114 -12.39 -3.25 -18.23
N SER B 115 -11.55 -2.25 -17.98
CA SER B 115 -11.10 -1.95 -16.61
C SER B 115 -11.49 -0.56 -16.04
N ARG B 116 -10.98 0.51 -16.63
CA ARG B 116 -11.24 1.85 -16.07
C ARG B 116 -12.72 2.30 -16.12
N SER B 117 -13.29 2.26 -17.32
CA SER B 117 -14.65 2.71 -17.54
C SER B 117 -15.64 1.79 -16.84
N ALA B 118 -15.32 0.50 -16.81
CA ALA B 118 -16.18 -0.48 -16.16
C ALA B 118 -16.22 -0.17 -14.68
N THR B 119 -15.10 0.34 -14.15
CA THR B 119 -15.02 0.69 -12.74
C THR B 119 -15.92 1.89 -12.44
N ILE B 120 -15.96 2.85 -13.33
CA ILE B 120 -16.81 3.99 -13.11
C ILE B 120 -18.28 3.65 -13.27
N ALA B 121 -18.60 2.83 -14.25
CA ALA B 121 -19.95 2.34 -14.41
C ALA B 121 -20.45 1.60 -13.20
N ILE B 122 -19.61 0.81 -12.56
CA ILE B 122 -20.02 0.01 -11.43
C ILE B 122 -20.28 0.89 -10.22
N ALA B 123 -19.44 1.87 -10.03
CA ALA B 123 -19.62 2.84 -8.97
C ALA B 123 -20.95 3.52 -9.15
N TYR B 124 -21.26 3.88 -10.37
CA TYR B 124 -22.52 4.48 -10.65
C TYR B 124 -23.67 3.56 -10.33
N ILE B 125 -23.57 2.29 -10.66
CA ILE B 125 -24.57 1.34 -10.31
C ILE B 125 -24.71 1.18 -8.82
N MET B 126 -23.61 1.18 -8.11
CA MET B 126 -23.63 0.97 -6.69
C MET B 126 -24.39 2.07 -5.99
N LYS B 127 -24.17 3.28 -6.44
CA LYS B 127 -24.79 4.44 -5.88
C LYS B 127 -26.26 4.48 -6.21
N ARG B 128 -26.59 4.38 -7.46
CA ARG B 128 -28.00 4.59 -7.80
C ARG B 128 -28.94 3.44 -7.53
N MET B 129 -28.41 2.24 -7.44
CA MET B 129 -29.28 1.10 -7.22
C MET B 129 -29.13 0.55 -5.82
N ASP B 130 -28.38 1.27 -4.98
CA ASP B 130 -28.14 0.87 -3.61
C ASP B 130 -27.61 -0.55 -3.60
N MET B 131 -26.59 -0.79 -4.41
CA MET B 131 -26.02 -2.12 -4.55
C MET B 131 -24.64 -2.17 -3.94
N SER B 132 -24.25 -3.34 -3.46
CA SER B 132 -22.88 -3.53 -3.07
C SER B 132 -22.00 -3.84 -4.30
N LEU B 133 -20.68 -3.78 -4.12
CA LEU B 133 -19.75 -4.12 -5.18
C LEU B 133 -20.09 -5.46 -5.83
N ASP B 134 -20.31 -6.49 -5.02
CA ASP B 134 -20.54 -7.82 -5.58
C ASP B 134 -21.77 -7.85 -6.47
N GLU B 135 -22.84 -7.27 -5.99
CA GLU B 135 -24.10 -7.14 -6.72
C GLU B 135 -23.98 -6.30 -7.99
N ALA B 136 -23.36 -5.12 -7.87
CA ALA B 136 -23.26 -4.19 -9.00
C ALA B 136 -22.32 -4.72 -10.10
N TYR B 137 -21.24 -5.34 -9.67
CA TYR B 137 -20.29 -5.97 -10.56
C TYR B 137 -21.02 -7.01 -11.36
N ARG B 138 -21.79 -7.86 -10.68
CA ARG B 138 -22.55 -8.89 -11.41
C ARG B 138 -23.56 -8.26 -12.38
N PHE B 139 -24.20 -7.17 -11.94
CA PHE B 139 -25.12 -6.46 -12.83
C PHE B 139 -24.44 -6.00 -14.12
N VAL B 140 -23.29 -5.35 -14.03
CA VAL B 140 -22.61 -4.90 -15.23
C VAL B 140 -22.07 -6.08 -16.06
N LYS B 141 -21.41 -7.03 -15.40
CA LYS B 141 -20.86 -8.23 -15.97
C LYS B 141 -21.83 -9.05 -16.82
N GLU B 142 -23.05 -9.24 -16.39
CA GLU B 142 -24.09 -9.89 -17.20
C GLU B 142 -24.40 -9.17 -18.51
N LYS B 143 -24.37 -7.87 -18.50
CA LYS B 143 -24.58 -7.08 -19.70
C LYS B 143 -23.35 -6.94 -20.55
N ARG B 144 -22.19 -6.84 -19.95
CA ARG B 144 -20.95 -6.73 -20.71
C ARG B 144 -19.91 -7.70 -20.23
N PRO B 145 -19.94 -8.92 -20.74
CA PRO B 145 -19.18 -10.04 -20.15
C PRO B 145 -17.64 -9.89 -20.23
N THR B 146 -17.12 -8.96 -21.05
CA THR B 146 -15.68 -8.81 -21.16
C THR B 146 -15.03 -7.93 -20.08
N ILE B 147 -15.82 -7.44 -19.14
CA ILE B 147 -15.30 -6.58 -18.08
C ILE B 147 -14.39 -7.32 -17.10
N SER B 148 -13.23 -6.75 -16.81
CA SER B 148 -12.37 -7.33 -15.80
C SER B 148 -11.51 -6.28 -15.13
N PRO B 149 -12.09 -5.40 -14.32
CA PRO B 149 -11.23 -4.40 -13.67
C PRO B 149 -10.20 -4.98 -12.71
N ASN B 150 -9.03 -4.38 -12.62
CA ASN B 150 -8.01 -4.94 -11.75
C ASN B 150 -8.39 -4.79 -10.26
N PHE B 151 -7.68 -5.51 -9.40
CA PHE B 151 -7.97 -5.56 -7.94
C PHE B 151 -7.66 -4.27 -7.21
N ASN B 152 -6.84 -3.43 -7.84
CA ASN B 152 -6.58 -2.11 -7.27
C ASN B 152 -7.90 -1.32 -7.29
N PHE B 153 -8.50 -1.29 -8.47
CA PHE B 153 -9.77 -0.61 -8.66
C PHE B 153 -10.89 -1.23 -7.80
N LEU B 154 -10.91 -2.55 -7.70
CA LEU B 154 -11.96 -3.23 -6.94
C LEU B 154 -11.81 -2.91 -5.45
N GLY B 155 -10.58 -2.89 -4.96
CA GLY B 155 -10.38 -2.47 -3.58
C GLY B 155 -10.91 -1.07 -3.35
N GLN B 156 -10.63 -0.18 -4.31
CA GLN B 156 -11.14 1.19 -4.19
C GLN B 156 -12.66 1.21 -4.23
N LEU B 157 -13.27 0.36 -5.04
CA LEU B 157 -14.72 0.33 -5.09
C LEU B 157 -15.30 -0.14 -3.75
N LEU B 158 -14.59 -1.00 -3.04
CA LEU B 158 -15.03 -1.42 -1.70
C LEU B 158 -14.96 -0.22 -0.76
N ASP B 159 -13.95 0.60 -0.91
CA ASP B 159 -13.82 1.80 -0.12
C ASP B 159 -14.93 2.76 -0.41
N TYR B 160 -15.36 2.79 -1.65
CA TYR B 160 -16.48 3.63 -2.08
C TYR B 160 -17.81 3.06 -1.52
N GLU B 161 -17.91 1.76 -1.42
CA GLU B 161 -19.07 1.12 -0.85
C GLU B 161 -19.29 1.60 0.53
N LYS B 162 -18.20 1.89 1.23
CA LYS B 162 -18.27 2.37 2.60
C LYS B 162 -18.84 3.79 2.65
N LYS B 163 -18.19 4.70 1.93
CA LYS B 163 -18.62 6.09 1.89
C LYS B 163 -20.13 6.20 1.71
N ILE B 164 -20.65 5.47 0.74
CA ILE B 164 -22.09 5.48 0.45
C ILE B 164 -22.89 5.02 1.66
N ASN C 8 -24.60 38.09 20.11
CA ASN C 8 -25.19 39.41 20.30
C ASN C 8 -24.16 40.57 20.30
N ASN C 9 -23.41 40.72 21.40
CA ASN C 9 -22.55 41.88 21.57
C ASN C 9 -21.08 41.57 21.58
N PHE C 10 -20.43 41.83 20.44
CA PHE C 10 -19.04 41.43 20.22
C PHE C 10 -18.11 42.64 20.18
N TYR C 11 -16.89 42.45 20.66
CA TYR C 11 -15.85 43.43 20.40
C TYR C 11 -14.58 42.68 20.00
N SER C 12 -13.55 43.41 19.61
CA SER C 12 -12.30 42.77 19.21
C SER C 12 -11.08 43.36 19.90
N VAL C 13 -10.08 42.52 20.11
CA VAL C 13 -8.85 42.90 20.79
C VAL C 13 -7.68 42.14 20.19
N GLU C 14 -6.56 42.81 20.10
CA GLU C 14 -5.33 42.19 19.63
C GLU C 14 -4.65 41.42 20.72
N ILE C 15 -4.31 40.17 20.45
CA ILE C 15 -3.67 39.29 21.41
C ILE C 15 -2.52 38.60 20.71
N GLY C 16 -1.37 39.28 20.72
CA GLY C 16 -0.21 38.80 20.01
C GLY C 16 -0.37 39.18 18.56
N ASP C 17 -0.34 38.18 17.69
CA ASP C 17 -0.61 38.39 16.28
C ASP C 17 -2.07 38.12 15.90
N SER C 18 -2.75 37.37 16.76
CA SER C 18 -4.17 37.05 16.55
C SER C 18 -5.10 38.16 17.00
N THR C 19 -6.26 38.21 16.35
CA THR C 19 -7.34 39.09 16.78
C THR C 19 -8.42 38.20 17.39
N PHE C 20 -8.85 38.53 18.60
CA PHE C 20 -9.96 37.84 19.23
C PHE C 20 -11.18 38.72 19.15
N THR C 21 -12.23 38.20 18.52
CA THR C 21 -13.54 38.84 18.52
C THR C 21 -14.49 38.02 19.39
N VAL C 22 -14.83 38.56 20.55
CA VAL C 22 -15.56 37.83 21.57
C VAL C 22 -16.75 38.63 22.08
N LEU C 23 -17.65 37.96 22.79
CA LEU C 23 -18.79 38.63 23.41
C LEU C 23 -18.32 39.65 24.47
N LYS C 24 -19.09 40.72 24.65
CA LYS C 24 -18.77 41.78 25.61
C LYS C 24 -18.65 41.29 27.07
N ARG C 25 -19.28 40.18 27.42
CA ARG C 25 -19.16 39.63 28.78
C ARG C 25 -17.74 39.19 29.14
N TYR C 26 -16.90 38.97 28.15
CA TYR C 26 -15.55 38.48 28.41
C TYR C 26 -14.58 39.65 28.41
N GLN C 27 -14.11 40.01 29.59
CA GLN C 27 -13.36 41.24 29.68
C GLN C 27 -11.88 41.02 29.91
N ASN C 28 -11.10 42.05 29.58
CA ASN C 28 -9.68 42.08 29.87
C ASN C 28 -8.91 40.81 29.47
N LEU C 29 -8.99 40.42 28.19
CA LEU C 29 -8.30 39.22 27.70
C LEU C 29 -6.78 39.35 27.73
N LYS C 30 -6.13 38.27 28.15
CA LYS C 30 -4.67 38.20 28.20
C LYS C 30 -4.27 36.81 27.70
N PRO C 31 -3.25 36.72 26.86
CA PRO C 31 -2.79 35.45 26.30
C PRO C 31 -2.28 34.49 27.37
N ILE C 32 -2.47 33.19 27.15
CA ILE C 32 -1.88 32.16 28.02
C ILE C 32 -1.32 30.94 27.28
N GLY C 33 -1.50 30.89 25.97
CA GLY C 33 -0.99 29.76 25.20
C GLY C 33 -1.43 29.72 23.75
N GLY C 38 -4.79 25.72 18.25
CA GLY C 38 -5.63 26.79 18.78
C GLY C 38 -4.94 27.68 19.79
N ILE C 39 -4.92 28.98 19.52
CA ILE C 39 -4.37 29.94 20.47
C ILE C 39 -5.41 30.19 21.56
N VAL C 40 -4.94 30.37 22.79
CA VAL C 40 -5.83 30.43 23.94
C VAL C 40 -5.54 31.63 24.84
N CYS C 41 -6.57 32.38 25.22
CA CYS C 41 -6.30 33.44 26.16
C CYS C 41 -7.24 33.41 27.35
N ALA C 42 -6.82 33.99 28.45
CA ALA C 42 -7.65 34.04 29.62
C ALA C 42 -8.53 35.29 29.54
N ALA C 43 -9.66 35.28 30.21
CA ALA C 43 -10.53 36.45 30.19
C ALA C 43 -11.35 36.44 31.44
N TYR C 44 -12.05 37.54 31.70
CA TYR C 44 -12.92 37.59 32.86
C TYR C 44 -14.36 37.65 32.42
N ASP C 45 -15.18 36.72 32.92
CA ASP C 45 -16.59 36.67 32.55
C ASP C 45 -17.45 37.47 33.52
N ALA C 46 -17.91 38.64 33.07
CA ALA C 46 -18.64 39.55 33.93
C ALA C 46 -19.92 38.96 34.50
N ILE C 47 -20.40 37.89 33.89
CA ILE C 47 -21.70 37.34 34.25
C ILE C 47 -21.61 36.14 35.20
N LEU C 48 -20.48 35.45 35.14
CA LEU C 48 -20.26 34.27 35.96
C LEU C 48 -19.34 34.71 37.09
N GLU C 49 -18.79 35.90 36.93
CA GLU C 49 -17.88 36.53 37.89
C GLU C 49 -16.71 35.62 38.23
N ARG C 50 -16.03 35.13 37.21
CA ARG C 50 -14.80 34.36 37.39
C ARG C 50 -14.08 34.27 36.06
N ASN C 51 -12.81 33.90 36.11
CA ASN C 51 -12.02 33.80 34.91
C ASN C 51 -12.44 32.62 34.06
N VAL C 52 -12.23 32.74 32.76
CA VAL C 52 -12.56 31.68 31.82
C VAL C 52 -11.38 31.63 30.85
N ALA C 53 -11.25 30.54 30.11
CA ALA C 53 -10.26 30.44 29.04
C ALA C 53 -11.04 30.49 27.74
N ILE C 54 -10.46 31.11 26.73
CA ILE C 54 -11.10 31.19 25.43
C ILE C 54 -10.15 30.68 24.37
N LYS C 55 -10.56 29.62 23.71
CA LYS C 55 -9.80 28.99 22.66
C LYS C 55 -10.36 29.46 21.32
N LYS C 56 -9.49 29.99 20.46
CA LYS C 56 -9.96 30.35 19.13
C LYS C 56 -9.60 29.25 18.14
N LEU C 57 -10.59 28.74 17.44
CA LEU C 57 -10.44 27.85 16.28
C LEU C 57 -10.68 28.68 15.03
N SER C 58 -9.60 29.08 14.34
CA SER C 58 -9.76 29.92 13.15
C SER C 58 -9.79 29.06 11.91
N ARG C 59 -10.87 29.23 11.15
CA ARG C 59 -11.09 28.48 9.91
C ARG C 59 -10.91 26.99 10.10
N PRO C 60 -11.60 26.42 11.09
CA PRO C 60 -11.36 25.02 11.40
C PRO C 60 -11.62 24.06 10.27
N PHE C 61 -12.32 24.56 9.26
CA PHE C 61 -12.66 23.80 8.09
C PHE C 61 -11.79 24.22 6.91
N GLN C 62 -10.58 24.71 7.19
CA GLN C 62 -9.62 25.10 6.17
C GLN C 62 -9.26 23.86 5.34
N ASN C 63 -9.28 22.68 5.94
CA ASN C 63 -9.01 21.48 5.16
C ASN C 63 -9.80 20.45 5.92
N GLN C 64 -9.88 19.24 5.45
CA GLN C 64 -10.86 18.30 6.00
C GLN C 64 -10.52 17.48 7.24
N THR C 65 -9.27 17.45 7.69
CA THR C 65 -8.96 16.77 8.93
C THR C 65 -9.32 17.75 10.00
N HIS C 66 -8.69 18.90 9.94
CA HIS C 66 -9.04 19.92 10.91
C HIS C 66 -10.54 19.96 11.11
N ALA C 67 -11.28 19.91 10.00
CA ALA C 67 -12.73 19.80 10.04
C ALA C 67 -13.23 18.61 10.87
N LYS C 68 -12.77 17.40 10.52
CA LYS C 68 -13.12 16.22 11.32
C LYS C 68 -12.87 16.47 12.80
N ARG C 69 -11.64 16.87 13.12
CA ARG C 69 -11.23 17.06 14.51
C ARG C 69 -11.96 18.16 15.28
N ALA C 70 -12.28 19.24 14.59
CA ALA C 70 -12.99 20.35 15.19
C ALA C 70 -14.42 19.95 15.49
N TYR C 71 -15.03 19.20 14.56
CA TYR C 71 -16.39 18.74 14.74
C TYR C 71 -16.43 17.74 15.90
N ARG C 72 -15.45 16.85 15.93
CA ARG C 72 -15.34 15.85 16.96
C ARG C 72 -15.23 16.52 18.31
N GLU C 73 -14.31 17.47 18.39
CA GLU C 73 -14.09 18.25 19.60
C GLU C 73 -15.36 18.97 20.07
N LEU C 74 -16.12 19.54 19.15
CA LEU C 74 -17.34 20.23 19.57
C LEU C 74 -18.38 19.24 20.12
N VAL C 75 -18.59 18.15 19.39
CA VAL C 75 -19.59 17.16 19.81
C VAL C 75 -19.21 16.55 21.17
N LEU C 76 -17.93 16.20 21.31
CA LEU C 76 -17.44 15.59 22.54
C LEU C 76 -17.46 16.54 23.73
N MET C 77 -17.04 17.80 23.52
CA MET C 77 -17.10 18.82 24.58
C MET C 77 -18.54 18.96 25.08
N LYS C 78 -19.49 18.94 24.16
CA LYS C 78 -20.89 19.19 24.50
C LYS C 78 -21.61 18.01 25.13
N CYS C 79 -21.13 16.83 24.87
CA CYS C 79 -21.87 15.68 25.37
C CYS C 79 -21.27 15.07 26.65
N VAL C 80 -20.01 15.36 26.90
CA VAL C 80 -19.28 14.91 28.10
C VAL C 80 -19.34 15.90 29.27
N ASN C 81 -19.42 15.39 30.49
CA ASN C 81 -19.49 16.21 31.70
C ASN C 81 -18.95 15.42 32.90
N HIS C 82 -17.81 15.85 33.42
CA HIS C 82 -17.17 15.15 34.53
C HIS C 82 -16.20 16.06 35.25
N LYS C 83 -16.08 15.87 36.55
CA LYS C 83 -15.25 16.75 37.38
C LYS C 83 -13.77 16.73 36.98
N ASN C 84 -13.36 15.67 36.29
CA ASN C 84 -11.98 15.55 35.83
C ASN C 84 -11.81 15.80 34.33
N ILE C 85 -12.84 16.34 33.69
CA ILE C 85 -12.78 16.77 32.31
C ILE C 85 -13.09 18.26 32.29
N ILE C 86 -12.26 19.02 31.59
CA ILE C 86 -12.41 20.48 31.56
C ILE C 86 -13.83 20.82 31.14
N GLY C 87 -14.48 21.72 31.88
CA GLY C 87 -15.87 22.02 31.62
C GLY C 87 -16.05 23.06 30.51
N LEU C 88 -17.02 22.80 29.65
CA LEU C 88 -17.41 23.73 28.58
C LEU C 88 -18.37 24.78 29.14
N LEU C 89 -18.06 26.05 28.92
CA LEU C 89 -18.90 27.12 29.42
C LEU C 89 -19.69 27.75 28.30
N ASN C 90 -19.08 27.84 27.11
CA ASN C 90 -19.78 28.50 26.01
C ASN C 90 -19.13 28.17 24.68
N VAL C 91 -19.91 28.29 23.60
CA VAL C 91 -19.37 28.16 22.24
C VAL C 91 -20.02 29.25 21.41
N PHE C 92 -19.25 29.98 20.60
CA PHE C 92 -19.85 31.03 19.79
C PHE C 92 -19.09 31.36 18.52
N THR C 93 -19.77 32.02 17.61
CA THR C 93 -19.14 32.59 16.45
C THR C 93 -19.57 34.03 16.21
N PRO C 94 -18.61 34.92 15.94
CA PRO C 94 -18.97 36.32 15.75
C PRO C 94 -19.62 36.54 14.39
N GLN C 95 -19.44 35.57 13.49
CA GLN C 95 -19.99 35.69 12.15
C GLN C 95 -21.50 35.56 12.15
N LYS C 96 -22.21 36.61 11.78
CA LYS C 96 -23.66 36.59 11.81
C LYS C 96 -24.33 35.71 10.77
N SER C 97 -23.55 35.19 9.86
CA SER C 97 -24.14 34.39 8.79
C SER C 97 -23.52 33.01 8.63
N LEU C 98 -23.99 32.28 7.64
CA LEU C 98 -23.43 30.96 7.29
C LEU C 98 -22.27 31.08 6.30
N GLU C 99 -22.46 31.81 5.23
CA GLU C 99 -21.34 31.86 4.34
C GLU C 99 -20.33 32.67 5.05
N GLU C 100 -20.77 33.71 5.73
CA GLU C 100 -19.85 34.51 6.48
C GLU C 100 -19.10 33.79 7.58
N PHE C 101 -19.53 32.59 7.95
CA PHE C 101 -18.91 31.85 9.04
C PHE C 101 -17.44 31.44 8.90
N GLN C 102 -16.61 31.93 9.79
CA GLN C 102 -15.19 31.76 9.70
C GLN C 102 -14.53 31.18 10.92
N ASP C 103 -15.02 31.53 12.09
CA ASP C 103 -14.30 31.29 13.34
C ASP C 103 -15.18 30.70 14.43
N VAL C 104 -14.61 29.81 15.23
CA VAL C 104 -15.36 29.24 16.34
C VAL C 104 -14.58 29.48 17.64
N TYR C 105 -15.26 30.01 18.65
CA TYR C 105 -14.64 30.22 19.97
C TYR C 105 -15.22 29.26 21.01
N ILE C 106 -14.32 28.57 21.71
CA ILE C 106 -14.72 27.67 22.76
C ILE C 106 -14.30 28.23 24.09
N VAL C 107 -15.25 28.41 25.00
CA VAL C 107 -14.98 28.99 26.29
C VAL C 107 -15.07 27.91 27.34
N MET C 108 -13.99 27.72 28.09
CA MET C 108 -13.93 26.69 29.12
C MET C 108 -13.57 27.26 30.49
N GLU C 109 -13.65 26.42 31.53
CA GLU C 109 -13.13 26.84 32.83
C GLU C 109 -11.62 27.04 32.74
N LEU C 110 -11.08 27.83 33.67
CA LEU C 110 -9.66 28.17 33.66
C LEU C 110 -8.95 27.68 34.90
N MET C 111 -7.98 26.80 34.69
CA MET C 111 -7.19 26.24 35.75
C MET C 111 -5.96 27.12 35.95
N ASP C 112 -5.06 26.71 36.83
CA ASP C 112 -3.88 27.50 37.22
C ASP C 112 -2.54 27.11 36.57
N ALA C 113 -2.37 25.85 36.21
CA ALA C 113 -1.10 25.39 35.62
C ALA C 113 -1.38 24.16 34.76
N ASN C 114 -0.46 23.82 33.87
CA ASN C 114 -0.65 22.55 33.20
C ASN C 114 0.14 21.50 33.99
N LEU C 115 -0.12 20.21 33.74
CA LEU C 115 0.54 19.15 34.51
C LEU C 115 2.07 19.19 34.33
N CYS C 116 2.57 19.71 33.20
CA CYS C 116 4.02 19.86 32.99
C CYS C 116 4.71 20.65 34.10
N GLN C 117 4.17 21.84 34.39
CA GLN C 117 4.73 22.67 35.47
C GLN C 117 4.61 21.96 36.82
N VAL C 118 3.43 21.38 37.08
CA VAL C 118 3.19 20.71 38.37
C VAL C 118 4.15 19.53 38.59
N ILE C 119 4.43 18.76 37.55
CA ILE C 119 5.36 17.65 37.66
C ILE C 119 6.70 18.07 38.25
N GLN C 120 7.13 19.29 37.92
CA GLN C 120 8.46 19.71 38.33
C GLN C 120 8.44 20.37 39.68
N MET C 121 7.29 20.27 40.35
CA MET C 121 7.15 20.84 41.67
C MET C 121 7.39 19.71 42.67
N GLU C 122 7.31 20.08 43.93
CA GLU C 122 7.64 19.22 45.05
C GLU C 122 6.40 18.47 45.49
N LEU C 123 6.19 17.29 44.92
CA LEU C 123 4.97 16.53 45.19
C LEU C 123 5.22 15.34 46.13
N ASP C 124 4.45 15.25 47.20
CA ASP C 124 4.44 14.09 48.10
C ASP C 124 3.53 12.97 47.56
N HIS C 125 3.50 11.84 48.27
CA HIS C 125 2.73 10.66 47.86
C HIS C 125 1.24 10.98 47.74
N GLU C 126 0.76 11.82 48.66
CA GLU C 126 -0.64 12.19 48.70
C GLU C 126 -1.07 12.93 47.44
N ARG C 127 -0.27 13.90 47.05
CA ARG C 127 -0.58 14.65 45.87
C ARG C 127 -0.42 13.89 44.58
N MET C 128 0.63 13.06 44.50
CA MET C 128 0.82 12.24 43.31
C MET C 128 -0.37 11.32 43.16
N SER C 129 -0.69 10.67 44.28
CA SER C 129 -1.82 9.76 44.38
C SER C 129 -3.09 10.43 43.88
N TYR C 130 -3.33 11.64 44.37
CA TYR C 130 -4.57 12.33 44.05
C TYR C 130 -4.63 12.69 42.57
N LEU C 131 -3.53 13.21 42.05
CA LEU C 131 -3.46 13.51 40.60
C LEU C 131 -3.72 12.29 39.70
N LEU C 132 -3.08 11.17 40.03
CA LEU C 132 -3.24 9.94 39.26
C LEU C 132 -4.66 9.40 39.35
N TYR C 133 -5.24 9.45 40.56
CA TYR C 133 -6.61 9.04 40.78
C TYR C 133 -7.57 9.85 39.93
N GLN C 134 -7.38 11.16 39.95
CA GLN C 134 -8.22 12.03 39.15
C GLN C 134 -8.11 11.71 37.65
N MET C 135 -6.87 11.52 37.19
CA MET C 135 -6.63 11.14 35.81
C MET C 135 -7.42 9.89 35.45
N LEU C 136 -7.33 8.90 36.32
CA LEU C 136 -7.98 7.64 36.08
C LEU C 136 -9.51 7.80 36.05
N CYS C 137 -10.07 8.66 36.92
CA CYS C 137 -11.52 8.93 36.86
C CYS C 137 -11.93 9.53 35.52
N GLY C 138 -11.14 10.51 35.06
CA GLY C 138 -11.39 11.15 33.78
C GLY C 138 -11.40 10.11 32.64
N ILE C 139 -10.37 9.27 32.63
CA ILE C 139 -10.27 8.25 31.60
C ILE C 139 -11.43 7.26 31.65
N LYS C 140 -11.83 6.86 32.87
CA LYS C 140 -12.94 5.95 33.07
C LYS C 140 -14.23 6.52 32.47
N HIS C 141 -14.46 7.80 32.73
CA HIS C 141 -15.63 8.47 32.18
C HIS C 141 -15.59 8.48 30.65
N LEU C 142 -14.44 8.86 30.10
CA LEU C 142 -14.28 8.81 28.64
C LEU C 142 -14.60 7.43 28.05
N HIS C 143 -14.03 6.37 28.63
CA HIS C 143 -14.23 5.00 28.16
C HIS C 143 -15.69 4.59 28.25
N SER C 144 -16.34 5.04 29.32
CA SER C 144 -17.76 4.78 29.54
C SER C 144 -18.56 5.38 28.39
N ALA C 145 -18.06 6.49 27.86
CA ALA C 145 -18.73 7.10 26.72
C ALA C 145 -18.18 6.53 25.39
N GLY C 146 -17.35 5.50 25.46
CA GLY C 146 -16.84 4.87 24.26
C GLY C 146 -15.71 5.63 23.63
N ILE C 147 -15.18 6.62 24.35
CA ILE C 147 -14.07 7.45 23.89
C ILE C 147 -12.73 6.91 24.44
N ILE C 148 -11.80 6.63 23.55
CA ILE C 148 -10.48 6.22 23.97
C ILE C 148 -9.74 7.52 23.71
N HIS C 149 -8.72 7.79 24.51
CA HIS C 149 -8.01 9.06 24.44
C HIS C 149 -6.84 8.88 23.49
N ARG C 150 -5.99 7.92 23.80
CA ARG C 150 -4.84 7.60 22.95
C ARG C 150 -3.69 8.60 22.92
N ASP C 151 -3.89 9.80 23.45
CA ASP C 151 -2.82 10.79 23.36
C ASP C 151 -2.73 11.59 24.64
N LEU C 152 -2.85 10.92 25.78
CA LEU C 152 -2.72 11.59 27.06
C LEU C 152 -1.28 11.98 27.33
N LYS C 153 -1.10 13.13 27.84
CA LYS C 153 0.25 13.61 28.05
C LYS C 153 0.30 14.80 29.00
N PRO C 154 1.19 15.10 29.87
CA PRO C 154 1.07 16.22 30.82
C PRO C 154 0.63 17.58 30.28
N SER C 155 0.96 17.89 29.04
CA SER C 155 0.64 19.20 28.49
C SER C 155 -0.84 19.36 28.09
N ASN C 156 -1.60 18.29 27.99
CA ASN C 156 -3.03 18.52 27.76
C ASN C 156 -3.84 18.07 28.98
N ILE C 157 -3.21 18.21 30.15
CA ILE C 157 -3.87 18.00 31.41
C ILE C 157 -3.58 19.24 32.25
N VAL C 158 -4.60 19.86 32.81
CA VAL C 158 -4.37 21.07 33.57
C VAL C 158 -4.79 20.89 35.03
N VAL C 159 -4.21 21.69 35.94
CA VAL C 159 -4.52 21.55 37.35
C VAL C 159 -4.69 22.89 38.13
N LYS C 160 -5.60 22.87 39.11
CA LYS C 160 -5.91 24.01 39.97
C LYS C 160 -4.87 24.12 41.08
N SER C 161 -4.85 25.24 41.78
CA SER C 161 -3.92 25.44 42.88
C SER C 161 -4.13 24.40 43.97
N ASP C 162 -5.37 23.91 44.07
CA ASP C 162 -5.73 22.92 45.10
C ASP C 162 -5.59 21.48 44.70
N CYS C 163 -4.95 21.23 43.56
CA CYS C 163 -4.63 19.87 43.13
C CYS C 163 -5.76 19.19 42.37
N THR C 164 -6.77 19.95 41.97
CA THR C 164 -7.90 19.38 41.23
C THR C 164 -7.34 19.26 39.82
N LEU C 165 -7.67 18.17 39.13
CA LEU C 165 -7.06 17.92 37.83
C LEU C 165 -8.15 17.79 36.77
N LYS C 166 -7.88 18.32 35.58
CA LYS C 166 -8.81 18.16 34.47
C LYS C 166 -8.11 17.82 33.15
N ILE C 167 -8.69 16.89 32.41
CA ILE C 167 -8.20 16.56 31.09
C ILE C 167 -8.80 17.57 30.10
N LEU C 168 -7.99 18.09 29.16
CA LEU C 168 -8.35 19.24 28.32
C LEU C 168 -9.00 18.84 27.01
N ASP C 169 -8.52 17.74 26.43
CA ASP C 169 -9.00 17.37 25.09
C ASP C 169 -9.46 15.91 25.07
N PHE C 170 -9.87 15.44 23.90
CA PHE C 170 -10.43 14.10 23.81
C PHE C 170 -9.61 13.16 22.95
N GLY C 171 -8.42 13.58 22.55
CA GLY C 171 -7.50 12.67 21.90
C GLY C 171 -7.73 12.38 20.44
N LEU C 172 -7.16 11.25 19.99
CA LEU C 172 -7.21 10.76 18.61
C LEU C 172 -8.53 10.02 18.32
N ALA C 173 -8.93 9.98 17.04
CA ALA C 173 -10.19 9.34 16.63
C ALA C 173 -10.27 7.85 16.92
N VAL C 187 6.76 17.12 17.99
CA VAL C 187 5.81 16.08 18.35
C VAL C 187 6.19 15.40 19.66
N THR C 188 5.30 15.47 20.62
CA THR C 188 5.53 14.79 21.87
C THR C 188 4.95 13.39 21.81
N ARG C 189 5.86 12.44 21.68
CA ARG C 189 5.52 11.06 21.48
C ARG C 189 5.81 10.20 22.69
N TYR C 190 6.30 10.79 23.75
CA TYR C 190 6.83 10.02 24.87
C TYR C 190 5.80 9.22 25.66
N TYR C 191 4.52 9.55 25.50
CA TYR C 191 3.48 8.95 26.36
C TYR C 191 2.61 7.96 25.58
N ARG C 192 2.98 7.71 24.33
CA ARG C 192 2.22 6.79 23.50
C ARG C 192 2.56 5.35 23.81
N ALA C 193 1.53 4.52 23.84
CA ALA C 193 1.69 3.10 24.08
C ALA C 193 2.48 2.39 22.97
N PRO C 194 3.13 1.28 23.32
CA PRO C 194 3.81 0.50 22.28
C PRO C 194 2.82 0.08 21.16
N GLU C 195 1.55 -0.23 21.47
CA GLU C 195 0.54 -0.54 20.45
C GLU C 195 0.50 0.48 19.34
N VAL C 196 0.57 1.75 19.71
CA VAL C 196 0.48 2.83 18.74
C VAL C 196 1.72 2.87 17.84
N ILE C 197 2.89 2.66 18.40
CA ILE C 197 4.18 2.71 17.71
C ILE C 197 4.40 1.49 16.85
N LEU C 198 3.87 0.39 17.29
CA LEU C 198 4.07 -0.89 16.60
C LEU C 198 2.92 -1.19 15.64
N GLY C 199 1.98 -0.26 15.52
CA GLY C 199 0.90 -0.40 14.55
C GLY C 199 -0.09 -1.50 14.88
N MET C 200 -0.24 -1.85 16.15
CA MET C 200 -1.16 -2.90 16.53
C MET C 200 -2.55 -2.33 16.81
N GLY C 201 -3.53 -3.22 16.96
CA GLY C 201 -4.81 -2.78 17.47
C GLY C 201 -4.65 -2.39 18.94
N TYR C 202 -5.55 -1.55 19.42
CA TYR C 202 -5.50 -1.11 20.80
C TYR C 202 -6.84 -1.36 21.47
N LYS C 203 -6.86 -1.21 22.79
CA LYS C 203 -8.09 -1.30 23.56
C LYS C 203 -8.05 -0.17 24.59
N GLU C 204 -9.04 -0.12 25.47
CA GLU C 204 -9.07 0.89 26.52
C GLU C 204 -7.76 1.09 27.29
N ASN C 205 -7.12 0.01 27.69
CA ASN C 205 -5.96 0.13 28.54
C ASN C 205 -4.73 0.70 27.83
N VAL C 206 -4.89 1.06 26.54
CA VAL C 206 -3.89 1.87 25.86
C VAL C 206 -3.63 3.16 26.64
N ASP C 207 -4.65 3.78 27.19
CA ASP C 207 -4.53 5.04 27.92
C ASP C 207 -3.80 4.89 29.23
N ILE C 208 -3.84 3.66 29.76
CA ILE C 208 -3.11 3.23 30.92
C ILE C 208 -1.61 3.27 30.74
N TRP C 209 -1.12 2.95 29.55
CA TRP C 209 0.28 3.15 29.33
C TRP C 209 0.67 4.60 29.51
N SER C 210 -0.17 5.52 29.08
CA SER C 210 0.24 6.91 29.18
C SER C 210 0.25 7.29 30.65
N VAL C 211 -0.75 6.82 31.39
CA VAL C 211 -0.82 7.18 32.80
C VAL C 211 0.46 6.70 33.51
N GLY C 212 0.92 5.51 33.13
CA GLY C 212 2.10 4.91 33.70
C GLY C 212 3.30 5.79 33.42
N CYS C 213 3.41 6.27 32.19
CA CYS C 213 4.51 7.13 31.85
C CYS C 213 4.46 8.37 32.73
N ILE C 214 3.27 8.91 32.96
CA ILE C 214 3.16 10.15 33.72
C ILE C 214 3.55 9.84 35.16
N MET C 215 3.08 8.71 35.66
CA MET C 215 3.36 8.39 37.06
C MET C 215 4.88 8.28 37.19
N GLY C 216 5.50 7.60 36.22
CA GLY C 216 6.92 7.33 36.30
C GLY C 216 7.66 8.66 36.35
N GLU C 217 7.19 9.57 35.49
CA GLU C 217 7.83 10.84 35.34
C GLU C 217 7.74 11.58 36.66
N MET C 218 6.56 11.52 37.28
CA MET C 218 6.33 12.25 38.53
C MET C 218 7.30 11.77 39.61
N ILE C 219 7.60 10.48 39.58
CA ILE C 219 8.46 9.92 40.58
C ILE C 219 9.90 10.18 40.19
N LYS C 220 10.26 10.05 38.93
CA LYS C 220 11.64 10.08 38.54
C LYS C 220 12.19 11.49 38.50
N GLY C 221 11.35 12.46 38.15
CA GLY C 221 11.85 13.82 37.95
C GLY C 221 12.26 14.09 36.51
N GLY C 222 11.83 13.23 35.58
CA GLY C 222 12.10 13.39 34.16
C GLY C 222 11.37 12.34 33.34
N VAL C 223 11.22 12.60 32.06
CA VAL C 223 10.51 11.72 31.15
C VAL C 223 11.06 10.28 31.16
N LEU C 224 10.18 9.28 31.21
CA LEU C 224 10.63 7.90 31.17
C LEU C 224 11.25 7.50 29.83
N PHE C 225 10.55 7.77 28.74
CA PHE C 225 11.03 7.33 27.44
C PHE C 225 11.11 8.51 26.48
N PRO C 226 12.13 9.36 26.64
CA PRO C 226 12.22 10.47 25.71
C PRO C 226 12.75 9.93 24.39
N GLY C 227 12.50 10.63 23.30
CA GLY C 227 12.91 10.15 22.01
C GLY C 227 12.42 11.12 20.98
N THR C 228 13.25 11.41 19.99
CA THR C 228 12.87 12.28 18.89
C THR C 228 12.21 11.52 17.72
N ASP C 229 12.15 10.19 17.78
CA ASP C 229 11.48 9.45 16.72
C ASP C 229 11.00 8.08 17.22
N HIS C 230 10.40 7.27 16.36
CA HIS C 230 9.90 5.98 16.82
C HIS C 230 11.04 5.12 17.29
N ILE C 231 12.16 5.16 16.55
CA ILE C 231 13.33 4.35 16.90
C ILE C 231 13.82 4.64 18.30
N ASP C 232 14.10 5.91 18.63
CA ASP C 232 14.60 6.28 19.95
C ASP C 232 13.63 5.85 21.04
N GLN C 233 12.35 6.07 20.84
CA GLN C 233 11.35 5.69 21.79
C GLN C 233 11.32 4.25 22.06
N TRP C 234 11.24 3.48 21.03
CA TRP C 234 11.24 2.02 21.20
C TRP C 234 12.47 1.60 21.98
N ASN C 235 13.64 2.10 21.56
CA ASN C 235 14.89 1.80 22.29
C ASN C 235 14.79 2.10 23.80
N LYS C 236 14.28 3.26 24.17
CA LYS C 236 14.21 3.59 25.59
C LYS C 236 13.30 2.59 26.30
N VAL C 237 12.18 2.31 25.66
CA VAL C 237 11.23 1.39 26.22
C VAL C 237 11.87 0.05 26.49
N ILE C 238 12.52 -0.55 25.49
CA ILE C 238 13.03 -1.90 25.70
C ILE C 238 14.28 -1.96 26.53
N GLU C 239 15.04 -0.87 26.56
CA GLU C 239 16.24 -0.86 27.38
C GLU C 239 15.82 -0.86 28.84
N GLN C 240 14.68 -0.24 29.14
CA GLN C 240 14.22 -0.24 30.52
C GLN C 240 13.34 -1.43 30.92
N LEU C 241 12.40 -1.80 30.07
CA LEU C 241 11.44 -2.84 30.39
C LEU C 241 11.85 -4.21 29.89
N GLY C 242 12.76 -4.26 28.92
CA GLY C 242 13.26 -5.52 28.38
C GLY C 242 12.59 -5.85 27.07
N THR C 243 13.35 -6.44 26.14
CA THR C 243 12.78 -6.90 24.87
C THR C 243 11.63 -7.85 25.17
N PRO C 244 10.44 -7.59 24.60
CA PRO C 244 9.27 -8.44 24.76
C PRO C 244 9.50 -9.90 24.27
N CYS C 245 8.87 -10.85 24.92
CA CYS C 245 9.06 -12.26 24.62
C CYS C 245 8.47 -12.61 23.25
N PRO C 246 8.82 -13.79 22.69
CA PRO C 246 8.33 -14.27 21.39
C PRO C 246 6.81 -14.30 21.24
N GLU C 247 6.12 -14.61 22.33
CA GLU C 247 4.66 -14.62 22.33
C GLU C 247 4.13 -13.27 21.79
N PHE C 248 4.71 -12.17 22.26
CA PHE C 248 4.32 -10.82 21.85
C PHE C 248 4.79 -10.50 20.43
N MET C 249 6.02 -10.92 20.11
CA MET C 249 6.54 -10.66 18.76
C MET C 249 5.60 -11.22 17.69
N LYS C 250 5.04 -12.40 17.96
CA LYS C 250 4.16 -13.03 16.98
C LYS C 250 2.86 -12.24 16.73
N LYS C 251 2.52 -11.30 17.59
CA LYS C 251 1.32 -10.48 17.40
C LYS C 251 1.53 -9.34 16.38
N LEU C 252 2.80 -8.97 16.13
CA LEU C 252 3.12 -7.88 15.24
C LEU C 252 2.99 -8.34 13.78
N GLN C 253 2.55 -7.43 12.91
CA GLN C 253 2.51 -7.68 11.49
C GLN C 253 3.94 -7.91 11.00
N PRO C 254 4.10 -8.63 9.88
CA PRO C 254 5.43 -9.07 9.42
C PRO C 254 6.51 -8.00 9.34
N THR C 255 6.27 -6.86 8.72
CA THR C 255 7.33 -5.86 8.55
C THR C 255 7.81 -5.30 9.89
N VAL C 256 6.86 -4.90 10.72
CA VAL C 256 7.15 -4.39 12.05
C VAL C 256 7.92 -5.42 12.85
N ARG C 257 7.55 -6.68 12.67
CA ARG C 257 8.17 -7.77 13.40
C ARG C 257 9.60 -7.99 12.93
N THR C 258 9.86 -7.88 11.62
CA THR C 258 11.23 -8.05 11.17
C THR C 258 12.07 -6.93 11.75
N TYR C 259 11.53 -5.71 11.78
CA TYR C 259 12.30 -4.62 12.39
C TYR C 259 12.55 -4.77 13.90
N VAL C 260 11.52 -5.10 14.66
CA VAL C 260 11.66 -5.23 16.10
C VAL C 260 12.59 -6.40 16.50
N GLU C 261 12.49 -7.50 15.77
CA GLU C 261 13.32 -8.67 16.09
C GLU C 261 14.77 -8.45 15.64
N ASN C 262 15.00 -7.42 14.84
CA ASN C 262 16.35 -7.08 14.41
C ASN C 262 17.10 -6.21 15.40
N ARG C 263 16.39 -5.76 16.44
CA ARG C 263 17.01 -4.92 17.44
C ARG C 263 17.87 -5.76 18.37
N PRO C 264 18.88 -5.13 18.98
CA PRO C 264 19.66 -5.69 20.08
C PRO C 264 18.73 -6.16 21.17
N LYS C 265 19.11 -7.23 21.85
CA LYS C 265 18.25 -7.80 22.86
C LYS C 265 18.61 -7.11 24.17
N TYR C 266 17.59 -6.87 24.99
CA TYR C 266 17.76 -6.25 26.30
C TYR C 266 17.08 -7.07 27.38
N ALA C 267 17.77 -7.17 28.51
CA ALA C 267 17.24 -7.83 29.68
C ALA C 267 16.24 -6.95 30.42
N GLY C 268 16.51 -5.65 30.45
CA GLY C 268 15.65 -4.76 31.20
C GLY C 268 16.03 -4.71 32.65
N TYR C 269 15.33 -3.89 33.44
CA TYR C 269 15.63 -3.75 34.85
C TYR C 269 14.36 -3.99 35.61
N SER C 270 14.48 -4.53 36.82
CA SER C 270 13.34 -4.73 37.69
C SER C 270 12.78 -3.39 38.15
N PHE C 271 11.53 -3.37 38.58
CA PHE C 271 10.97 -2.10 38.97
C PHE C 271 11.57 -1.54 40.25
N GLU C 272 12.21 -2.39 41.04
CA GLU C 272 12.94 -1.94 42.25
C GLU C 272 14.15 -1.09 41.87
N LYS C 273 14.85 -1.47 40.81
CA LYS C 273 15.99 -0.66 40.39
C LYS C 273 15.60 0.53 39.51
N LEU C 274 14.50 0.41 38.76
CA LEU C 274 14.05 1.56 37.97
C LEU C 274 13.49 2.65 38.89
N PHE C 275 12.82 2.26 39.97
CA PHE C 275 12.19 3.25 40.85
C PHE C 275 12.47 2.99 42.34
N PRO C 276 13.73 3.15 42.75
CA PRO C 276 14.12 2.97 44.16
C PRO C 276 13.55 4.06 45.09
N ASP C 277 13.49 3.75 46.39
CA ASP C 277 12.86 4.63 47.39
C ASP C 277 13.39 6.06 47.40
N VAL C 278 14.65 6.23 47.10
CA VAL C 278 15.25 7.53 47.17
C VAL C 278 14.74 8.52 46.12
N LEU C 279 14.07 8.02 45.10
CA LEU C 279 13.44 8.86 44.09
C LEU C 279 12.26 9.59 44.72
N PHE C 280 11.63 8.89 45.63
CA PHE C 280 10.46 9.36 46.29
C PHE C 280 10.92 10.26 47.37
N PRO C 281 10.17 11.30 47.61
CA PRO C 281 10.35 12.27 48.70
C PRO C 281 10.53 11.78 50.11
N ALA C 282 11.58 12.31 50.69
CA ALA C 282 12.32 11.67 51.73
C ALA C 282 11.75 11.52 53.11
N ASP C 283 10.87 12.43 53.46
CA ASP C 283 10.34 12.46 54.81
C ASP C 283 8.85 12.13 54.80
N SER C 284 8.45 11.41 53.79
CA SER C 284 7.14 10.84 53.74
C SER C 284 7.01 9.91 54.95
N GLU C 285 5.81 9.88 55.52
CA GLU C 285 5.44 9.15 56.73
C GLU C 285 5.60 7.61 56.68
N HIS C 286 5.06 7.01 55.67
CA HIS C 286 5.11 5.59 55.52
C HIS C 286 5.76 5.33 54.17
N ASN C 287 6.90 5.95 53.91
CA ASN C 287 7.48 5.86 52.58
C ASN C 287 7.86 4.49 52.11
N LYS C 288 8.38 3.65 52.95
CA LYS C 288 8.67 2.31 52.53
C LYS C 288 7.48 1.61 51.89
N LEU C 289 6.33 1.65 52.56
CA LEU C 289 5.13 1.01 52.06
C LEU C 289 4.59 1.72 50.82
N LYS C 290 4.43 3.04 50.93
CA LYS C 290 3.90 3.83 49.83
C LYS C 290 4.77 3.71 48.55
N ALA C 291 6.08 3.70 48.72
CA ALA C 291 6.97 3.51 47.57
C ALA C 291 6.74 2.12 46.98
N SER C 292 6.57 1.11 47.82
CA SER C 292 6.34 -0.23 47.26
C SER C 292 4.99 -0.35 46.55
N GLN C 293 3.98 0.35 47.06
CA GLN C 293 2.67 0.37 46.41
C GLN C 293 2.74 1.04 45.04
N ALA C 294 3.44 2.18 44.99
CA ALA C 294 3.66 2.92 43.74
C ALA C 294 4.42 2.07 42.72
N ARG C 295 5.50 1.44 43.18
CA ARG C 295 6.33 0.58 42.35
C ARG C 295 5.49 -0.59 41.80
N ASP C 296 4.58 -1.11 42.60
CA ASP C 296 3.73 -2.20 42.16
C ASP C 296 2.77 -1.78 41.05
N LEU C 297 2.08 -0.67 41.32
CA LEU C 297 1.18 -0.11 40.33
C LEU C 297 1.91 0.16 39.00
N LEU C 298 3.09 0.76 39.11
CA LEU C 298 3.94 1.01 37.94
C LEU C 298 4.24 -0.28 37.20
N SER C 299 4.58 -1.31 37.94
CA SER C 299 4.93 -2.57 37.31
C SER C 299 3.72 -3.16 36.60
N LYS C 300 2.52 -2.68 36.92
CA LYS C 300 1.34 -3.17 36.19
C LYS C 300 0.83 -2.24 35.08
N MET C 301 1.30 -1.01 35.04
CA MET C 301 0.88 -0.09 33.99
C MET C 301 1.87 -0.09 32.83
N LEU C 302 3.16 -0.11 33.14
CA LEU C 302 4.19 -0.13 32.12
C LEU C 302 4.51 -1.55 31.65
N VAL C 303 3.51 -2.17 31.02
CA VAL C 303 3.64 -3.51 30.51
C VAL C 303 3.38 -3.42 29.01
N ILE C 304 4.36 -3.84 28.21
CA ILE C 304 4.34 -3.70 26.77
C ILE C 304 3.17 -4.42 26.15
N ASP C 305 2.98 -5.68 26.52
CA ASP C 305 1.88 -6.49 25.98
C ASP C 305 0.56 -6.04 26.63
N ALA C 306 -0.28 -5.32 25.89
CA ALA C 306 -1.51 -4.73 26.47
C ALA C 306 -2.48 -5.77 27.01
N SER C 307 -2.31 -7.01 26.59
CA SER C 307 -3.22 -8.03 27.06
C SER C 307 -2.84 -8.47 28.47
N LYS C 308 -1.70 -7.96 28.95
CA LYS C 308 -1.24 -8.22 30.32
C LYS C 308 -1.10 -6.95 31.18
N ARG C 309 -1.51 -5.80 30.65
CA ARG C 309 -1.46 -4.51 31.33
C ARG C 309 -2.79 -4.32 32.04
N ILE C 310 -2.79 -3.75 33.24
CA ILE C 310 -4.06 -3.60 33.95
C ILE C 310 -4.99 -2.58 33.27
N SER C 311 -6.28 -2.64 33.58
CA SER C 311 -7.26 -1.69 33.05
C SER C 311 -7.44 -0.52 34.02
N VAL C 312 -8.17 0.52 33.63
CA VAL C 312 -8.36 1.63 34.56
C VAL C 312 -9.17 1.25 35.81
N ASP C 313 -10.12 0.32 35.68
CA ASP C 313 -10.90 -0.17 36.83
C ASP C 313 -10.03 -0.90 37.86
N GLU C 314 -9.13 -1.77 37.42
CA GLU C 314 -8.20 -2.41 38.35
C GLU C 314 -7.21 -1.42 38.95
N ALA C 315 -6.95 -0.33 38.25
CA ALA C 315 -5.97 0.63 38.72
C ALA C 315 -6.60 1.48 39.81
N LEU C 316 -7.89 1.82 39.63
CA LEU C 316 -8.60 2.63 40.61
C LEU C 316 -8.75 1.89 41.93
N GLN C 317 -8.63 0.55 41.88
CA GLN C 317 -8.77 -0.31 43.07
C GLN C 317 -7.44 -0.67 43.72
N HIS C 318 -6.34 -0.28 43.09
CA HIS C 318 -5.01 -0.58 43.59
C HIS C 318 -4.79 0.20 44.89
N PRO C 319 -4.12 -0.41 45.88
CA PRO C 319 -3.90 0.25 47.18
C PRO C 319 -3.35 1.68 47.09
N TYR C 320 -2.53 1.98 46.09
CA TYR C 320 -1.93 3.31 45.99
C TYR C 320 -2.95 4.38 45.62
N ILE C 321 -4.02 3.98 44.94
CA ILE C 321 -4.98 4.91 44.38
C ILE C 321 -6.33 4.87 45.11
N ASN C 322 -6.69 3.70 45.61
CA ASN C 322 -8.05 3.49 46.12
C ASN C 322 -8.45 4.26 47.38
N VAL C 323 -7.48 4.85 48.06
CA VAL C 323 -7.78 5.67 49.23
C VAL C 323 -8.76 6.80 48.92
N TRP C 324 -8.89 7.17 47.65
CA TRP C 324 -9.70 8.34 47.31
C TRP C 324 -11.18 8.00 47.04
N TYR C 325 -11.49 6.71 47.03
CA TYR C 325 -12.86 6.24 46.86
C TYR C 325 -13.69 6.42 48.13
N ASP C 326 -14.87 6.98 47.95
CA ASP C 326 -15.82 7.09 49.01
C ASP C 326 -17.15 6.42 48.71
N PRO C 327 -17.44 5.36 49.42
CA PRO C 327 -18.62 4.51 49.20
C PRO C 327 -19.96 5.22 49.28
N SER C 328 -20.06 6.22 50.13
CA SER C 328 -21.24 7.05 50.24
C SER C 328 -21.41 8.13 49.16
N GLU C 329 -20.34 8.58 48.54
CA GLU C 329 -20.45 9.58 47.48
C GLU C 329 -21.33 9.04 46.38
N ALA C 330 -21.96 9.95 45.64
CA ALA C 330 -22.81 9.56 44.51
C ALA C 330 -22.06 9.28 43.19
N ILE C 349 -16.36 17.42 2.30
CA ILE C 349 -15.96 18.62 1.57
C ILE C 349 -16.19 19.91 2.38
N GLU C 350 -16.99 20.80 1.81
CA GLU C 350 -17.24 22.10 2.42
C GLU C 350 -18.62 22.10 3.06
N GLU C 351 -19.20 20.91 3.18
CA GLU C 351 -20.42 20.77 3.97
C GLU C 351 -20.04 20.72 5.46
N TRP C 352 -18.79 20.40 5.74
CA TRP C 352 -18.30 20.51 7.09
C TRP C 352 -18.73 21.88 7.61
N LYS C 353 -18.44 22.89 6.83
CA LYS C 353 -18.61 24.26 7.29
C LYS C 353 -20.01 24.40 7.91
N GLU C 354 -21.04 23.98 7.17
CA GLU C 354 -22.43 24.06 7.64
C GLU C 354 -22.68 23.09 8.81
N LEU C 355 -21.84 22.05 8.92
CA LEU C 355 -22.02 21.06 9.96
C LEU C 355 -21.51 21.63 11.30
N ILE C 356 -20.24 22.05 11.32
CA ILE C 356 -19.62 22.70 12.45
C ILE C 356 -20.48 23.89 12.86
N TYR C 357 -20.85 24.72 11.88
CA TYR C 357 -21.73 25.87 12.13
C TYR C 357 -23.06 25.44 12.75
N LYS C 358 -23.63 24.32 12.31
CA LYS C 358 -24.88 23.81 12.88
C LYS C 358 -24.65 23.54 14.35
N GLU C 359 -23.46 23.04 14.66
CA GLU C 359 -23.15 22.70 16.03
C GLU C 359 -22.91 23.95 16.88
N VAL C 360 -22.39 25.02 16.28
CA VAL C 360 -22.10 26.22 17.07
C VAL C 360 -23.41 26.95 17.44
N MET C 361 -24.42 26.81 16.59
CA MET C 361 -25.68 27.55 16.75
C MET C 361 -26.80 26.87 17.55
N ASP C 362 -26.57 25.67 18.06
CA ASP C 362 -27.58 25.02 18.90
C ASP C 362 -27.12 24.92 20.35
N GLY D 24 14.11 25.49 5.66
CA GLY D 24 13.64 24.88 4.43
C GLY D 24 14.03 23.43 4.27
N PRO D 25 14.28 22.99 3.03
CA PRO D 25 14.56 21.57 2.82
C PRO D 25 16.00 21.19 3.22
N THR D 26 16.25 19.92 3.50
CA THR D 26 17.58 19.55 3.97
C THR D 26 18.44 18.99 2.84
N ARG D 27 19.62 19.56 2.64
CA ARG D 27 20.62 18.96 1.76
CA ARG D 27 20.60 18.94 1.75
C ARG D 27 21.09 17.65 2.39
N ILE D 28 20.91 16.55 1.70
CA ILE D 28 21.34 15.26 2.17
C ILE D 28 22.66 14.92 1.52
N LEU D 29 22.74 15.24 0.24
CA LEU D 29 23.92 14.96 -0.56
C LEU D 29 23.91 16.00 -1.67
N PRO D 30 25.05 16.17 -2.36
CA PRO D 30 25.09 17.06 -3.51
C PRO D 30 23.88 16.81 -4.43
N ASN D 31 23.09 17.85 -4.63
CA ASN D 31 21.92 17.81 -5.51
C ASN D 31 20.84 16.80 -5.11
N LEU D 32 20.73 16.56 -3.79
CA LEU D 32 19.70 15.71 -3.21
C LEU D 32 19.25 16.30 -1.90
N TYR D 33 18.02 16.81 -1.93
CA TYR D 33 17.36 17.45 -0.81
C TYR D 33 16.15 16.66 -0.31
N LEU D 34 15.86 16.79 0.97
CA LEU D 34 14.73 16.12 1.59
C LEU D 34 13.89 17.17 2.33
N GLY D 35 12.61 17.26 2.00
CA GLY D 35 11.79 18.32 2.54
C GLY D 35 10.30 18.00 2.60
N CYS D 36 9.50 19.04 2.84
CA CYS D 36 8.07 18.86 2.95
C CYS D 36 7.42 19.63 1.80
N GLN D 37 6.10 19.55 1.74
CA GLN D 37 5.36 20.09 0.61
C GLN D 37 5.40 21.61 0.62
N ARG D 38 5.50 22.17 1.82
CA ARG D 38 5.65 23.60 1.94
C ARG D 38 6.94 24.04 1.22
N ASP D 39 7.96 23.21 1.26
CA ASP D 39 9.15 23.48 0.51
C ASP D 39 8.94 23.51 -0.99
N VAL D 40 8.46 22.44 -1.59
CA VAL D 40 8.29 22.36 -3.04
C VAL D 40 7.46 23.48 -3.64
N LEU D 41 6.50 23.96 -2.88
CA LEU D 41 5.60 24.97 -3.32
C LEU D 41 6.16 26.37 -3.29
N ASN D 42 7.30 26.54 -2.61
CA ASN D 42 7.94 27.82 -2.47
C ASN D 42 8.91 28.03 -3.58
N LYS D 43 8.43 28.65 -4.63
CA LYS D 43 9.24 28.93 -5.81
C LYS D 43 10.61 29.48 -5.47
N GLU D 44 10.60 30.50 -4.61
CA GLU D 44 11.80 31.19 -4.18
C GLU D 44 12.85 30.19 -3.67
N LEU D 45 12.50 29.49 -2.59
CA LEU D 45 13.31 28.43 -2.02
C LEU D 45 13.76 27.39 -3.07
N MET D 46 12.86 27.02 -3.96
CA MET D 46 13.19 26.02 -4.98
C MET D 46 14.29 26.51 -5.92
N GLN D 47 14.25 27.79 -6.26
CA GLN D 47 15.24 28.29 -7.21
C GLN D 47 16.56 28.61 -6.52
N GLN D 48 16.49 29.03 -5.25
CA GLN D 48 17.73 29.34 -4.52
C GLN D 48 18.62 28.10 -4.35
N ASN D 49 18.03 26.98 -3.92
CA ASN D 49 18.78 25.72 -3.79
C ASN D 49 19.11 24.98 -5.12
N GLY D 50 18.52 25.43 -6.23
CA GLY D 50 18.82 24.86 -7.53
C GLY D 50 17.89 23.74 -7.97
N ILE D 51 16.92 23.45 -7.12
CA ILE D 51 16.08 22.27 -7.26
C ILE D 51 15.20 22.25 -8.51
N GLY D 52 15.52 21.31 -9.39
CA GLY D 52 14.97 21.20 -10.71
C GLY D 52 14.07 19.98 -10.89
N TYR D 53 14.38 18.91 -10.16
CA TYR D 53 13.57 17.69 -10.22
C TYR D 53 12.81 17.50 -8.92
N VAL D 54 11.66 16.83 -8.99
CA VAL D 54 10.88 16.52 -7.78
C VAL D 54 10.43 15.06 -7.71
N LEU D 55 10.63 14.43 -6.56
CA LEU D 55 10.06 13.15 -6.24
C LEU D 55 9.07 13.35 -5.14
N ASN D 56 7.80 13.20 -5.46
CA ASN D 56 6.74 13.45 -4.55
C ASN D 56 6.18 12.14 -4.05
N ALA D 57 6.26 11.95 -2.75
CA ALA D 57 5.98 10.73 -2.11
C ALA D 57 4.65 10.49 -1.46
N SER D 58 3.65 11.25 -1.93
CA SER D 58 2.28 11.10 -1.45
C SER D 58 1.24 11.12 -2.59
N ASN D 59 -0.02 10.94 -2.22
CA ASN D 59 -1.12 10.93 -3.13
C ASN D 59 -1.79 12.29 -3.30
N THR D 60 -1.59 13.16 -2.32
CA THR D 60 -2.40 14.37 -2.19
C THR D 60 -1.65 15.67 -2.41
N CYS D 61 -0.32 15.62 -2.41
CA CYS D 61 0.46 16.84 -2.59
C CYS D 61 0.63 17.10 -4.08
N PRO D 62 0.27 18.28 -4.50
CA PRO D 62 0.30 18.60 -5.91
C PRO D 62 1.67 18.92 -6.39
N LYS D 63 1.84 18.82 -7.70
CA LYS D 63 3.08 19.08 -8.40
C LYS D 63 3.30 20.54 -8.47
N PRO D 64 4.57 20.95 -8.44
CA PRO D 64 4.93 22.37 -8.59
C PRO D 64 4.59 22.86 -9.98
N ASP D 65 3.61 23.75 -10.08
CA ASP D 65 3.12 24.24 -11.34
C ASP D 65 4.27 24.47 -12.27
N PHE D 66 5.42 24.82 -11.68
CA PHE D 66 6.62 25.17 -12.41
C PHE D 66 7.61 24.05 -12.60
N ILE D 67 7.31 22.84 -12.16
CA ILE D 67 8.18 21.72 -12.45
C ILE D 67 7.62 20.92 -13.63
N PRO D 68 8.48 20.60 -14.56
CA PRO D 68 8.11 19.83 -15.75
C PRO D 68 7.88 18.37 -15.43
N GLU D 69 6.73 17.84 -15.86
CA GLU D 69 6.36 16.46 -15.62
C GLU D 69 7.44 15.50 -16.02
N SER D 70 8.20 15.82 -17.03
CA SER D 70 9.41 15.06 -17.30
C SER D 70 10.38 15.10 -16.13
N HIS D 71 10.29 16.14 -15.30
CA HIS D 71 11.14 16.29 -14.11
C HIS D 71 10.44 15.89 -12.82
N PHE D 72 9.50 14.96 -12.89
CA PHE D 72 8.63 14.68 -11.75
C PHE D 72 8.33 13.19 -11.62
N LEU D 73 8.26 12.71 -10.39
CA LEU D 73 7.95 11.30 -10.15
C LEU D 73 7.14 11.24 -8.87
N ARG D 74 5.92 10.79 -8.98
CA ARG D 74 5.07 10.58 -7.86
C ARG D 74 5.26 9.18 -7.37
N VAL D 75 5.36 9.02 -6.07
CA VAL D 75 5.32 7.71 -5.49
C VAL D 75 4.06 7.70 -4.65
N PRO D 76 2.96 7.22 -5.24
CA PRO D 76 1.61 7.33 -4.70
C PRO D 76 1.56 6.43 -3.48
N VAL D 77 1.82 7.01 -2.32
CA VAL D 77 1.84 6.22 -1.10
C VAL D 77 1.27 7.07 0.03
N ASN D 78 0.56 6.42 0.94
CA ASN D 78 0.11 7.07 2.18
C ASN D 78 1.08 6.76 3.33
N ASP D 79 0.98 7.53 4.41
CA ASP D 79 1.76 7.26 5.60
C ASP D 79 0.99 6.36 6.56
N SER D 80 1.20 5.04 6.46
CA SER D 80 0.41 4.14 7.29
C SER D 80 1.17 2.85 7.61
N PHE D 81 0.53 1.94 8.32
CA PHE D 81 1.19 0.71 8.75
C PHE D 81 0.99 -0.40 7.73
N CYS D 82 0.05 -0.19 6.80
CA CYS D 82 -0.22 -1.17 5.76
C CYS D 82 0.29 -0.72 4.37
N GLU D 83 0.68 0.54 4.23
CA GLU D 83 1.14 1.03 2.94
C GLU D 83 2.45 0.33 2.52
N LYS D 84 2.56 0.07 1.23
CA LYS D 84 3.73 -0.58 0.68
C LYS D 84 4.62 0.38 -0.09
N ILE D 85 5.83 0.63 0.44
CA ILE D 85 6.78 1.53 -0.24
C ILE D 85 7.89 0.74 -0.89
N LEU D 86 8.12 -0.47 -0.43
CA LEU D 86 9.19 -1.30 -0.99
C LEU D 86 9.19 -1.42 -2.53
N PRO D 87 8.04 -1.74 -3.16
CA PRO D 87 8.10 -1.91 -4.62
C PRO D 87 8.34 -0.61 -5.42
N TRP D 88 8.40 0.52 -4.74
CA TRP D 88 8.71 1.80 -5.38
C TRP D 88 10.16 2.21 -5.17
N LEU D 89 10.91 1.43 -4.40
CA LEU D 89 12.25 1.89 -4.04
C LEU D 89 13.21 1.96 -5.27
N ASP D 90 13.33 0.85 -6.02
CA ASP D 90 14.19 0.82 -7.23
C ASP D 90 13.92 2.00 -8.17
N LYS D 91 12.68 2.14 -8.63
CA LYS D 91 12.23 3.29 -9.35
C LYS D 91 12.69 4.59 -8.76
N SER D 92 12.53 4.74 -7.46
CA SER D 92 12.94 5.95 -6.74
C SER D 92 14.45 6.19 -6.93
N VAL D 93 15.28 5.18 -6.67
CA VAL D 93 16.71 5.47 -6.74
C VAL D 93 17.10 5.80 -8.18
N ASP D 94 16.48 5.09 -9.12
CA ASP D 94 16.81 5.30 -10.52
C ASP D 94 16.45 6.74 -10.85
N PHE D 95 15.28 7.18 -10.39
CA PHE D 95 14.84 8.52 -10.69
C PHE D 95 15.81 9.54 -10.08
N ILE D 96 16.32 9.25 -8.88
CA ILE D 96 17.25 10.17 -8.28
C ILE D 96 18.52 10.08 -9.12
N GLU D 97 18.96 8.85 -9.44
CA GLU D 97 20.21 8.71 -10.20
C GLU D 97 20.14 9.41 -11.54
N LYS D 98 19.08 9.17 -12.30
CA LYS D 98 18.91 9.82 -13.58
C LYS D 98 18.97 11.33 -13.42
N ALA D 99 18.37 11.84 -12.35
CA ALA D 99 18.29 13.30 -12.23
C ALA D 99 19.65 13.91 -11.93
N LYS D 100 20.55 13.10 -11.38
CA LYS D 100 21.92 13.57 -11.18
C LYS D 100 22.74 13.41 -12.45
N ALA D 101 22.36 12.44 -13.29
CA ALA D 101 23.10 12.19 -14.52
C ALA D 101 23.11 13.44 -15.36
N SER D 102 21.96 14.09 -15.45
CA SER D 102 21.74 15.33 -16.14
C SER D 102 22.15 16.57 -15.35
N ASN D 103 22.94 16.34 -14.32
CA ASN D 103 23.50 17.39 -13.48
C ASN D 103 22.36 18.18 -12.86
N GLY D 104 21.35 17.46 -12.39
CA GLY D 104 20.18 18.10 -11.82
C GLY D 104 20.11 17.90 -10.32
N CYS D 105 19.21 18.66 -9.70
CA CYS D 105 19.10 18.67 -8.28
C CYS D 105 17.70 18.20 -7.88
N VAL D 106 17.63 17.21 -7.01
CA VAL D 106 16.36 16.60 -6.63
C VAL D 106 15.86 16.97 -5.25
N LEU D 107 14.60 17.35 -5.15
CA LEU D 107 13.97 17.45 -3.85
C LEU D 107 13.07 16.27 -3.72
N VAL D 108 13.37 15.40 -2.76
CA VAL D 108 12.46 14.32 -2.40
C VAL D 108 11.60 14.75 -1.23
N HIS D 109 10.28 14.74 -1.40
CA HIS D 109 9.38 15.19 -0.33
C HIS D 109 8.08 14.42 -0.24
N CYS D 110 7.45 14.48 0.92
CA CYS D 110 6.06 14.08 1.11
C CYS D 110 5.45 15.20 1.94
N LEU D 111 4.27 15.00 2.50
CA LEU D 111 3.64 16.07 3.27
C LEU D 111 4.43 16.79 4.34
N ALA D 112 5.06 16.03 5.23
CA ALA D 112 5.83 16.61 6.32
C ALA D 112 7.33 16.36 6.17
N GLY D 113 7.71 15.44 5.31
CA GLY D 113 9.13 15.16 5.16
C GLY D 113 9.64 14.47 6.41
N ILE D 114 8.77 13.67 7.03
CA ILE D 114 9.10 13.00 8.28
C ILE D 114 9.13 11.49 8.09
N SER D 115 8.18 10.95 7.33
CA SER D 115 8.06 9.50 7.21
C SER D 115 8.27 8.91 5.80
N ARG D 116 7.41 9.21 4.84
CA ARG D 116 7.49 8.59 3.51
C ARG D 116 8.80 8.97 2.72
N SER D 117 9.01 10.28 2.58
CA SER D 117 10.14 10.80 1.83
C SER D 117 11.39 10.43 2.57
N ALA D 118 11.31 10.40 3.89
CA ALA D 118 12.51 10.06 4.67
C ALA D 118 12.89 8.61 4.37
N THR D 119 11.88 7.76 4.17
CA THR D 119 12.10 6.34 3.89
C THR D 119 12.78 6.20 2.54
N ILE D 120 12.33 6.98 1.57
CA ILE D 120 12.97 6.92 0.26
C ILE D 120 14.40 7.45 0.26
N ALA D 121 14.64 8.56 0.95
CA ALA D 121 15.98 9.13 1.03
C ALA D 121 16.92 8.13 1.68
N ILE D 122 16.44 7.49 2.74
CA ILE D 122 17.24 6.45 3.40
C ILE D 122 17.55 5.29 2.44
N ALA D 123 16.55 4.85 1.66
CA ALA D 123 16.80 3.78 0.68
C ALA D 123 17.93 4.18 -0.28
N TYR D 124 17.88 5.43 -0.73
CA TYR D 124 18.90 5.91 -1.64
C TYR D 124 20.28 5.92 -0.97
N ILE D 125 20.35 6.36 0.28
CA ILE D 125 21.64 6.38 0.98
C ILE D 125 22.19 4.96 1.17
N MET D 126 21.31 4.01 1.52
CA MET D 126 21.72 2.61 1.66
C MET D 126 22.28 2.10 0.36
N LYS D 127 21.61 2.42 -0.74
CA LYS D 127 22.05 1.88 -2.02
C LYS D 127 23.38 2.48 -2.48
N ARG D 128 23.47 3.80 -2.46
CA ARG D 128 24.60 4.49 -3.05
C ARG D 128 25.82 4.63 -2.14
N MET D 129 25.60 4.52 -0.83
CA MET D 129 26.73 4.66 0.06
C MET D 129 27.13 3.31 0.65
N ASP D 130 26.48 2.25 0.16
CA ASP D 130 26.72 0.89 0.65
C ASP D 130 26.57 0.83 2.18
N MET D 131 25.47 1.38 2.65
CA MET D 131 25.19 1.47 4.07
C MET D 131 24.04 0.56 4.44
N SER D 132 24.08 0.06 5.67
CA SER D 132 22.94 -0.65 6.22
C SER D 132 21.88 0.37 6.73
N LEU D 133 20.68 -0.11 6.99
CA LEU D 133 19.61 0.74 7.49
C LEU D 133 20.03 1.58 8.69
N ASP D 134 20.66 0.97 9.66
CA ASP D 134 21.16 1.67 10.79
C ASP D 134 22.05 2.81 10.46
N GLU D 135 23.00 2.54 9.60
CA GLU D 135 23.95 3.52 9.17
C GLU D 135 23.29 4.64 8.40
N ALA D 136 22.39 4.28 7.51
CA ALA D 136 21.75 5.24 6.61
C ALA D 136 20.79 6.15 7.35
N TYR D 137 20.07 5.54 8.29
CA TYR D 137 19.12 6.24 9.13
C TYR D 137 19.85 7.28 9.93
N ARG D 138 20.95 6.89 10.57
CA ARG D 138 21.72 7.88 11.34
C ARG D 138 22.28 9.00 10.44
N PHE D 139 22.76 8.62 9.25
CA PHE D 139 23.24 9.62 8.32
C PHE D 139 22.17 10.68 8.00
N VAL D 140 20.97 10.24 7.65
CA VAL D 140 19.91 11.19 7.34
C VAL D 140 19.44 11.98 8.58
N LYS D 141 19.27 11.27 9.70
CA LYS D 141 18.81 11.84 10.97
C LYS D 141 19.68 12.99 11.46
N GLU D 142 20.99 12.84 11.34
CA GLU D 142 21.93 13.91 11.75
C GLU D 142 21.76 15.15 10.89
N LYS D 143 21.28 14.97 9.65
CA LYS D 143 21.01 16.12 8.80
C LYS D 143 19.59 16.65 8.97
N ARG D 144 18.62 15.77 9.19
CA ARG D 144 17.25 16.23 9.34
C ARG D 144 16.67 15.60 10.57
N PRO D 145 16.92 16.21 11.73
CA PRO D 145 16.64 15.58 13.03
C PRO D 145 15.16 15.27 13.27
N THR D 146 14.28 15.85 12.49
CA THR D 146 12.88 15.55 12.60
C THR D 146 12.38 14.26 11.96
N ILE D 147 13.22 13.58 11.20
CA ILE D 147 12.81 12.35 10.51
C ILE D 147 12.49 11.20 11.46
N SER D 148 11.27 10.69 11.37
CA SER D 148 10.84 9.53 12.14
C SER D 148 9.84 8.63 11.41
N PRO D 149 10.35 7.80 10.51
CA PRO D 149 9.49 6.89 9.75
C PRO D 149 8.96 5.76 10.62
N ASN D 150 7.73 5.33 10.35
CA ASN D 150 7.12 4.27 11.11
C ASN D 150 7.82 2.92 10.97
N PHE D 151 7.56 2.03 11.87
CA PHE D 151 8.22 0.72 11.84
C PHE D 151 7.83 -0.17 10.66
N ASN D 152 6.68 0.08 10.04
CA ASN D 152 6.33 -0.66 8.83
C ASN D 152 7.32 -0.37 7.70
N PHE D 153 7.56 0.93 7.51
CA PHE D 153 8.53 1.41 6.53
C PHE D 153 9.95 0.94 6.87
N LEU D 154 10.32 0.90 8.15
CA LEU D 154 11.68 0.50 8.48
C LEU D 154 11.85 -0.99 8.23
N GLY D 155 10.84 -1.79 8.57
CA GLY D 155 10.89 -3.23 8.27
C GLY D 155 11.09 -3.41 6.78
N GLN D 156 10.37 -2.59 5.99
CA GLN D 156 10.55 -2.66 4.55
C GLN D 156 11.96 -2.28 4.09
N LEU D 157 12.58 -1.29 4.74
CA LEU D 157 13.96 -0.92 4.40
C LEU D 157 14.91 -2.06 4.78
N LEU D 158 14.59 -2.81 5.82
CA LEU D 158 15.40 -3.95 6.15
C LEU D 158 15.27 -5.04 5.08
N ASP D 159 14.06 -5.27 4.59
CA ASP D 159 13.92 -6.22 3.47
C ASP D 159 14.71 -5.72 2.26
N TYR D 160 14.72 -4.40 2.05
CA TYR D 160 15.45 -3.81 0.94
C TYR D 160 16.96 -3.96 1.13
N GLU D 161 17.39 -4.01 2.36
CA GLU D 161 18.75 -4.29 2.68
C GLU D 161 19.10 -5.69 2.19
N LYS D 162 18.27 -6.70 2.42
CA LYS D 162 18.62 -8.05 1.94
C LYS D 162 18.61 -8.10 0.44
N LYS D 163 17.53 -7.67 -0.16
CA LYS D 163 17.51 -7.61 -1.61
C LYS D 163 18.78 -7.08 -2.24
N ILE D 164 19.48 -6.18 -1.57
CA ILE D 164 20.66 -5.58 -2.15
C ILE D 164 21.84 -6.55 -2.06
N PHE E 10 37.51 61.02 19.68
CA PHE E 10 38.03 59.89 20.41
C PHE E 10 36.94 59.37 21.35
N TYR E 11 35.73 59.21 20.80
CA TYR E 11 34.49 58.94 21.52
C TYR E 11 34.21 57.64 22.24
N SER E 12 33.16 57.63 23.05
CA SER E 12 32.68 56.39 23.67
C SER E 12 31.46 55.81 23.01
N VAL E 13 30.89 54.79 23.65
CA VAL E 13 29.70 54.13 23.12
C VAL E 13 29.14 53.12 24.11
N ASP E 17 26.47 45.90 26.06
CA ASP E 17 26.68 45.79 27.50
C ASP E 17 28.00 46.45 27.91
N SER E 18 28.95 46.49 26.98
CA SER E 18 30.25 47.09 27.25
C SER E 18 30.46 48.36 26.42
N THR E 19 31.24 49.29 26.96
CA THR E 19 31.51 50.55 26.27
C THR E 19 32.94 50.57 25.73
N PHE E 20 33.07 50.80 24.42
CA PHE E 20 34.32 50.84 23.82
C PHE E 20 34.59 52.31 23.84
N THR E 21 35.83 52.70 24.04
CA THR E 21 36.17 54.12 23.95
C THR E 21 37.20 54.12 22.85
N VAL E 22 36.73 54.36 21.64
CA VAL E 22 37.49 54.06 20.48
C VAL E 22 37.94 55.33 19.78
N LEU E 23 38.83 55.21 18.83
CA LEU E 23 39.29 56.37 18.10
C LEU E 23 38.20 56.85 17.15
N LYS E 24 38.37 58.08 16.70
CA LYS E 24 37.41 58.74 15.82
C LYS E 24 37.35 57.98 14.49
N ARG E 25 38.37 57.20 14.18
CA ARG E 25 38.38 56.52 12.90
C ARG E 25 37.46 55.33 12.84
N TYR E 26 36.99 54.87 13.98
CA TYR E 26 36.16 53.70 13.99
C TYR E 26 34.67 53.92 14.18
N GLN E 27 33.98 53.99 13.05
CA GLN E 27 32.56 54.28 13.04
C GLN E 27 31.68 53.06 12.82
N ASN E 28 30.48 53.14 13.34
CA ASN E 28 29.45 52.16 13.09
C ASN E 28 29.69 50.78 13.62
N LEU E 29 30.14 50.72 14.85
CA LEU E 29 30.39 49.46 15.49
C LEU E 29 29.22 48.55 15.60
N LYS E 30 29.45 47.25 15.42
CA LYS E 30 28.38 46.27 15.63
C LYS E 30 29.02 44.99 16.12
N PRO E 31 28.70 44.54 17.33
CA PRO E 31 29.51 43.42 17.84
C PRO E 31 29.31 42.16 17.05
N ILE E 32 30.31 41.31 17.04
CA ILE E 32 30.22 40.10 16.29
C ILE E 32 30.84 38.97 17.08
N GLY E 33 31.26 39.28 18.28
CA GLY E 33 31.88 38.33 19.18
C GLY E 33 30.99 37.13 19.45
N ILE E 39 32.66 39.95 22.40
CA ILE E 39 33.72 40.79 22.95
C ILE E 39 34.46 41.56 21.88
N VAL E 40 33.83 41.69 20.73
CA VAL E 40 34.51 42.20 19.57
C VAL E 40 33.56 42.78 18.57
N CYS E 41 33.75 44.03 18.20
CA CYS E 41 32.86 44.67 17.27
C CYS E 41 33.43 44.66 15.90
N ALA E 42 32.60 44.95 14.92
CA ALA E 42 33.05 45.23 13.60
C ALA E 42 32.83 46.69 13.43
N ALA E 43 33.60 47.35 12.60
CA ALA E 43 33.54 48.77 12.54
C ALA E 43 34.08 49.18 11.25
N TYR E 44 33.83 50.42 10.89
CA TYR E 44 34.41 50.96 9.70
C TYR E 44 35.45 51.97 10.05
N ASP E 45 36.62 51.79 9.47
CA ASP E 45 37.76 52.59 9.76
C ASP E 45 37.72 53.60 8.70
N ALA E 46 37.19 54.77 9.04
CA ALA E 46 37.10 55.87 8.12
C ALA E 46 38.39 56.28 7.45
N ILE E 47 39.42 56.54 8.25
CA ILE E 47 40.72 56.91 7.76
C ILE E 47 41.32 55.80 6.92
N LEU E 48 40.98 54.57 7.22
CA LEU E 48 41.57 53.46 6.54
C LEU E 48 40.66 52.95 5.46
N GLU E 49 39.38 53.31 5.52
CA GLU E 49 38.49 52.97 4.42
C GLU E 49 38.29 51.47 4.23
N ARG E 50 38.05 50.77 5.31
CA ARG E 50 37.68 49.41 5.17
C ARG E 50 37.22 48.86 6.45
N ASN E 51 36.75 47.64 6.42
CA ASN E 51 36.18 47.10 7.61
C ASN E 51 37.23 46.49 8.44
N VAL E 52 37.09 46.70 9.72
CA VAL E 52 38.03 46.15 10.66
C VAL E 52 37.30 45.48 11.77
N ALA E 53 38.06 44.75 12.58
CA ALA E 53 37.54 44.17 13.79
C ALA E 53 38.27 44.77 14.96
N ILE E 54 37.58 44.97 16.07
CA ILE E 54 38.17 45.61 17.23
C ILE E 54 37.91 44.78 18.47
N LYS E 55 38.91 44.09 18.95
CA LYS E 55 38.79 43.23 20.10
C LYS E 55 38.94 44.02 21.36
N LYS E 56 38.01 43.87 22.30
CA LYS E 56 38.07 44.64 23.53
C LYS E 56 38.80 43.88 24.64
N LEU E 57 39.95 44.41 25.07
CA LEU E 57 40.67 43.79 26.13
C LEU E 57 40.29 44.50 27.40
N SER E 58 39.29 43.94 28.05
CA SER E 58 38.70 44.50 29.25
C SER E 58 39.17 43.67 30.42
N ARG E 59 39.15 44.31 31.58
CA ARG E 59 39.54 43.67 32.80
C ARG E 59 40.74 42.83 32.51
N PRO E 60 41.85 43.49 32.25
CA PRO E 60 43.12 42.80 31.95
C PRO E 60 43.56 41.72 32.94
N PHE E 61 43.52 42.02 34.23
CA PHE E 61 44.13 41.16 35.27
C PHE E 61 43.36 40.13 36.10
N GLN E 62 42.18 39.72 35.62
CA GLN E 62 41.31 38.81 36.36
C GLN E 62 41.97 37.50 36.65
N ASN E 63 43.06 37.24 35.95
CA ASN E 63 43.94 36.12 36.23
C ASN E 63 45.25 36.37 35.53
N GLN E 64 46.35 35.88 36.09
CA GLN E 64 47.58 35.80 35.33
C GLN E 64 47.44 34.70 34.29
N THR E 65 46.19 34.31 34.07
CA THR E 65 45.82 33.46 32.95
C THR E 65 45.44 34.37 31.78
N HIS E 66 45.37 35.68 32.05
CA HIS E 66 45.05 36.62 31.02
C HIS E 66 46.14 37.56 30.65
N ALA E 67 47.04 37.76 31.59
CA ALA E 67 48.19 38.61 31.32
C ALA E 67 49.03 37.75 30.40
N LYS E 68 49.34 36.55 30.86
CA LYS E 68 50.06 35.63 30.03
C LYS E 68 49.38 35.52 28.67
N ARG E 69 48.17 35.19 28.69
CA ARG E 69 47.47 34.92 27.47
C ARG E 69 47.19 36.20 26.72
N ALA E 70 47.01 37.27 27.47
CA ALA E 70 46.79 38.54 26.85
C ALA E 70 48.09 39.12 26.33
N TYR E 71 49.21 38.74 26.93
CA TYR E 71 50.47 39.33 26.55
C TYR E 71 51.03 38.55 25.38
N ARG E 72 50.82 37.32 25.47
CA ARG E 72 51.29 36.45 24.43
C ARG E 72 50.69 36.90 23.14
N GLU E 73 49.39 37.12 23.21
CA GLU E 73 48.63 37.57 22.07
C GLU E 73 49.18 38.88 21.46
N LEU E 74 49.57 39.86 22.28
CA LEU E 74 50.07 41.12 21.74
C LEU E 74 51.40 40.95 21.03
N VAL E 75 52.29 40.18 21.64
CA VAL E 75 53.59 39.91 21.02
C VAL E 75 53.42 39.15 19.70
N LEU E 76 52.57 38.14 19.70
CA LEU E 76 52.36 37.33 18.51
C LEU E 76 51.66 38.11 17.39
N MET E 77 50.64 38.88 17.74
CA MET E 77 49.95 39.73 16.76
C MET E 77 50.95 40.72 16.16
N LYS E 78 51.87 41.24 16.97
CA LYS E 78 52.82 42.20 16.41
C LYS E 78 53.86 41.56 15.51
N CYS E 79 54.31 40.35 15.85
CA CYS E 79 55.45 39.81 15.13
C CYS E 79 55.07 38.79 14.04
N VAL E 80 53.87 38.24 14.11
CA VAL E 80 53.47 37.27 13.08
C VAL E 80 53.00 38.05 11.85
N ASN E 81 53.36 37.53 10.69
CA ASN E 81 53.10 38.20 9.43
C ASN E 81 52.99 37.19 8.30
N HIS E 82 51.77 36.93 7.89
CA HIS E 82 51.55 35.98 6.84
C HIS E 82 50.24 36.25 6.19
N LYS E 83 50.16 35.97 4.92
CA LYS E 83 48.98 36.16 4.13
C LYS E 83 47.80 35.33 4.63
N ASN E 84 48.09 34.23 5.28
CA ASN E 84 47.06 33.33 5.80
C ASN E 84 46.85 33.45 7.33
N ILE E 85 47.37 34.53 7.91
CA ILE E 85 47.11 34.85 9.30
C ILE E 85 46.51 36.25 9.39
N ILE E 86 45.47 36.43 10.19
CA ILE E 86 44.80 37.71 10.29
C ILE E 86 45.80 38.80 10.69
N GLY E 87 45.74 39.92 9.96
CA GLY E 87 46.67 41.01 10.18
C GLY E 87 46.27 41.97 11.29
N LEU E 88 47.24 42.39 12.08
CA LEU E 88 47.05 43.39 13.12
C LEU E 88 47.11 44.77 12.48
N LEU E 89 46.13 45.63 12.75
CA LEU E 89 46.10 46.93 12.11
C LEU E 89 46.48 48.02 13.10
N ASN E 90 46.06 47.86 14.34
CA ASN E 90 46.34 48.89 15.33
C ASN E 90 46.19 48.33 16.72
N VAL E 91 46.81 48.98 17.70
CA VAL E 91 46.62 48.62 19.10
C VAL E 91 46.54 49.93 19.85
N PHE E 92 45.60 50.00 20.77
CA PHE E 92 45.39 51.21 21.55
C PHE E 92 44.74 51.05 22.91
N THR E 93 44.98 52.03 23.76
CA THR E 93 44.38 52.14 25.09
C THR E 93 44.12 53.61 25.36
N PRO E 94 42.86 54.00 25.41
CA PRO E 94 42.48 55.41 25.46
C PRO E 94 43.00 56.14 26.69
N GLN E 95 43.29 55.42 27.77
CA GLN E 95 43.87 56.05 28.95
C GLN E 95 45.13 56.82 28.55
N LYS E 96 45.13 58.12 28.77
CA LYS E 96 46.24 58.95 28.33
C LYS E 96 47.63 58.76 28.96
N SER E 97 47.66 58.44 30.26
CA SER E 97 48.91 58.17 30.98
C SER E 97 48.91 56.82 31.69
N LEU E 98 50.09 56.35 32.07
CA LEU E 98 50.26 55.00 32.61
C LEU E 98 49.38 54.67 33.82
N GLU E 99 49.46 55.49 34.86
CA GLU E 99 48.85 55.19 36.14
C GLU E 99 47.46 54.57 36.01
N GLU E 100 46.57 55.33 35.40
CA GLU E 100 45.16 54.96 35.35
C GLU E 100 44.81 54.00 34.22
N PHE E 101 45.74 53.73 33.32
CA PHE E 101 45.43 52.93 32.13
C PHE E 101 44.98 51.49 32.38
N GLN E 102 43.74 51.20 31.98
CA GLN E 102 43.19 49.87 32.17
C GLN E 102 42.45 49.29 30.96
N ASP E 103 42.66 49.86 29.77
CA ASP E 103 42.01 49.27 28.60
C ASP E 103 42.94 49.14 27.40
N VAL E 104 42.69 48.11 26.60
CA VAL E 104 43.53 47.76 25.45
C VAL E 104 42.67 47.23 24.32
N TYR E 105 42.70 47.93 23.19
CA TYR E 105 41.95 47.49 22.04
C TYR E 105 42.85 47.01 20.91
N ILE E 106 42.49 45.90 20.32
CA ILE E 106 43.26 45.37 19.19
C ILE E 106 42.44 45.46 17.90
N VAL E 107 42.99 46.11 16.89
CA VAL E 107 42.30 46.31 15.63
C VAL E 107 42.92 45.44 14.55
N MET E 108 42.08 44.60 13.95
CA MET E 108 42.47 43.66 12.90
C MET E 108 41.69 43.88 11.62
N GLU E 109 42.16 43.30 10.53
CA GLU E 109 41.39 43.34 9.30
C GLU E 109 40.16 42.45 9.44
N LEU E 110 39.14 42.72 8.64
CA LEU E 110 37.93 41.93 8.71
C LEU E 110 37.56 41.42 7.32
N MET E 111 37.44 40.10 7.22
CA MET E 111 37.13 39.47 5.96
C MET E 111 35.62 39.42 5.79
N ASP E 112 35.18 38.75 4.73
CA ASP E 112 33.76 38.66 4.37
C ASP E 112 32.92 37.60 5.09
N ALA E 113 33.50 36.45 5.36
CA ALA E 113 32.75 35.38 6.01
C ALA E 113 33.66 34.48 6.82
N ASN E 114 33.10 33.74 7.76
CA ASN E 114 33.88 32.72 8.45
C ASN E 114 33.67 31.36 7.78
N LEU E 115 34.54 30.40 8.07
CA LEU E 115 34.52 29.10 7.42
C LEU E 115 33.21 28.35 7.63
N CYS E 116 32.50 28.65 8.71
CA CYS E 116 31.21 28.01 8.94
C CYS E 116 30.27 28.24 7.77
N GLN E 117 30.11 29.52 7.40
CA GLN E 117 29.23 29.92 6.32
C GLN E 117 29.67 29.29 5.02
N VAL E 118 30.98 29.34 4.77
CA VAL E 118 31.54 28.77 3.57
C VAL E 118 31.31 27.25 3.43
N ILE E 119 31.42 26.52 4.51
CA ILE E 119 31.17 25.10 4.47
C ILE E 119 29.76 24.81 3.99
N GLN E 120 28.85 25.73 4.25
CA GLN E 120 27.46 25.51 3.98
C GLN E 120 27.18 25.69 2.50
N MET E 121 28.19 26.06 1.76
CA MET E 121 28.04 26.26 0.33
C MET E 121 28.39 24.99 -0.41
N GLU E 122 28.11 24.93 -1.69
CA GLU E 122 28.52 23.77 -2.45
C GLU E 122 29.97 24.05 -2.77
N LEU E 123 30.87 23.18 -2.37
CA LEU E 123 32.28 23.42 -2.55
C LEU E 123 32.92 22.33 -3.42
N ASP E 124 33.33 22.66 -4.62
CA ASP E 124 33.99 21.69 -5.46
C ASP E 124 35.37 21.32 -4.97
N HIS E 125 36.02 20.44 -5.67
CA HIS E 125 37.34 20.03 -5.28
C HIS E 125 38.36 21.16 -5.30
N GLU E 126 38.28 22.03 -6.30
CA GLU E 126 39.24 23.11 -6.46
C GLU E 126 39.26 23.99 -5.21
N ARG E 127 38.06 24.43 -4.79
CA ARG E 127 37.94 25.33 -3.65
C ARG E 127 38.25 24.65 -2.32
N MET E 128 37.82 23.40 -2.16
CA MET E 128 38.12 22.70 -0.90
C MET E 128 39.63 22.56 -0.77
N SER E 129 40.23 22.08 -1.85
CA SER E 129 41.66 21.90 -1.94
C SER E 129 42.39 23.18 -1.59
N TYR E 130 41.94 24.28 -2.18
CA TYR E 130 42.60 25.57 -2.02
C TYR E 130 42.48 26.10 -0.58
N LEU E 131 41.27 26.01 -0.03
CA LEU E 131 41.07 26.38 1.36
C LEU E 131 41.96 25.57 2.31
N LEU E 132 42.03 24.25 2.10
CA LEU E 132 42.85 23.38 2.95
C LEU E 132 44.35 23.70 2.82
N TYR E 133 44.78 23.96 1.59
CA TYR E 133 46.17 24.30 1.35
C TYR E 133 46.57 25.58 2.07
N GLN E 134 45.72 26.59 1.97
CA GLN E 134 45.93 27.85 2.69
C GLN E 134 45.98 27.63 4.20
N MET E 135 45.03 26.83 4.69
CA MET E 135 44.97 26.50 6.10
C MET E 135 46.33 25.95 6.54
N LEU E 136 46.83 25.00 5.76
CA LEU E 136 48.10 24.36 6.06
C LEU E 136 49.29 25.33 6.00
N CYS E 137 49.27 26.27 5.06
CA CYS E 137 50.28 27.31 5.02
C CYS E 137 50.31 28.18 6.30
N GLY E 138 49.13 28.61 6.74
CA GLY E 138 49.02 29.43 7.93
C GLY E 138 49.61 28.71 9.12
N ILE E 139 49.13 27.47 9.30
CA ILE E 139 49.58 26.63 10.41
C ILE E 139 51.07 26.37 10.35
N LYS E 140 51.61 26.10 9.16
CA LYS E 140 53.06 25.91 9.01
C LYS E 140 53.83 27.14 9.46
N HIS E 141 53.35 28.32 9.07
CA HIS E 141 53.98 29.57 9.48
C HIS E 141 54.00 29.74 11.00
N LEU E 142 52.86 29.54 11.64
CA LEU E 142 52.80 29.56 13.10
C LEU E 142 53.80 28.59 13.70
N HIS E 143 53.80 27.36 13.21
CA HIS E 143 54.71 26.36 13.73
C HIS E 143 56.17 26.79 13.61
N SER E 144 56.50 27.51 12.53
CA SER E 144 57.88 27.95 12.36
C SER E 144 58.42 28.76 13.52
N ALA E 145 57.55 29.47 14.22
CA ALA E 145 57.95 30.22 15.41
C ALA E 145 57.65 29.46 16.71
N GLY E 146 57.24 28.21 16.62
CA GLY E 146 56.93 27.43 17.81
C GLY E 146 55.54 27.68 18.38
N ILE E 147 54.71 28.36 17.60
CA ILE E 147 53.36 28.63 18.03
C ILE E 147 52.51 27.47 17.55
N ILE E 148 51.89 26.78 18.50
CA ILE E 148 50.97 25.72 18.18
C ILE E 148 49.61 26.23 18.57
N HIS E 149 48.68 26.19 17.64
CA HIS E 149 47.38 26.80 17.85
C HIS E 149 46.61 26.03 18.92
N ARG E 150 46.33 24.75 18.62
CA ARG E 150 45.63 23.81 19.52
C ARG E 150 44.09 23.99 19.62
N ASP E 151 43.51 24.96 18.91
CA ASP E 151 42.08 25.20 19.01
C ASP E 151 41.65 25.79 17.65
N LEU E 152 41.90 25.06 16.57
CA LEU E 152 41.48 25.49 15.26
C LEU E 152 40.05 25.01 15.06
N LYS E 153 39.20 25.89 14.57
CA LYS E 153 37.82 25.52 14.31
C LYS E 153 37.29 26.46 13.25
N PRO E 154 36.20 26.07 12.56
CA PRO E 154 35.71 26.89 11.46
C PRO E 154 35.35 28.30 11.87
N SER E 155 34.99 28.55 13.13
CA SER E 155 34.54 29.89 13.52
C SER E 155 35.70 30.87 13.71
N ASN E 156 36.92 30.36 13.86
CA ASN E 156 38.05 31.27 13.91
C ASN E 156 38.95 31.11 12.70
N ILE E 157 38.30 30.82 11.57
CA ILE E 157 38.93 30.89 10.28
C ILE E 157 38.01 31.70 9.37
N VAL E 158 38.54 32.73 8.73
CA VAL E 158 37.71 33.58 7.89
C VAL E 158 38.18 33.58 6.43
N VAL E 159 37.27 33.90 5.52
CA VAL E 159 37.63 33.91 4.10
C VAL E 159 37.05 35.08 3.30
N LYS E 160 37.83 35.55 2.33
CA LYS E 160 37.39 36.59 1.41
C LYS E 160 36.63 35.99 0.23
N SER E 161 36.01 36.84 -0.58
CA SER E 161 35.27 36.44 -1.77
C SER E 161 36.12 35.84 -2.85
N ASP E 162 37.39 36.16 -2.85
CA ASP E 162 38.29 35.63 -3.83
C ASP E 162 38.89 34.33 -3.36
N CYS E 163 38.41 33.85 -2.24
CA CYS E 163 38.83 32.58 -1.68
C CYS E 163 40.10 32.59 -0.86
N THR E 164 40.52 33.76 -0.46
CA THR E 164 41.66 33.87 0.44
C THR E 164 41.25 33.58 1.84
N LEU E 165 42.15 32.95 2.56
CA LEU E 165 41.85 32.44 3.87
C LEU E 165 42.82 32.93 4.94
N LYS E 166 42.27 33.31 6.06
CA LYS E 166 43.07 33.77 7.17
C LYS E 166 42.61 33.14 8.48
N ILE E 167 43.59 32.73 9.29
CA ILE E 167 43.36 32.18 10.62
C ILE E 167 43.30 33.29 11.66
N LEU E 168 42.36 33.23 12.62
CA LEU E 168 42.05 34.40 13.46
C LEU E 168 42.85 34.59 14.75
N ASP E 169 43.10 33.52 15.48
CA ASP E 169 43.78 33.65 16.78
C ASP E 169 44.93 32.66 16.90
N PHE E 170 45.55 32.62 18.07
CA PHE E 170 46.72 31.76 18.26
C PHE E 170 46.43 30.65 19.28
N GLY E 171 45.15 30.50 19.64
CA GLY E 171 44.71 29.36 20.44
C GLY E 171 44.94 29.42 21.94
N THR E 188 32.55 25.18 21.00
CA THR E 188 32.61 24.03 20.10
C THR E 188 33.84 23.17 20.41
N ARG E 189 33.60 21.91 20.78
CA ARG E 189 34.67 20.96 21.11
C ARG E 189 35.00 19.97 19.98
N TYR E 190 34.27 20.06 18.87
CA TYR E 190 34.30 19.02 17.83
C TYR E 190 35.61 18.84 17.10
N TYR E 191 36.49 19.84 17.18
CA TYR E 191 37.70 19.87 16.36
C TYR E 191 38.97 19.63 17.16
N ARG E 192 38.78 19.32 18.44
CA ARG E 192 39.91 19.06 19.30
C ARG E 192 40.46 17.67 19.09
N ALA E 193 41.79 17.59 19.06
CA ALA E 193 42.47 16.32 18.91
C ALA E 193 42.22 15.43 20.14
N PRO E 194 42.32 14.11 19.95
CA PRO E 194 42.27 13.17 21.08
C PRO E 194 43.26 13.49 22.21
N GLU E 195 44.46 13.95 21.87
CA GLU E 195 45.46 14.35 22.87
C GLU E 195 44.88 15.36 23.84
N VAL E 196 44.11 16.30 23.30
CA VAL E 196 43.49 17.33 24.11
C VAL E 196 42.40 16.75 25.00
N ILE E 197 41.52 15.90 24.44
CA ILE E 197 40.45 15.38 25.27
C ILE E 197 40.97 14.30 26.24
N LEU E 198 42.08 13.66 25.90
CA LEU E 198 42.64 12.63 26.78
C LEU E 198 43.70 13.16 27.72
N GLY E 199 43.95 14.46 27.66
CA GLY E 199 44.90 15.09 28.57
C GLY E 199 46.37 14.72 28.39
N MET E 200 46.74 14.34 27.16
CA MET E 200 48.11 13.91 26.89
C MET E 200 49.01 15.09 26.55
N GLY E 201 50.31 14.82 26.41
CA GLY E 201 51.20 15.78 25.78
C GLY E 201 50.85 15.78 24.30
N TYR E 202 51.14 16.87 23.62
CA TYR E 202 50.86 16.98 22.18
C TYR E 202 52.13 17.34 21.41
N LYS E 203 52.00 17.62 20.11
CA LYS E 203 53.09 18.19 19.34
C LYS E 203 52.40 19.01 18.23
N GLU E 204 53.17 19.54 17.29
CA GLU E 204 52.60 20.38 16.23
C GLU E 204 51.38 19.78 15.51
N ASN E 205 51.47 18.49 15.21
CA ASN E 205 50.45 17.84 14.42
C ASN E 205 49.10 17.67 15.16
N VAL E 206 49.03 18.14 16.41
CA VAL E 206 47.75 18.35 17.09
C VAL E 206 46.84 19.18 16.19
N ASP E 207 47.42 20.09 15.39
CA ASP E 207 46.64 20.96 14.49
C ASP E 207 46.12 20.22 13.23
N ILE E 208 46.82 19.21 12.76
CA ILE E 208 46.39 18.44 11.63
C ILE E 208 45.12 17.67 11.90
N TRP E 209 44.92 17.28 13.13
CA TRP E 209 43.65 16.65 13.44
C TRP E 209 42.56 17.67 13.14
N SER E 210 42.75 18.93 13.57
CA SER E 210 41.66 19.89 13.38
C SER E 210 41.39 20.06 11.90
N VAL E 211 42.47 20.11 11.10
CA VAL E 211 42.29 20.31 9.66
C VAL E 211 41.46 19.17 9.09
N GLY E 212 41.72 17.94 9.57
CA GLY E 212 41.00 16.76 9.13
C GLY E 212 39.53 16.93 9.44
N CYS E 213 39.21 17.36 10.66
CA CYS E 213 37.81 17.54 11.05
C CYS E 213 37.17 18.53 10.13
N ILE E 214 37.92 19.56 9.75
CA ILE E 214 37.33 20.60 8.92
C ILE E 214 37.14 20.02 7.52
N MET E 215 38.15 19.32 7.04
CA MET E 215 38.08 18.74 5.68
C MET E 215 36.90 17.76 5.58
N GLY E 216 36.79 16.88 6.57
CA GLY E 216 35.76 15.88 6.60
C GLY E 216 34.43 16.59 6.56
N GLU E 217 34.33 17.67 7.33
CA GLU E 217 33.05 18.38 7.46
C GLU E 217 32.68 18.97 6.10
N MET E 218 33.70 19.53 5.43
CA MET E 218 33.51 20.21 4.15
C MET E 218 32.93 19.20 3.16
N ILE E 219 33.37 17.94 3.29
CA ILE E 219 32.97 16.89 2.35
C ILE E 219 31.65 16.30 2.80
N LYS E 220 31.50 16.14 4.11
CA LYS E 220 30.40 15.35 4.62
C LYS E 220 29.12 16.16 4.59
N GLY E 221 29.20 17.45 4.86
CA GLY E 221 28.02 18.28 4.97
C GLY E 221 27.51 18.39 6.40
N GLY E 222 28.38 18.03 7.35
CA GLY E 222 28.06 18.11 8.76
C GLY E 222 29.28 17.77 9.61
N VAL E 223 29.21 18.14 10.88
CA VAL E 223 30.28 17.89 11.82
C VAL E 223 30.66 16.38 11.85
N LEU E 224 31.94 16.06 11.76
CA LEU E 224 32.36 14.66 11.87
C LEU E 224 32.13 14.13 13.29
N PHE E 225 32.54 14.88 14.31
CA PHE E 225 32.43 14.41 15.67
C PHE E 225 31.63 15.35 16.57
N PRO E 226 30.30 15.29 16.45
CA PRO E 226 29.43 16.07 17.34
C PRO E 226 29.29 15.35 18.67
N GLY E 227 28.98 16.13 19.71
CA GLY E 227 28.82 15.59 21.04
C GLY E 227 28.58 16.74 21.97
N THR E 228 27.67 16.53 22.91
CA THR E 228 27.40 17.56 23.90
C THR E 228 28.38 17.48 25.05
N ASP E 229 29.17 16.42 25.12
CA ASP E 229 30.19 16.29 26.16
C ASP E 229 31.36 15.43 25.69
N HIS E 230 32.36 15.21 26.55
CA HIS E 230 33.54 14.45 26.18
C HIS E 230 33.20 13.00 25.83
N ILE E 231 32.29 12.41 26.59
CA ILE E 231 31.87 11.04 26.33
C ILE E 231 31.31 10.88 24.92
N ASP E 232 30.34 11.73 24.54
CA ASP E 232 29.70 11.64 23.22
C ASP E 232 30.75 11.80 22.14
N GLN E 233 31.61 12.81 22.31
CA GLN E 233 32.63 13.10 21.33
C GLN E 233 33.56 11.91 21.10
N TRP E 234 34.11 11.38 22.20
CA TRP E 234 34.96 10.21 22.14
C TRP E 234 34.24 9.03 21.48
N ASN E 235 32.97 8.80 21.85
CA ASN E 235 32.17 7.76 21.19
C ASN E 235 32.14 7.93 19.66
N LYS E 236 31.89 9.15 19.18
CA LYS E 236 31.86 9.38 17.74
C LYS E 236 33.21 9.06 17.13
N VAL E 237 34.26 9.53 17.80
CA VAL E 237 35.61 9.26 17.34
C VAL E 237 35.86 7.75 17.19
N ILE E 238 35.68 6.97 18.27
CA ILE E 238 36.03 5.55 18.22
C ILE E 238 35.06 4.68 17.41
N GLU E 239 33.82 5.10 17.28
CA GLU E 239 32.88 4.33 16.50
C GLU E 239 33.19 4.51 15.03
N GLN E 240 33.78 5.66 14.70
CA GLN E 240 34.13 5.85 13.30
C GLN E 240 35.52 5.31 12.94
N LEU E 241 36.51 5.58 13.78
CA LEU E 241 37.92 5.24 13.55
C LEU E 241 38.41 3.95 14.22
N GLY E 242 37.67 3.47 15.22
CA GLY E 242 38.05 2.24 15.90
C GLY E 242 38.69 2.53 17.23
N THR E 243 38.46 1.66 18.19
CA THR E 243 39.13 1.78 19.48
C THR E 243 40.65 1.72 19.28
N PRO E 244 41.39 2.72 19.81
CA PRO E 244 42.85 2.65 19.69
C PRO E 244 43.37 1.32 20.25
N CYS E 245 44.43 0.79 19.63
CA CYS E 245 45.02 -0.48 20.01
C CYS E 245 45.78 -0.33 21.33
N PRO E 246 46.13 -1.46 21.99
CA PRO E 246 46.80 -1.41 23.30
C PRO E 246 48.09 -0.55 23.34
N GLU E 247 48.83 -0.55 22.25
CA GLU E 247 50.02 0.28 22.16
C GLU E 247 49.69 1.74 22.45
N PHE E 248 48.56 2.23 21.95
CA PHE E 248 48.21 3.61 22.24
C PHE E 248 47.70 3.81 23.68
N MET E 249 46.87 2.89 24.16
CA MET E 249 46.32 2.96 25.53
C MET E 249 47.40 3.09 26.57
N LYS E 250 48.53 2.42 26.37
CA LYS E 250 49.62 2.48 27.37
C LYS E 250 50.18 3.90 27.51
N LYS E 251 49.85 4.80 26.58
CA LYS E 251 50.33 6.18 26.65
C LYS E 251 49.52 7.12 27.57
N LEU E 252 48.30 6.72 27.91
CA LEU E 252 47.44 7.57 28.70
C LEU E 252 47.80 7.52 30.18
N GLN E 253 47.59 8.62 30.89
CA GLN E 253 47.73 8.62 32.35
C GLN E 253 46.73 7.60 32.89
N PRO E 254 46.99 7.05 34.08
CA PRO E 254 46.17 5.94 34.62
C PRO E 254 44.64 6.16 34.64
N THR E 255 44.16 7.30 35.13
CA THR E 255 42.72 7.53 35.29
C THR E 255 42.00 7.53 33.93
N VAL E 256 42.54 8.32 33.01
CA VAL E 256 42.03 8.42 31.67
C VAL E 256 42.05 7.06 31.01
N ARG E 257 43.09 6.29 31.28
CA ARG E 257 43.24 4.99 30.64
C ARG E 257 42.23 3.97 31.13
N THR E 258 41.96 3.97 32.44
CA THR E 258 40.97 3.02 32.94
C THR E 258 39.61 3.36 32.36
N TYR E 259 39.31 4.66 32.28
CA TYR E 259 38.01 5.03 31.69
C TYR E 259 37.88 4.63 30.23
N VAL E 260 38.89 4.97 29.44
CA VAL E 260 38.88 4.71 28.00
C VAL E 260 38.89 3.20 27.69
N GLU E 261 39.62 2.44 28.49
CA GLU E 261 39.67 0.99 28.28
C GLU E 261 38.41 0.32 28.76
N ASN E 262 37.60 1.07 29.51
CA ASN E 262 36.31 0.54 29.92
C ASN E 262 35.19 0.75 28.88
N ARG E 263 35.45 1.49 27.80
CA ARG E 263 34.41 1.72 26.79
C ARG E 263 34.16 0.46 25.94
N PRO E 264 32.95 0.31 25.38
CA PRO E 264 32.63 -0.72 24.38
C PRO E 264 33.67 -0.68 23.28
N LYS E 265 34.04 -1.83 22.71
CA LYS E 265 35.12 -1.87 21.74
C LYS E 265 34.58 -1.78 20.32
N TYR E 266 35.24 -1.02 19.45
CA TYR E 266 34.79 -0.86 18.07
C TYR E 266 35.91 -1.04 17.04
N ALA E 267 35.58 -1.67 15.92
CA ALA E 267 36.58 -1.83 14.86
C ALA E 267 36.73 -0.54 14.05
N GLY E 268 35.66 0.22 13.90
CA GLY E 268 35.74 1.40 13.07
C GLY E 268 35.48 1.05 11.60
N TYR E 269 35.55 2.06 10.72
CA TYR E 269 35.22 1.87 9.32
C TYR E 269 36.39 2.26 8.44
N SER E 270 36.52 1.65 7.27
CA SER E 270 37.53 2.14 6.32
C SER E 270 37.12 3.53 5.85
N PHE E 271 38.10 4.30 5.38
CA PHE E 271 37.79 5.66 4.93
C PHE E 271 36.97 5.63 3.62
N GLU E 272 36.99 4.49 2.95
CA GLU E 272 36.12 4.30 1.81
C GLU E 272 34.65 4.31 2.21
N LYS E 273 34.36 3.77 3.37
CA LYS E 273 33.03 3.74 3.86
C LYS E 273 32.63 5.01 4.56
N LEU E 274 33.56 5.65 5.20
CA LEU E 274 33.34 6.95 5.86
C LEU E 274 33.18 8.11 4.86
N PHE E 275 33.91 8.07 3.74
CA PHE E 275 33.84 9.15 2.77
C PHE E 275 33.69 8.60 1.34
N PRO E 276 32.52 7.99 1.04
CA PRO E 276 32.28 7.39 -0.27
C PRO E 276 32.13 8.44 -1.35
N ASP E 277 32.38 8.08 -2.61
CA ASP E 277 32.47 9.06 -3.69
C ASP E 277 31.26 9.99 -3.80
N VAL E 278 30.09 9.46 -3.50
CA VAL E 278 28.86 10.20 -3.60
C VAL E 278 28.71 11.39 -2.66
N LEU E 279 29.48 11.42 -1.59
CA LEU E 279 29.53 12.56 -0.73
C LEU E 279 30.17 13.72 -1.43
N PHE E 280 31.05 13.46 -2.36
CA PHE E 280 31.82 14.54 -2.94
C PHE E 280 31.08 15.29 -4.02
N PRO E 281 31.21 16.58 -4.03
CA PRO E 281 30.53 17.40 -5.01
C PRO E 281 31.14 17.25 -6.39
N ALA E 282 30.34 17.24 -7.43
CA ALA E 282 30.86 17.01 -8.75
C ALA E 282 30.65 18.19 -9.68
N ASP E 283 31.76 18.66 -10.24
CA ASP E 283 31.73 19.78 -11.18
C ASP E 283 31.29 19.24 -12.54
N SER E 284 30.11 18.64 -12.57
CA SER E 284 29.59 18.05 -13.80
C SER E 284 30.43 16.87 -14.30
N GLU E 285 31.46 16.53 -13.53
CA GLU E 285 32.35 15.43 -13.89
C GLU E 285 32.53 14.84 -12.50
N HIS E 286 32.24 13.55 -12.36
CA HIS E 286 32.37 12.87 -11.08
C HIS E 286 33.80 12.38 -11.14
N ASN E 287 34.66 12.98 -10.31
CA ASN E 287 36.04 12.60 -10.26
C ASN E 287 36.41 11.64 -9.18
N LYS E 288 36.66 10.43 -9.58
CA LYS E 288 36.96 9.39 -8.61
C LYS E 288 38.36 9.61 -8.05
N LEU E 289 39.26 10.15 -8.87
CA LEU E 289 40.63 10.32 -8.44
C LEU E 289 40.72 11.33 -7.33
N LYS E 290 40.07 12.48 -7.52
CA LYS E 290 40.09 13.51 -6.52
C LYS E 290 39.43 13.04 -5.21
N ALA E 291 38.36 12.26 -5.32
CA ALA E 291 37.69 11.71 -4.14
C ALA E 291 38.65 10.77 -3.42
N SER E 292 39.39 9.97 -4.20
CA SER E 292 40.33 9.04 -3.61
C SER E 292 41.56 9.73 -2.94
N GLN E 293 42.02 10.83 -3.53
CA GLN E 293 43.10 11.61 -2.93
C GLN E 293 42.64 12.24 -1.64
N ALA E 294 41.45 12.82 -1.65
CA ALA E 294 40.85 13.39 -0.45
C ALA E 294 40.71 12.34 0.67
N ARG E 295 40.17 11.17 0.33
CA ARG E 295 40.02 10.07 1.31
C ARG E 295 41.38 9.69 1.88
N ASP E 296 42.40 9.68 1.03
CA ASP E 296 43.74 9.32 1.48
C ASP E 296 44.36 10.32 2.47
N LEU E 297 44.32 11.61 2.11
CA LEU E 297 44.76 12.67 3.01
C LEU E 297 43.99 12.62 4.35
N LEU E 298 42.67 12.50 4.24
CA LEU E 298 41.83 12.37 5.42
C LEU E 298 42.29 11.18 6.24
N SER E 299 42.60 10.06 5.58
CA SER E 299 43.02 8.84 6.30
C SER E 299 44.37 9.01 6.98
N LYS E 300 45.13 10.01 6.56
CA LYS E 300 46.39 10.26 7.25
C LYS E 300 46.35 11.38 8.29
N MET E 301 45.30 12.21 8.25
CA MET E 301 45.12 13.29 9.21
C MET E 301 44.25 12.88 10.38
N LEU E 302 43.17 12.14 10.12
CA LEU E 302 42.28 11.71 11.20
C LEU E 302 42.79 10.39 11.79
N VAL E 303 43.95 10.47 12.42
CA VAL E 303 44.57 9.31 13.02
C VAL E 303 44.73 9.57 14.51
N ILE E 304 44.18 8.70 15.34
CA ILE E 304 44.15 8.97 16.77
C ILE E 304 45.55 9.14 17.41
N ASP E 305 46.46 8.23 17.11
CA ASP E 305 47.81 8.30 17.66
C ASP E 305 48.64 9.33 16.93
N ALA E 306 48.89 10.48 17.54
CA ALA E 306 49.60 11.54 16.84
C ALA E 306 50.99 11.11 16.35
N SER E 307 51.51 10.00 16.88
CA SER E 307 52.83 9.53 16.44
C SER E 307 52.73 8.79 15.12
N LYS E 308 51.51 8.54 14.67
CA LYS E 308 51.27 7.90 13.36
C LYS E 308 50.47 8.81 12.41
N ARG E 309 50.26 10.05 12.82
CA ARG E 309 49.51 11.05 12.07
C ARG E 309 50.49 11.89 11.22
N ILE E 310 50.08 12.27 10.01
CA ILE E 310 50.99 13.08 9.18
C ILE E 310 51.23 14.47 9.76
N SER E 311 52.34 15.11 9.37
CA SER E 311 52.67 16.46 9.79
C SER E 311 52.19 17.43 8.72
N VAL E 312 52.22 18.73 9.01
CA VAL E 312 51.75 19.70 8.02
C VAL E 312 52.63 19.72 6.79
N ASP E 313 53.93 19.44 6.96
CA ASP E 313 54.85 19.39 5.80
C ASP E 313 54.49 18.27 4.85
N GLU E 314 54.24 17.07 5.37
CA GLU E 314 53.82 15.98 4.50
C GLU E 314 52.47 16.22 3.85
N ALA E 315 51.60 16.97 4.52
CA ALA E 315 50.25 17.22 4.02
C ALA E 315 50.31 18.23 2.90
N LEU E 316 51.20 19.21 3.02
CA LEU E 316 51.40 20.19 1.95
C LEU E 316 51.96 19.51 0.68
N GLN E 317 52.57 18.35 0.86
CA GLN E 317 53.18 17.61 -0.23
C GLN E 317 52.24 16.58 -0.80
N HIS E 318 51.08 16.43 -0.16
CA HIS E 318 50.12 15.43 -0.59
C HIS E 318 49.53 15.83 -1.93
N PRO E 319 49.39 14.85 -2.84
CA PRO E 319 48.86 15.11 -4.18
C PRO E 319 47.57 15.96 -4.21
N TYR E 320 46.70 15.80 -3.21
CA TYR E 320 45.46 16.57 -3.19
C TYR E 320 45.66 18.07 -2.94
N ILE E 321 46.74 18.39 -2.22
CA ILE E 321 47.02 19.74 -1.78
C ILE E 321 48.12 20.35 -2.65
N ASN E 322 49.01 19.49 -3.15
CA ASN E 322 50.26 19.96 -3.79
C ASN E 322 50.09 20.74 -5.10
N VAL E 323 48.94 20.60 -5.75
CA VAL E 323 48.66 21.31 -6.99
C VAL E 323 48.77 22.82 -6.77
N TRP E 324 48.60 23.25 -5.52
CA TRP E 324 48.64 24.68 -5.16
C TRP E 324 49.99 25.13 -4.62
N TYR E 325 50.95 24.22 -4.49
CA TYR E 325 52.12 24.51 -3.67
C TYR E 325 52.99 25.57 -4.31
N ASP E 326 53.23 26.62 -3.52
CA ASP E 326 54.05 27.75 -3.92
C ASP E 326 55.05 28.07 -2.81
N PRO E 327 56.35 27.89 -3.08
CA PRO E 327 57.43 28.13 -2.12
C PRO E 327 57.35 29.46 -1.35
N SER E 328 56.88 30.52 -2.01
CA SER E 328 56.75 31.83 -1.39
C SER E 328 55.67 31.83 -0.31
N GLU E 329 54.69 30.95 -0.47
CA GLU E 329 53.60 30.85 0.49
C GLU E 329 53.80 29.67 1.43
N ALA E 330 54.32 28.57 0.90
CA ALA E 330 54.56 27.36 1.69
C ALA E 330 55.78 27.54 2.58
N GLU E 331 56.86 28.08 2.00
CA GLU E 331 58.10 28.30 2.74
C GLU E 331 58.43 29.79 2.85
N ALA E 332 57.87 30.44 3.86
CA ALA E 332 58.11 31.87 4.06
C ALA E 332 58.90 32.10 5.34
N PRO E 333 59.51 33.29 5.44
CA PRO E 333 60.31 33.65 6.62
C PRO E 333 59.51 33.50 7.90
N PRO E 334 59.97 32.62 8.79
CA PRO E 334 59.30 32.38 10.07
C PRO E 334 59.22 33.65 10.91
N PRO E 335 58.09 33.86 11.57
CA PRO E 335 57.89 35.05 12.41
C PRO E 335 59.10 35.31 13.31
N LYS E 336 59.38 36.57 13.58
CA LYS E 336 60.51 36.95 14.43
C LYS E 336 60.03 37.44 15.79
N ILE E 337 60.22 36.59 16.81
CA ILE E 337 59.81 36.94 18.16
C ILE E 337 60.93 37.62 18.92
N PRO E 338 60.64 38.81 19.45
CA PRO E 338 61.65 39.58 20.20
C PRO E 338 61.76 39.10 21.65
N ASP E 339 60.86 38.20 22.05
CA ASP E 339 60.86 37.67 23.40
C ASP E 339 60.64 36.16 23.40
N GLU E 351 54.06 45.72 37.37
CA GLU E 351 53.65 44.34 37.14
C GLU E 351 53.40 44.08 35.66
N TRP E 352 52.42 43.24 35.36
CA TRP E 352 52.08 42.91 33.99
C TRP E 352 51.69 44.15 33.20
N LYS E 353 50.79 44.95 33.77
CA LYS E 353 50.32 46.17 33.12
C LYS E 353 51.49 46.97 32.56
N GLU E 354 52.57 47.07 33.33
CA GLU E 354 53.75 47.81 32.93
C GLU E 354 54.35 47.24 31.64
N LEU E 355 54.40 45.91 31.56
CA LEU E 355 54.93 45.26 30.40
C LEU E 355 53.94 45.45 29.28
N ILE E 356 52.69 45.08 29.55
CA ILE E 356 51.62 45.20 28.56
C ILE E 356 51.51 46.61 27.98
N TYR E 357 51.45 47.60 28.86
CA TYR E 357 51.42 49.00 28.44
C TYR E 357 52.57 49.34 27.53
N LYS E 358 53.73 48.85 27.91
CA LYS E 358 54.89 49.16 27.15
C LYS E 358 54.65 48.73 25.74
N GLU E 359 54.15 47.52 25.57
CA GLU E 359 54.01 47.00 24.25
C GLU E 359 53.05 47.87 23.45
N VAL E 360 51.99 48.33 24.12
CA VAL E 360 50.90 49.06 23.47
C VAL E 360 51.28 50.43 22.87
N MET E 361 52.29 51.09 23.43
CA MET E 361 52.56 52.46 22.99
C MET E 361 53.50 52.66 21.78
N ASP E 362 54.04 51.58 21.24
CA ASP E 362 54.88 51.70 20.04
C ASP E 362 54.25 51.05 18.79
N GLY F 24 18.14 28.31 35.95
CA GLY F 24 18.08 27.69 37.25
C GLY F 24 19.04 26.57 37.43
N PRO F 25 19.12 26.13 38.66
CA PRO F 25 19.85 24.93 39.08
C PRO F 25 18.99 23.69 38.88
N THR F 26 19.61 22.52 38.75
CA THR F 26 18.86 21.31 38.36
C THR F 26 18.50 20.33 39.49
N ARG F 27 17.21 20.02 39.65
CA ARG F 27 16.85 19.01 40.64
C ARG F 27 17.29 17.60 40.20
N ILE F 28 18.17 16.99 41.00
CA ILE F 28 18.71 15.67 40.70
C ILE F 28 17.95 14.59 41.49
N LEU F 29 17.62 14.90 42.74
CA LEU F 29 16.88 14.01 43.63
C LEU F 29 16.05 14.92 44.53
N PRO F 30 15.07 14.38 45.26
CA PRO F 30 14.22 15.23 46.12
C PRO F 30 14.90 16.36 46.90
N ASN F 31 16.03 16.10 47.55
CA ASN F 31 16.71 17.19 48.28
C ASN F 31 18.14 17.47 47.82
N LEU F 32 18.38 17.33 46.51
CA LEU F 32 19.70 17.48 45.93
C LEU F 32 19.62 18.21 44.57
N TYR F 33 20.22 19.38 44.49
CA TYR F 33 20.26 20.13 43.26
C TYR F 33 21.70 20.19 42.78
N LEU F 34 21.88 20.39 41.48
CA LEU F 34 23.21 20.49 40.89
C LEU F 34 23.24 21.78 40.10
N GLY F 35 24.20 22.66 40.39
CA GLY F 35 24.15 23.96 39.76
C GLY F 35 25.48 24.69 39.62
N CYS F 36 25.39 25.97 39.32
CA CYS F 36 26.57 26.81 39.11
C CYS F 36 26.63 27.94 40.14
N GLN F 37 27.65 28.79 40.05
CA GLN F 37 27.84 29.83 41.06
C GLN F 37 26.80 30.97 40.96
N ARG F 38 26.33 31.25 39.76
CA ARG F 38 25.24 32.21 39.57
C ARG F 38 24.00 31.76 40.34
N ASP F 39 23.80 30.45 40.44
CA ASP F 39 22.67 29.89 41.16
C ASP F 39 22.76 30.15 42.66
N VAL F 40 23.90 29.85 43.27
CA VAL F 40 24.08 30.03 44.71
C VAL F 40 24.02 31.49 45.15
N LEU F 41 24.51 32.39 44.32
CA LEU F 41 24.57 33.81 44.70
C LEU F 41 23.19 34.42 44.57
N ASN F 42 22.28 33.69 43.95
CA ASN F 42 20.92 34.14 43.78
C ASN F 42 20.05 33.80 44.99
N LYS F 43 20.00 34.72 45.97
CA LYS F 43 19.18 34.55 47.19
C LYS F 43 17.74 34.11 46.92
N GLU F 44 17.09 34.81 45.99
CA GLU F 44 15.69 34.53 45.64
C GLU F 44 15.45 33.06 45.31
N LEU F 45 16.06 32.59 44.21
CA LEU F 45 15.98 31.18 43.80
C LEU F 45 16.36 30.18 44.90
N MET F 46 17.42 30.48 45.64
CA MET F 46 17.86 29.61 46.72
C MET F 46 16.73 29.52 47.73
N GLN F 47 15.98 30.61 47.89
CA GLN F 47 14.90 30.70 48.88
C GLN F 47 13.63 30.01 48.41
N GLN F 48 13.35 30.08 47.11
CA GLN F 48 12.15 29.46 46.56
C GLN F 48 12.27 27.95 46.72
N ASN F 49 13.41 27.41 46.30
CA ASN F 49 13.73 26.02 46.57
C ASN F 49 14.09 26.03 48.06
N GLY F 50 14.12 24.86 48.70
CA GLY F 50 14.47 24.80 50.12
C GLY F 50 15.97 24.80 50.43
N ILE F 51 16.78 25.26 49.48
CA ILE F 51 18.22 25.07 49.60
C ILE F 51 18.87 25.82 50.76
N GLY F 52 19.36 25.06 51.73
CA GLY F 52 19.87 25.63 52.95
C GLY F 52 21.25 25.07 53.24
N TYR F 53 21.67 24.11 52.44
CA TYR F 53 23.04 23.62 52.51
C TYR F 53 23.71 23.91 51.16
N VAL F 54 25.03 24.11 51.18
CA VAL F 54 25.77 24.29 49.94
C VAL F 54 27.03 23.44 49.97
N LEU F 55 27.26 22.66 48.91
CA LEU F 55 28.54 21.99 48.68
C LEU F 55 29.21 22.64 47.49
N ASN F 56 30.30 23.36 47.74
CA ASN F 56 31.05 24.03 46.70
C ASN F 56 32.36 23.36 46.32
N ALA F 57 32.39 22.74 45.13
CA ALA F 57 33.56 21.97 44.68
C ALA F 57 34.32 22.97 43.79
N SER F 58 35.10 23.85 44.39
CA SER F 58 36.01 24.72 43.66
C SER F 58 36.82 25.63 44.58
N ASN F 59 37.81 26.31 44.03
CA ASN F 59 38.66 27.21 44.80
C ASN F 59 38.34 28.70 44.76
N THR F 60 37.46 29.10 43.86
CA THR F 60 37.27 30.52 43.55
C THR F 60 35.87 31.05 43.81
N CYS F 61 34.90 30.16 43.99
CA CYS F 61 33.52 30.58 44.19
C CYS F 61 32.99 30.81 45.61
N PRO F 62 32.91 32.06 46.02
CA PRO F 62 32.55 32.36 47.38
C PRO F 62 31.39 31.64 47.99
N LYS F 63 31.42 31.42 49.29
CA LYS F 63 30.25 30.94 49.96
C LYS F 63 29.37 32.13 49.94
N PRO F 64 28.07 31.93 50.18
CA PRO F 64 27.12 33.04 50.17
C PRO F 64 27.07 33.75 51.52
N ASP F 65 26.26 34.80 51.58
CA ASP F 65 25.99 35.54 52.80
C ASP F 65 25.14 34.68 53.69
N PHE F 66 24.02 34.24 53.11
CA PHE F 66 22.92 33.64 53.82
C PHE F 66 23.07 32.17 54.08
N ILE F 67 24.25 31.63 53.94
CA ILE F 67 24.42 30.26 54.36
C ILE F 67 25.39 30.23 55.51
N PRO F 68 24.95 29.58 56.60
CA PRO F 68 25.80 29.33 57.75
C PRO F 68 26.86 28.33 57.35
N GLU F 69 28.02 28.41 57.99
CA GLU F 69 29.15 27.61 57.62
C GLU F 69 29.02 26.18 58.06
N SER F 70 28.06 25.92 58.91
CA SER F 70 27.84 24.57 59.32
C SER F 70 27.07 23.88 58.19
N HIS F 71 26.38 24.70 57.42
CA HIS F 71 25.62 24.23 56.30
C HIS F 71 26.39 24.34 55.00
N PHE F 72 27.71 24.32 55.06
CA PHE F 72 28.50 24.49 53.87
C PHE F 72 29.74 23.70 53.88
N LEU F 73 30.16 23.30 52.71
CA LEU F 73 31.32 22.43 52.57
C LEU F 73 31.98 22.78 51.25
N ARG F 74 33.23 23.24 51.32
CA ARG F 74 34.02 23.58 50.16
C ARG F 74 34.71 22.33 49.75
N VAL F 75 34.69 22.04 48.46
CA VAL F 75 35.49 20.98 47.87
C VAL F 75 36.52 21.68 46.99
N PRO F 76 37.64 22.04 47.59
CA PRO F 76 38.57 23.00 46.99
C PRO F 76 39.24 22.30 45.83
N VAL F 77 38.58 22.27 44.68
CA VAL F 77 39.15 21.64 43.50
C VAL F 77 39.18 22.44 42.23
N ASN F 78 40.10 22.04 41.39
CA ASN F 78 40.35 22.65 40.11
C ASN F 78 39.82 21.77 39.02
N ASP F 79 39.45 22.33 37.89
CA ASP F 79 38.96 21.52 36.79
C ASP F 79 40.10 21.14 35.83
N SER F 80 40.83 20.06 36.13
CA SER F 80 42.00 19.72 35.34
C SER F 80 42.24 18.22 35.27
N PHE F 81 43.31 17.83 34.58
CA PHE F 81 43.60 16.41 34.36
C PHE F 81 44.48 15.77 35.42
N CYS F 82 45.07 16.59 36.28
CA CYS F 82 45.95 16.08 37.33
C CYS F 82 45.28 16.16 38.70
N GLU F 83 44.17 16.89 38.77
CA GLU F 83 43.47 17.09 40.03
C GLU F 83 42.86 15.82 40.62
N LYS F 84 42.92 15.69 41.95
CA LYS F 84 42.28 14.57 42.63
C LYS F 84 41.00 14.95 43.37
N ILE F 85 39.88 14.45 42.86
CA ILE F 85 38.57 14.68 43.42
C ILE F 85 38.07 13.43 44.18
N LEU F 86 38.68 12.29 43.86
CA LEU F 86 38.35 11.01 44.52
C LEU F 86 38.41 11.02 46.06
N PRO F 87 39.50 11.53 46.64
CA PRO F 87 39.49 11.50 48.10
C PRO F 87 38.48 12.44 48.75
N TRP F 88 37.76 13.26 47.97
CA TRP F 88 36.75 14.13 48.56
C TRP F 88 35.38 13.49 48.43
N LEU F 89 35.34 12.34 47.77
CA LEU F 89 34.05 11.73 47.46
C LEU F 89 33.30 11.27 48.72
N ASP F 90 33.96 10.43 49.52
CA ASP F 90 33.37 9.95 50.77
C ASP F 90 32.82 11.12 51.60
N LYS F 91 33.71 12.06 51.96
CA LYS F 91 33.27 13.30 52.60
C LYS F 91 32.04 13.93 51.92
N SER F 92 32.14 14.14 50.61
CA SER F 92 31.03 14.74 49.87
C SER F 92 29.73 13.95 50.06
N VAL F 93 29.78 12.63 50.00
CA VAL F 93 28.53 11.91 50.18
C VAL F 93 28.03 12.08 51.63
N ASP F 94 28.96 12.06 52.60
CA ASP F 94 28.55 12.17 53.99
C ASP F 94 27.85 13.51 54.22
N PHE F 95 28.44 14.57 53.68
CA PHE F 95 27.87 15.91 53.83
C PHE F 95 26.50 15.93 53.20
N ILE F 96 26.34 15.25 52.07
CA ILE F 96 25.04 15.27 51.44
C ILE F 96 24.09 14.47 52.31
N GLU F 97 24.54 13.30 52.77
CA GLU F 97 23.70 12.37 53.53
C GLU F 97 23.18 13.04 54.80
N LYS F 98 24.07 13.61 55.58
CA LYS F 98 23.65 14.27 56.77
C LYS F 98 22.67 15.35 56.41
N ALA F 99 22.92 16.10 55.38
CA ALA F 99 22.04 17.22 55.12
C ALA F 99 20.64 16.74 54.79
N LYS F 100 20.53 15.48 54.38
CA LYS F 100 19.22 14.88 54.16
C LYS F 100 18.64 14.38 55.48
N ALA F 101 19.53 14.01 56.41
CA ALA F 101 19.11 13.49 57.71
C ALA F 101 18.26 14.50 58.48
N SER F 102 18.68 15.77 58.42
CA SER F 102 18.00 16.86 59.11
C SER F 102 16.98 17.58 58.22
N ASN F 103 16.43 16.84 57.26
CA ASN F 103 15.40 17.37 56.39
C ASN F 103 15.83 18.57 55.58
N GLY F 104 17.10 18.60 55.18
CA GLY F 104 17.65 19.75 54.50
C GLY F 104 17.88 19.50 53.02
N CYS F 105 18.11 20.59 52.30
CA CYS F 105 18.27 20.54 50.87
C CYS F 105 19.64 21.10 50.47
N VAL F 106 20.39 20.34 49.67
CA VAL F 106 21.74 20.70 49.27
C VAL F 106 21.83 21.14 47.81
N LEU F 107 22.54 22.23 47.55
CA LEU F 107 22.93 22.55 46.18
C LEU F 107 24.40 22.26 46.03
N VAL F 108 24.72 21.31 45.16
CA VAL F 108 26.10 21.00 44.83
C VAL F 108 26.49 21.78 43.58
N HIS F 109 27.47 22.64 43.68
CA HIS F 109 27.82 23.48 42.57
C HIS F 109 29.34 23.62 42.42
N CYS F 110 29.76 23.98 41.22
CA CYS F 110 31.10 24.46 40.96
C CYS F 110 30.87 25.66 40.08
N LEU F 111 31.92 26.26 39.55
CA LEU F 111 31.76 27.41 38.70
C LEU F 111 30.66 27.44 37.66
N ALA F 112 30.64 26.45 36.78
CA ALA F 112 29.68 26.39 35.68
C ALA F 112 28.65 25.30 35.85
N GLY F 113 28.90 24.36 36.72
CA GLY F 113 28.03 23.23 36.95
C GLY F 113 28.10 22.25 35.80
N ILE F 114 29.31 22.12 35.24
CA ILE F 114 29.56 21.26 34.08
C ILE F 114 30.49 20.07 34.40
N SER F 115 31.54 20.33 35.16
CA SER F 115 32.57 19.30 35.39
C SER F 115 32.77 18.83 36.84
N ARG F 116 33.24 19.72 37.70
CA ARG F 116 33.56 19.36 39.08
C ARG F 116 32.32 18.92 39.89
N SER F 117 31.32 19.81 39.92
CA SER F 117 30.12 19.55 40.70
C SER F 117 29.37 18.36 40.14
N ALA F 118 29.39 18.21 38.82
CA ALA F 118 28.68 17.12 38.17
C ALA F 118 29.31 15.78 38.55
N THR F 119 30.64 15.80 38.71
CA THR F 119 31.39 14.61 39.10
C THR F 119 30.98 14.22 40.50
N ILE F 120 30.87 15.22 41.38
CA ILE F 120 30.40 14.91 42.72
C ILE F 120 28.94 14.39 42.73
N ALA F 121 28.05 15.00 41.96
CA ALA F 121 26.66 14.53 41.94
C ALA F 121 26.56 13.09 41.45
N ILE F 122 27.31 12.79 40.39
CA ILE F 122 27.35 11.43 39.84
C ILE F 122 27.86 10.46 40.89
N ALA F 123 28.91 10.84 41.63
CA ALA F 123 29.40 9.98 42.72
C ALA F 123 28.28 9.68 43.72
N TYR F 124 27.53 10.70 44.09
CA TYR F 124 26.44 10.50 45.06
C TYR F 124 25.36 9.55 44.52
N ILE F 125 25.01 9.71 43.24
CA ILE F 125 24.00 8.85 42.63
C ILE F 125 24.49 7.42 42.58
N MET F 126 25.78 7.24 42.30
CA MET F 126 26.38 5.91 42.30
C MET F 126 26.29 5.24 43.66
N LYS F 127 26.71 5.93 44.71
CA LYS F 127 26.75 5.34 46.04
C LYS F 127 25.35 5.13 46.59
N ARG F 128 24.51 6.16 46.45
CA ARG F 128 23.20 6.19 47.08
C ARG F 128 22.15 5.40 46.30
N MET F 129 22.34 5.20 45.00
CA MET F 129 21.35 4.44 44.23
C MET F 129 21.87 3.11 43.73
N ASP F 130 23.09 2.75 44.13
CA ASP F 130 23.75 1.53 43.64
C ASP F 130 23.81 1.45 42.10
N MET F 131 24.29 2.53 41.48
CA MET F 131 24.36 2.63 40.03
C MET F 131 25.80 2.58 39.54
N SER F 132 25.99 2.12 38.31
CA SER F 132 27.31 2.17 37.70
C SER F 132 27.57 3.59 37.19
N LEU F 133 28.83 3.85 36.85
CA LEU F 133 29.19 5.13 36.28
C LEU F 133 28.27 5.42 35.11
N ASP F 134 28.15 4.44 34.22
CA ASP F 134 27.36 4.64 33.01
C ASP F 134 25.92 4.99 33.39
N GLU F 135 25.36 4.21 34.30
CA GLU F 135 24.02 4.45 34.77
C GLU F 135 23.84 5.83 35.45
N ALA F 136 24.75 6.18 36.35
CA ALA F 136 24.63 7.42 37.10
C ALA F 136 24.81 8.64 36.20
N TYR F 137 25.77 8.55 35.27
CA TYR F 137 26.06 9.60 34.31
C TYR F 137 24.83 9.81 33.47
N ARG F 138 24.26 8.73 32.92
CA ARG F 138 23.04 8.92 32.12
C ARG F 138 21.92 9.55 32.97
N PHE F 139 21.81 9.09 34.21
CA PHE F 139 20.81 9.64 35.13
C PHE F 139 20.93 11.16 35.29
N VAL F 140 22.15 11.64 35.55
CA VAL F 140 22.37 13.08 35.70
C VAL F 140 22.27 13.85 34.39
N LYS F 141 22.93 13.35 33.35
CA LYS F 141 22.96 13.96 32.04
C LYS F 141 21.55 14.18 31.48
N GLU F 142 20.65 13.21 31.65
CA GLU F 142 19.29 13.43 31.17
C GLU F 142 18.59 14.59 31.87
N LYS F 143 19.01 14.88 33.11
CA LYS F 143 18.44 15.99 33.87
C LYS F 143 19.21 17.28 33.61
N ARG F 144 20.51 17.20 33.42
CA ARG F 144 21.30 18.40 33.19
C ARG F 144 22.20 18.17 31.98
N PRO F 145 21.68 18.43 30.78
CA PRO F 145 22.33 17.96 29.55
C PRO F 145 23.68 18.64 29.23
N THR F 146 23.98 19.73 29.90
CA THR F 146 25.23 20.41 29.64
C THR F 146 26.38 19.86 30.47
N ILE F 147 26.17 18.80 31.24
CA ILE F 147 27.25 18.30 32.11
C ILE F 147 28.32 17.53 31.34
N SER F 148 29.58 17.97 31.42
CA SER F 148 30.60 17.24 30.81
C SER F 148 31.92 17.16 31.60
N PRO F 149 32.00 16.21 32.53
CA PRO F 149 33.24 16.08 33.31
C PRO F 149 34.31 15.47 32.43
N ASN F 150 35.55 15.92 32.58
CA ASN F 150 36.66 15.38 31.80
C ASN F 150 37.00 13.95 32.18
N PHE F 151 37.81 13.30 31.35
CA PHE F 151 38.12 11.87 31.52
C PHE F 151 38.95 11.52 32.75
N ASN F 152 39.67 12.48 33.31
CA ASN F 152 40.39 12.22 34.54
C ASN F 152 39.42 11.94 35.70
N PHE F 153 38.41 12.82 35.84
CA PHE F 153 37.38 12.68 36.87
C PHE F 153 36.55 11.42 36.64
N LEU F 154 36.26 11.12 35.37
CA LEU F 154 35.44 9.96 35.01
C LEU F 154 36.20 8.67 35.35
N GLY F 155 37.51 8.67 35.09
CA GLY F 155 38.36 7.58 35.51
C GLY F 155 38.36 7.39 37.02
N GLN F 156 38.40 8.48 37.75
CA GLN F 156 38.38 8.42 39.20
C GLN F 156 37.11 7.79 39.69
N LEU F 157 36.01 8.13 39.04
CA LEU F 157 34.69 7.64 39.35
C LEU F 157 34.55 6.18 39.07
N LEU F 158 35.30 5.65 38.15
CA LEU F 158 35.26 4.26 37.82
C LEU F 158 35.93 3.48 38.91
N ASP F 159 36.95 4.06 39.51
CA ASP F 159 37.65 3.36 40.54
C ASP F 159 36.97 3.57 41.89
N TYR F 160 36.18 4.61 41.98
CA TYR F 160 35.20 4.73 43.01
C TYR F 160 34.16 3.67 42.86
N GLU F 161 33.77 3.34 41.64
CA GLU F 161 32.80 2.30 41.42
C GLU F 161 33.43 1.05 41.97
N LYS F 162 34.72 0.91 41.76
CA LYS F 162 35.44 -0.25 42.24
C LYS F 162 35.53 -0.28 43.75
N LYS F 163 35.84 0.86 44.37
CA LYS F 163 35.94 0.86 45.85
C LYS F 163 34.66 0.29 46.47
N ILE F 164 33.51 0.74 45.97
CA ILE F 164 32.25 0.16 46.38
C ILE F 164 32.30 -1.26 45.81
N LYS F 165 32.16 -2.26 46.67
CA LYS F 165 32.23 -3.67 46.28
C LYS F 165 33.65 -4.03 45.81
N PHE G 10 -48.47 -27.11 -56.10
CA PHE G 10 -48.23 -28.54 -56.03
C PHE G 10 -46.80 -28.84 -56.51
N TYR G 11 -45.92 -27.84 -56.49
CA TYR G 11 -44.51 -28.03 -56.85
C TYR G 11 -43.62 -28.47 -55.68
N SER G 12 -42.33 -28.71 -55.94
CA SER G 12 -41.41 -29.19 -54.90
C SER G 12 -40.14 -28.35 -54.86
N VAL G 13 -39.56 -28.21 -53.67
CA VAL G 13 -38.30 -27.46 -53.47
C VAL G 13 -37.50 -27.90 -52.23
N GLU G 14 -36.17 -27.93 -52.36
CA GLU G 14 -35.29 -28.17 -51.22
C GLU G 14 -34.89 -26.94 -50.40
N ILE G 15 -34.70 -27.14 -49.12
CA ILE G 15 -34.20 -26.11 -48.21
C ILE G 15 -32.91 -26.60 -47.57
N GLY G 16 -32.35 -27.64 -48.18
CA GLY G 16 -31.49 -28.60 -47.54
C GLY G 16 -32.21 -29.93 -47.70
N ASP G 17 -31.87 -30.87 -46.84
CA ASP G 17 -32.42 -32.18 -46.96
C ASP G 17 -33.85 -31.98 -46.60
N SER G 18 -34.17 -30.75 -46.24
CA SER G 18 -35.51 -30.39 -45.80
C SER G 18 -36.36 -30.16 -47.03
N THR G 19 -36.96 -31.24 -47.53
CA THR G 19 -37.63 -31.19 -48.81
C THR G 19 -39.08 -30.74 -48.59
N PHE G 20 -39.52 -29.73 -49.34
CA PHE G 20 -40.90 -29.23 -49.28
C PHE G 20 -41.69 -29.33 -50.58
N THR G 21 -42.86 -29.97 -50.51
CA THR G 21 -43.85 -29.95 -51.60
C THR G 21 -45.08 -29.11 -51.19
N VAL G 22 -45.35 -28.03 -51.88
CA VAL G 22 -46.30 -27.06 -51.41
C VAL G 22 -47.37 -26.82 -52.42
N LEU G 23 -48.40 -26.09 -52.05
CA LEU G 23 -49.34 -25.59 -53.00
C LEU G 23 -48.72 -24.42 -53.70
N LYS G 24 -49.33 -24.04 -54.80
CA LYS G 24 -48.73 -23.10 -55.70
C LYS G 24 -48.70 -21.68 -55.22
N ARG G 25 -49.69 -21.37 -54.42
CA ARG G 25 -49.79 -20.11 -53.73
C ARG G 25 -48.48 -19.56 -53.14
N TYR G 26 -47.59 -20.47 -52.77
CA TYR G 26 -46.52 -20.23 -51.86
C TYR G 26 -45.21 -20.02 -52.53
N GLN G 27 -44.79 -18.76 -52.51
CA GLN G 27 -43.63 -18.30 -53.23
C GLN G 27 -42.46 -18.01 -52.28
N ASN G 28 -41.25 -18.00 -52.80
CA ASN G 28 -40.09 -17.50 -52.08
C ASN G 28 -39.96 -18.03 -50.65
N LEU G 29 -39.93 -19.35 -50.48
CA LEU G 29 -39.77 -19.86 -49.13
C LEU G 29 -38.38 -19.51 -48.57
N LYS G 30 -38.32 -19.11 -47.31
CA LYS G 30 -37.05 -18.89 -46.62
C LYS G 30 -37.21 -19.50 -45.24
N PRO G 31 -36.28 -20.39 -44.88
CA PRO G 31 -36.42 -21.05 -43.58
C PRO G 31 -36.30 -20.05 -42.43
N ILE G 32 -37.07 -20.30 -41.38
CA ILE G 32 -37.01 -19.54 -40.14
C ILE G 32 -37.10 -20.49 -38.95
N GLY G 33 -37.22 -21.79 -39.25
CA GLY G 33 -37.33 -22.82 -38.23
C GLY G 33 -36.15 -22.91 -37.29
N GLY G 38 -38.60 -29.97 -37.35
CA GLY G 38 -39.50 -28.90 -36.93
C GLY G 38 -39.21 -27.61 -37.68
N ILE G 39 -38.96 -27.73 -38.98
CA ILE G 39 -38.72 -26.59 -39.84
C ILE G 39 -39.95 -25.82 -40.32
N VAL G 40 -39.81 -24.50 -40.29
CA VAL G 40 -40.84 -23.55 -40.69
C VAL G 40 -40.20 -22.59 -41.66
N CYS G 41 -40.88 -22.32 -42.78
CA CYS G 41 -40.34 -21.37 -43.74
C CYS G 41 -41.29 -20.18 -43.88
N ALA G 42 -40.77 -19.04 -44.30
CA ALA G 42 -41.60 -17.88 -44.54
C ALA G 42 -42.03 -17.95 -46.00
N ALA G 43 -43.11 -17.32 -46.38
CA ALA G 43 -43.46 -17.40 -47.77
C ALA G 43 -44.44 -16.37 -48.10
N TYR G 44 -44.81 -16.35 -49.36
CA TYR G 44 -45.70 -15.35 -49.86
C TYR G 44 -46.91 -15.92 -50.53
N ASP G 45 -48.08 -15.54 -50.03
CA ASP G 45 -49.40 -15.88 -50.59
C ASP G 45 -50.10 -17.09 -49.97
N ARG G 50 -50.02 -12.23 -49.15
CA ARG G 50 -49.44 -11.55 -48.02
C ARG G 50 -48.52 -12.58 -47.49
N ASN G 51 -47.78 -12.26 -46.45
CA ASN G 51 -46.77 -13.16 -45.98
C ASN G 51 -47.40 -14.16 -45.09
N VAL G 52 -46.91 -15.36 -45.18
CA VAL G 52 -47.37 -16.46 -44.34
C VAL G 52 -46.19 -17.27 -43.80
N ALA G 53 -46.47 -18.08 -42.78
CA ALA G 53 -45.50 -19.08 -42.32
C ALA G 53 -46.03 -20.48 -42.68
N ILE G 54 -45.12 -21.36 -43.08
CA ILE G 54 -45.48 -22.73 -43.46
C ILE G 54 -44.72 -23.74 -42.63
N LYS G 55 -45.50 -24.56 -41.92
CA LYS G 55 -44.99 -25.60 -41.04
C LYS G 55 -45.08 -26.86 -41.83
N LYS G 56 -43.95 -27.54 -42.02
CA LYS G 56 -43.99 -28.86 -42.62
C LYS G 56 -43.99 -29.87 -41.49
N LEU G 57 -44.91 -30.83 -41.58
CA LEU G 57 -44.91 -31.94 -40.66
C LEU G 57 -44.84 -33.18 -41.50
N PRO G 60 -44.61 -37.58 -38.94
CA PRO G 60 -44.73 -37.47 -37.49
C PRO G 60 -45.52 -38.64 -36.95
N PHE G 61 -45.99 -39.53 -37.81
CA PHE G 61 -46.75 -40.69 -37.37
C PHE G 61 -45.85 -41.73 -36.72
N GLN G 62 -44.54 -41.52 -36.83
CA GLN G 62 -43.57 -42.43 -36.25
C GLN G 62 -43.66 -42.85 -34.78
N ASN G 63 -43.84 -41.87 -33.91
CA ASN G 63 -43.95 -42.13 -32.48
C ASN G 63 -45.46 -42.02 -32.26
N GLN G 64 -45.96 -42.81 -31.33
CA GLN G 64 -47.39 -42.81 -31.01
C GLN G 64 -47.71 -41.50 -30.29
N THR G 65 -46.65 -40.75 -29.97
CA THR G 65 -46.80 -39.49 -29.27
C THR G 65 -46.71 -38.27 -30.17
N HIS G 66 -45.76 -38.28 -31.09
CA HIS G 66 -45.61 -37.19 -32.02
C HIS G 66 -46.92 -36.76 -32.60
N ALA G 67 -47.76 -37.72 -32.98
CA ALA G 67 -49.03 -37.42 -33.63
C ALA G 67 -50.09 -37.00 -32.63
N LYS G 68 -49.87 -37.36 -31.36
CA LYS G 68 -50.79 -37.03 -30.30
C LYS G 68 -50.44 -35.61 -29.97
N ARG G 69 -49.29 -35.16 -30.41
CA ARG G 69 -48.96 -33.75 -30.33
C ARG G 69 -49.14 -33.10 -31.68
N ALA G 70 -49.26 -33.93 -32.70
CA ALA G 70 -49.46 -33.42 -34.01
C ALA G 70 -50.92 -33.20 -34.17
N TYR G 71 -51.72 -34.12 -33.67
CA TYR G 71 -53.15 -34.04 -33.89
C TYR G 71 -53.69 -32.94 -33.00
N ARG G 72 -53.04 -32.77 -31.87
CA ARG G 72 -53.46 -31.77 -30.92
C ARG G 72 -53.34 -30.46 -31.63
N GLU G 73 -52.19 -30.28 -32.23
CA GLU G 73 -51.90 -29.06 -32.90
C GLU G 73 -52.93 -28.83 -34.01
N LEU G 74 -53.40 -29.88 -34.65
CA LEU G 74 -54.37 -29.70 -35.73
C LEU G 74 -55.78 -29.30 -35.24
N VAL G 75 -56.28 -30.01 -34.24
CA VAL G 75 -57.62 -29.72 -33.71
C VAL G 75 -57.60 -28.33 -33.05
N LEU G 76 -56.55 -28.06 -32.28
CA LEU G 76 -56.43 -26.79 -31.59
C LEU G 76 -56.25 -25.60 -32.51
N MET G 77 -55.40 -25.72 -33.53
CA MET G 77 -55.26 -24.67 -34.53
C MET G 77 -56.60 -24.45 -35.21
N LYS G 78 -57.32 -25.54 -35.44
CA LYS G 78 -58.59 -25.50 -36.15
C LYS G 78 -59.75 -24.89 -35.36
N CYS G 79 -59.69 -24.94 -34.03
CA CYS G 79 -60.82 -24.45 -33.22
C CYS G 79 -60.55 -23.18 -32.39
N VAL G 80 -59.28 -22.83 -32.20
CA VAL G 80 -58.95 -21.61 -31.46
C VAL G 80 -58.94 -20.39 -32.41
N ASN G 81 -59.50 -19.27 -31.94
CA ASN G 81 -59.63 -18.06 -32.75
C ASN G 81 -59.67 -16.79 -31.90
N HIS G 82 -58.60 -16.00 -31.94
CA HIS G 82 -58.48 -14.83 -31.09
C HIS G 82 -57.37 -13.94 -31.65
N LYS G 83 -57.52 -12.63 -31.52
CA LYS G 83 -56.53 -11.74 -32.14
C LYS G 83 -55.15 -11.88 -31.52
N ASN G 84 -55.08 -12.46 -30.33
CA ASN G 84 -53.78 -12.66 -29.70
C ASN G 84 -53.27 -14.11 -29.81
N ILE G 85 -53.89 -14.90 -30.69
CA ILE G 85 -53.39 -16.23 -30.98
C ILE G 85 -53.15 -16.33 -32.50
N ILE G 86 -52.01 -16.89 -32.90
CA ILE G 86 -51.66 -16.94 -34.30
C ILE G 86 -52.79 -17.67 -35.06
N GLY G 87 -53.26 -17.04 -36.14
CA GLY G 87 -54.37 -17.55 -36.91
C GLY G 87 -53.98 -18.60 -37.95
N LEU G 88 -54.79 -19.63 -38.05
CA LEU G 88 -54.59 -20.68 -39.04
C LEU G 88 -55.09 -20.20 -40.39
N LEU G 89 -54.26 -20.35 -41.41
CA LEU G 89 -54.64 -19.91 -42.75
C LEU G 89 -54.95 -21.07 -43.68
N ASN G 90 -54.26 -22.19 -43.55
CA ASN G 90 -54.52 -23.33 -44.39
C ASN G 90 -53.91 -24.65 -43.96
N VAL G 91 -54.44 -25.73 -44.47
CA VAL G 91 -53.90 -27.06 -44.21
C VAL G 91 -53.89 -27.89 -45.47
N PHE G 92 -52.84 -28.66 -45.69
CA PHE G 92 -52.75 -29.42 -46.91
C PHE G 92 -51.71 -30.52 -46.91
N THR G 93 -51.97 -31.51 -47.77
CA THR G 93 -51.16 -32.71 -47.99
C THR G 93 -50.18 -33.05 -46.86
N VAL G 104 -47.77 -33.40 -43.90
CA VAL G 104 -48.84 -32.43 -43.68
C VAL G 104 -48.27 -31.03 -43.46
N TYR G 105 -48.85 -30.05 -44.14
CA TYR G 105 -48.40 -28.67 -44.02
C TYR G 105 -49.48 -27.76 -43.42
N ILE G 106 -49.06 -26.99 -42.42
CA ILE G 106 -49.92 -26.00 -41.75
C ILE G 106 -49.48 -24.57 -42.06
N VAL G 107 -50.40 -23.77 -42.60
CA VAL G 107 -50.11 -22.40 -43.01
C VAL G 107 -50.73 -21.39 -42.04
N MET G 108 -49.92 -20.49 -41.56
CA MET G 108 -50.37 -19.50 -40.63
C MET G 108 -49.90 -18.13 -40.99
N GLU G 109 -50.40 -17.15 -40.26
CA GLU G 109 -49.99 -15.79 -40.44
C GLU G 109 -48.55 -15.55 -40.03
N LEU G 110 -47.89 -14.66 -40.75
CA LEU G 110 -46.58 -14.21 -40.44
C LEU G 110 -46.68 -12.81 -39.90
N MET G 111 -46.02 -12.54 -38.80
CA MET G 111 -45.95 -11.19 -38.28
C MET G 111 -44.64 -10.60 -38.69
N ASP G 112 -44.30 -9.48 -38.11
CA ASP G 112 -43.12 -8.77 -38.51
C ASP G 112 -41.87 -9.17 -37.76
N ALA G 113 -41.97 -9.30 -36.46
CA ALA G 113 -40.85 -9.61 -35.63
C ALA G 113 -41.31 -10.40 -34.46
N ASN G 114 -40.42 -11.13 -33.83
CA ASN G 114 -40.75 -11.75 -32.61
C ASN G 114 -40.28 -10.93 -31.44
N LEU G 115 -40.76 -11.30 -30.27
CA LEU G 115 -40.58 -10.55 -29.06
C LEU G 115 -39.16 -10.45 -28.59
N CYS G 116 -38.29 -11.31 -29.10
CA CYS G 116 -36.88 -11.23 -28.81
C CYS G 116 -36.39 -9.91 -29.33
N GLN G 117 -36.71 -9.64 -30.58
CA GLN G 117 -36.34 -8.37 -31.18
C GLN G 117 -36.93 -7.16 -30.44
N VAL G 118 -38.21 -7.24 -30.11
CA VAL G 118 -38.87 -6.14 -29.40
C VAL G 118 -38.27 -5.81 -28.02
N ILE G 119 -37.94 -6.84 -27.25
CA ILE G 119 -37.34 -6.68 -25.96
C ILE G 119 -36.10 -5.82 -26.03
N GLN G 120 -35.40 -5.85 -27.14
CA GLN G 120 -34.15 -5.14 -27.26
C GLN G 120 -34.30 -3.69 -27.67
N MET G 121 -35.50 -3.29 -28.01
CA MET G 121 -35.77 -1.91 -28.28
C MET G 121 -35.93 -1.29 -26.92
N GLU G 122 -36.03 0.03 -26.87
CA GLU G 122 -36.13 0.69 -25.60
C GLU G 122 -37.59 0.85 -25.38
N LEU G 123 -38.17 0.13 -24.44
CA LEU G 123 -39.62 0.14 -24.31
C LEU G 123 -40.13 0.93 -23.13
N ASP G 124 -41.01 1.87 -23.37
CA ASP G 124 -41.60 2.65 -22.28
C ASP G 124 -42.76 1.90 -21.63
N HIS G 125 -43.35 2.51 -20.60
CA HIS G 125 -44.42 1.87 -19.85
C HIS G 125 -45.65 1.57 -20.69
N GLU G 126 -45.98 2.49 -21.58
CA GLU G 126 -47.16 2.32 -22.40
C GLU G 126 -47.08 1.02 -23.19
N ARG G 127 -45.96 0.84 -23.90
CA ARG G 127 -45.79 -0.33 -24.74
C ARG G 127 -45.61 -1.66 -23.99
N MET G 128 -44.85 -1.65 -22.90
CA MET G 128 -44.64 -2.86 -22.10
C MET G 128 -46.00 -3.31 -21.59
N SER G 129 -46.73 -2.35 -21.03
CA SER G 129 -48.07 -2.60 -20.54
C SER G 129 -48.95 -3.21 -21.61
N TYR G 130 -48.93 -2.62 -22.81
CA TYR G 130 -49.85 -3.09 -23.85
C TYR G 130 -49.51 -4.50 -24.30
N LEU G 131 -48.22 -4.76 -24.51
CA LEU G 131 -47.77 -6.10 -24.86
C LEU G 131 -48.12 -7.15 -23.80
N LEU G 132 -47.89 -6.82 -22.52
CA LEU G 132 -48.20 -7.75 -21.44
C LEU G 132 -49.72 -8.03 -21.35
N TYR G 133 -50.52 -6.99 -21.53
CA TYR G 133 -51.98 -7.14 -21.54
C TYR G 133 -52.42 -8.08 -22.66
N GLN G 134 -51.85 -7.88 -23.85
CA GLN G 134 -52.16 -8.75 -25.00
C GLN G 134 -51.78 -10.21 -24.72
N MET G 135 -50.59 -10.38 -24.19
CA MET G 135 -50.10 -11.70 -23.83
C MET G 135 -51.11 -12.39 -22.93
N LEU G 136 -51.52 -11.64 -21.91
CA LEU G 136 -52.46 -12.14 -20.91
C LEU G 136 -53.82 -12.50 -21.50
N CYS G 137 -54.31 -11.67 -22.43
CA CYS G 137 -55.53 -11.98 -23.18
C CYS G 137 -55.42 -13.30 -23.95
N GLY G 138 -54.29 -13.49 -24.66
CA GLY G 138 -54.10 -14.70 -25.45
C GLY G 138 -54.19 -15.92 -24.57
N ILE G 139 -53.41 -15.86 -23.50
CA ILE G 139 -53.36 -16.94 -22.52
C ILE G 139 -54.71 -17.22 -21.85
N LYS G 140 -55.43 -16.18 -21.48
CA LYS G 140 -56.77 -16.37 -20.91
C LYS G 140 -57.67 -17.12 -21.90
N HIS G 141 -57.56 -16.73 -23.17
CA HIS G 141 -58.34 -17.39 -24.21
C HIS G 141 -58.01 -18.88 -24.33
N LEU G 142 -56.72 -19.21 -24.37
CA LEU G 142 -56.29 -20.62 -24.36
C LEU G 142 -56.86 -21.37 -23.15
N HIS G 143 -56.69 -20.77 -21.97
CA HIS G 143 -57.16 -21.39 -20.75
C HIS G 143 -58.67 -21.65 -20.80
N SER G 144 -59.42 -20.77 -21.46
CA SER G 144 -60.87 -20.98 -21.54
C SER G 144 -61.25 -22.34 -22.14
N ALA G 145 -60.39 -22.89 -22.99
CA ALA G 145 -60.63 -24.21 -23.59
C ALA G 145 -59.94 -25.36 -22.84
N GLY G 146 -59.30 -25.07 -21.73
CA GLY G 146 -58.50 -26.07 -21.07
C GLY G 146 -57.07 -26.24 -21.56
N ILE G 147 -56.63 -25.46 -22.51
CA ILE G 147 -55.28 -25.51 -23.01
C ILE G 147 -54.34 -24.71 -22.16
N ILE G 148 -53.28 -25.30 -21.68
CA ILE G 148 -52.29 -24.59 -20.90
C ILE G 148 -50.97 -24.62 -21.63
N HIS G 149 -50.40 -23.47 -21.95
CA HIS G 149 -49.28 -23.43 -22.88
C HIS G 149 -48.09 -24.21 -22.35
N ARG G 150 -47.60 -23.85 -21.19
CA ARG G 150 -46.48 -24.51 -20.53
C ARG G 150 -45.10 -24.21 -21.06
N ASP G 151 -44.97 -23.43 -22.10
CA ASP G 151 -43.64 -23.15 -22.70
C ASP G 151 -43.55 -21.75 -23.33
N LEU G 152 -44.22 -20.77 -22.74
CA LEU G 152 -44.10 -19.41 -23.22
C LEU G 152 -42.71 -18.81 -23.10
N LYS G 153 -42.21 -18.29 -24.21
CA LYS G 153 -40.91 -17.66 -24.25
C LYS G 153 -40.95 -16.58 -25.34
N PRO G 154 -40.02 -15.62 -25.30
CA PRO G 154 -40.11 -14.52 -26.25
C PRO G 154 -40.04 -15.02 -27.70
N SER G 155 -39.41 -16.16 -27.95
CA SER G 155 -39.25 -16.64 -29.34
C SER G 155 -40.50 -17.27 -29.96
N ASN G 156 -41.49 -17.68 -29.17
CA ASN G 156 -42.73 -18.12 -29.79
C ASN G 156 -43.85 -17.15 -29.49
N ILE G 157 -43.47 -15.87 -29.43
CA ILE G 157 -44.41 -14.76 -29.39
C ILE G 157 -43.98 -13.76 -30.43
N VAL G 158 -44.91 -13.36 -31.29
CA VAL G 158 -44.59 -12.43 -32.37
C VAL G 158 -45.40 -11.15 -32.26
N VAL G 159 -44.87 -10.06 -32.80
CA VAL G 159 -45.58 -8.80 -32.71
C VAL G 159 -45.53 -8.01 -34.02
N LYS G 160 -46.63 -7.35 -34.33
CA LYS G 160 -46.76 -6.52 -35.52
C LYS G 160 -46.16 -5.13 -35.30
N SER G 161 -45.98 -4.40 -36.39
CA SER G 161 -45.43 -3.04 -36.36
C SER G 161 -46.22 -2.05 -35.49
N ASP G 162 -47.54 -2.26 -35.42
CA ASP G 162 -48.41 -1.40 -34.64
C ASP G 162 -48.61 -1.85 -33.18
N CYS G 163 -47.76 -2.77 -32.72
CA CYS G 163 -47.79 -3.36 -31.37
C CYS G 163 -48.76 -4.52 -31.17
N THR G 164 -49.39 -5.04 -32.23
CA THR G 164 -50.26 -6.20 -32.07
C THR G 164 -49.41 -7.41 -31.68
N LEU G 165 -49.87 -8.21 -30.74
CA LEU G 165 -49.09 -9.32 -30.22
C LEU G 165 -49.87 -10.62 -30.42
N LYS G 166 -49.19 -11.67 -30.85
CA LYS G 166 -49.79 -13.00 -30.99
C LYS G 166 -48.89 -14.13 -30.50
N ILE G 167 -49.50 -15.10 -29.82
CA ILE G 167 -48.83 -16.32 -29.33
C ILE G 167 -48.80 -17.42 -30.42
N LEU G 168 -47.66 -18.10 -30.57
CA LEU G 168 -47.36 -18.99 -31.72
C LEU G 168 -47.68 -20.48 -31.62
N ASP G 169 -47.43 -21.08 -30.46
CA ASP G 169 -47.70 -22.51 -30.32
CA ASP G 169 -47.63 -22.52 -30.29
C ASP G 169 -48.55 -22.80 -29.09
N PHE G 170 -48.85 -24.07 -28.83
CA PHE G 170 -49.68 -24.44 -27.68
C PHE G 170 -48.93 -25.30 -26.66
N GLY G 171 -47.61 -25.39 -26.84
CA GLY G 171 -46.72 -26.05 -25.88
C GLY G 171 -46.65 -27.56 -25.97
N THR G 188 -34.06 -22.41 -24.92
CA THR G 188 -34.31 -21.51 -23.80
C THR G 188 -35.18 -22.17 -22.72
N ARG G 189 -34.58 -22.37 -21.54
CA ARG G 189 -35.26 -22.92 -20.36
C ARG G 189 -35.62 -21.79 -19.39
N TYR G 190 -35.24 -20.57 -19.75
CA TYR G 190 -35.26 -19.45 -18.83
C TYR G 190 -36.65 -19.03 -18.36
N TYR G 191 -37.70 -19.44 -19.10
CA TYR G 191 -39.05 -18.93 -18.88
C TYR G 191 -39.96 -19.99 -18.25
N ARG G 192 -39.39 -21.14 -17.90
CA ARG G 192 -40.15 -22.22 -17.29
C ARG G 192 -40.38 -21.99 -15.80
N ALA G 193 -41.59 -22.26 -15.35
CA ALA G 193 -41.95 -22.14 -13.94
C ALA G 193 -41.20 -23.14 -13.09
N PRO G 194 -41.01 -22.83 -11.81
CA PRO G 194 -40.39 -23.81 -10.92
C PRO G 194 -41.08 -25.18 -10.95
N GLU G 195 -42.40 -25.24 -11.11
CA GLU G 195 -43.13 -26.52 -11.21
C GLU G 195 -42.55 -27.45 -12.26
N VAL G 196 -42.22 -26.90 -13.42
CA VAL G 196 -41.68 -27.71 -14.51
C VAL G 196 -40.30 -28.26 -14.19
N ILE G 197 -39.44 -27.41 -13.70
CA ILE G 197 -38.11 -27.78 -13.32
C ILE G 197 -38.10 -28.81 -12.21
N LEU G 198 -39.02 -28.66 -11.28
CA LEU G 198 -39.07 -29.50 -10.07
C LEU G 198 -39.98 -30.72 -10.24
N GLY G 199 -40.54 -30.89 -11.44
CA GLY G 199 -41.35 -32.06 -11.73
C GLY G 199 -42.69 -32.17 -11.01
N MET G 200 -43.30 -31.05 -10.64
CA MET G 200 -44.56 -31.03 -9.91
C MET G 200 -45.77 -31.03 -10.85
N GLY G 201 -46.95 -31.21 -10.26
CA GLY G 201 -48.19 -30.96 -10.98
C GLY G 201 -48.31 -29.47 -11.18
N TYR G 202 -49.06 -29.07 -12.18
CA TYR G 202 -49.23 -27.65 -12.44
C TYR G 202 -50.69 -27.31 -12.68
N LYS G 203 -51.00 -26.01 -12.62
CA LYS G 203 -52.28 -25.53 -13.07
C LYS G 203 -52.09 -24.33 -14.02
N GLU G 204 -53.17 -23.67 -14.45
CA GLU G 204 -53.06 -22.57 -15.43
C GLU G 204 -51.95 -21.53 -15.18
N ASN G 205 -51.80 -21.11 -13.92
CA ASN G 205 -50.90 -20.01 -13.62
C ASN G 205 -49.39 -20.29 -13.84
N VAL G 206 -49.06 -21.56 -14.15
CA VAL G 206 -47.75 -21.88 -14.69
C VAL G 206 -47.39 -20.86 -15.78
N ASP G 207 -48.38 -20.46 -16.58
CA ASP G 207 -48.14 -19.52 -17.67
C ASP G 207 -47.83 -18.12 -17.14
N ILE G 208 -48.41 -17.77 -16.01
CA ILE G 208 -48.12 -16.54 -15.33
C ILE G 208 -46.65 -16.43 -14.99
N TRP G 209 -45.99 -17.54 -14.69
CA TRP G 209 -44.57 -17.43 -14.35
C TRP G 209 -43.84 -16.91 -15.57
N SER G 210 -44.20 -17.43 -16.74
CA SER G 210 -43.41 -17.09 -17.92
C SER G 210 -43.59 -15.60 -18.20
N VAL G 211 -44.81 -15.13 -18.01
CA VAL G 211 -45.13 -13.75 -18.27
C VAL G 211 -44.24 -12.88 -17.38
N GLY G 212 -44.03 -13.31 -16.14
CA GLY G 212 -43.22 -12.55 -15.22
C GLY G 212 -41.81 -12.43 -15.78
N CYS G 213 -41.27 -13.57 -16.22
CA CYS G 213 -39.91 -13.61 -16.73
C CYS G 213 -39.83 -12.69 -17.91
N ILE G 214 -40.91 -12.65 -18.71
CA ILE G 214 -40.80 -11.84 -19.90
C ILE G 214 -40.81 -10.37 -19.46
N MET G 215 -41.71 -10.07 -18.52
CA MET G 215 -41.90 -8.70 -18.06
C MET G 215 -40.58 -8.19 -17.48
N GLY G 216 -40.00 -9.00 -16.62
CA GLY G 216 -38.81 -8.63 -15.91
C GLY G 216 -37.74 -8.35 -16.94
N GLU G 217 -37.66 -9.21 -17.96
CA GLU G 217 -36.61 -9.05 -18.93
C GLU G 217 -36.79 -7.73 -19.62
N MET G 218 -38.04 -7.42 -19.96
CA MET G 218 -38.36 -6.21 -20.72
C MET G 218 -37.83 -5.02 -19.94
N ILE G 219 -37.86 -5.11 -18.62
CA ILE G 219 -37.45 -4.01 -17.78
C ILE G 219 -35.93 -4.01 -17.53
N LYS G 220 -35.35 -5.20 -17.37
CA LYS G 220 -33.98 -5.34 -16.89
C LYS G 220 -33.02 -5.07 -18.01
N GLY G 221 -33.39 -5.50 -19.21
CA GLY G 221 -32.49 -5.42 -20.34
C GLY G 221 -31.69 -6.70 -20.46
N GLY G 222 -32.18 -7.76 -19.80
CA GLY G 222 -31.54 -9.07 -19.85
C GLY G 222 -32.37 -10.14 -19.17
N VAL G 223 -32.04 -11.41 -19.46
CA VAL G 223 -32.75 -12.57 -18.90
C VAL G 223 -32.76 -12.59 -17.37
N LEU G 224 -33.91 -12.79 -16.76
CA LEU G 224 -33.97 -12.87 -15.31
C LEU G 224 -33.20 -14.11 -14.78
N PHE G 225 -33.49 -15.28 -15.34
CA PHE G 225 -32.88 -16.50 -14.82
C PHE G 225 -32.16 -17.26 -15.93
N PRO G 226 -30.98 -16.78 -16.31
CA PRO G 226 -30.20 -17.50 -17.32
C PRO G 226 -29.51 -18.65 -16.61
N GLY G 227 -29.15 -19.67 -17.36
CA GLY G 227 -28.54 -20.85 -16.79
C GLY G 227 -28.35 -21.84 -17.89
N THR G 228 -27.24 -22.53 -17.85
CA THR G 228 -26.93 -23.53 -18.84
C THR G 228 -27.50 -24.90 -18.48
N ASP G 229 -28.01 -25.04 -17.27
CA ASP G 229 -28.66 -26.28 -16.84
C ASP G 229 -29.66 -25.99 -15.72
N HIS G 230 -30.31 -27.04 -15.22
CA HIS G 230 -31.33 -26.96 -14.18
C HIS G 230 -30.74 -26.44 -12.89
N ILE G 231 -29.55 -26.93 -12.54
CA ILE G 231 -28.89 -26.49 -11.31
C ILE G 231 -28.70 -24.98 -11.35
N ASP G 232 -28.13 -24.53 -12.45
CA ASP G 232 -27.81 -23.13 -12.64
C ASP G 232 -29.06 -22.25 -12.58
N GLN G 233 -30.07 -22.66 -13.34
CA GLN G 233 -31.30 -21.92 -13.41
C GLN G 233 -31.94 -21.77 -12.03
N TRP G 234 -32.07 -22.92 -11.35
CA TRP G 234 -32.62 -22.93 -10.01
C TRP G 234 -31.83 -22.00 -9.10
N ASN G 235 -30.50 -22.04 -9.18
CA ASN G 235 -29.67 -21.11 -8.41
C ASN G 235 -30.06 -19.66 -8.64
N LYS G 236 -30.22 -19.26 -9.91
CA LYS G 236 -30.59 -17.86 -10.16
C LYS G 236 -31.96 -17.51 -9.55
N VAL G 237 -32.88 -18.45 -9.70
CA VAL G 237 -34.20 -18.27 -9.11
C VAL G 237 -34.10 -18.05 -7.59
N ILE G 238 -33.50 -18.98 -6.84
CA ILE G 238 -33.52 -18.82 -5.38
C ILE G 238 -32.58 -17.72 -4.87
N GLU G 239 -31.53 -17.38 -5.60
CA GLU G 239 -30.68 -16.30 -5.12
C GLU G 239 -31.39 -14.97 -5.31
N GLN G 240 -32.29 -14.86 -6.29
CA GLN G 240 -33.04 -13.61 -6.37
C GLN G 240 -34.34 -13.58 -5.51
N LEU G 241 -35.11 -14.66 -5.53
CA LEU G 241 -36.41 -14.72 -4.85
C LEU G 241 -36.34 -15.35 -3.44
N GLY G 242 -35.29 -16.11 -3.17
CA GLY G 242 -35.13 -16.73 -1.87
C GLY G 242 -35.45 -18.19 -1.94
N THR G 243 -34.73 -19.00 -1.15
CA THR G 243 -35.05 -20.42 -1.03
C THR G 243 -36.50 -20.55 -0.58
N PRO G 244 -37.30 -21.39 -1.27
CA PRO G 244 -38.68 -21.62 -0.86
C PRO G 244 -38.76 -22.09 0.59
N CYS G 245 -39.79 -21.65 1.32
CA CYS G 245 -39.91 -22.00 2.73
C CYS G 245 -40.30 -23.49 2.84
N PRO G 246 -40.12 -24.09 4.03
CA PRO G 246 -40.37 -25.54 4.22
C PRO G 246 -41.76 -26.01 3.79
N GLU G 247 -42.75 -25.15 4.00
CA GLU G 247 -44.11 -25.47 3.59
C GLU G 247 -44.16 -25.84 2.11
N PHE G 248 -43.40 -25.13 1.30
CA PHE G 248 -43.36 -25.44 -0.13
C PHE G 248 -42.56 -26.71 -0.39
N MET G 249 -41.43 -26.85 0.30
CA MET G 249 -40.57 -28.04 0.16
C MET G 249 -41.32 -29.33 0.39
N LYS G 250 -42.24 -29.34 1.35
CA LYS G 250 -42.98 -30.57 1.65
C LYS G 250 -43.84 -31.04 0.48
N LYS G 251 -44.04 -30.17 -0.50
CA LYS G 251 -44.79 -30.53 -1.70
C LYS G 251 -44.01 -31.30 -2.78
N LEU G 252 -42.68 -31.24 -2.74
CA LEU G 252 -41.87 -31.88 -3.78
C LEU G 252 -41.77 -33.39 -3.59
N GLN G 253 -41.68 -34.13 -4.69
CA GLN G 253 -41.42 -35.58 -4.62
C GLN G 253 -40.12 -35.84 -3.88
N PRO G 254 -39.98 -37.03 -3.30
CA PRO G 254 -38.84 -37.28 -2.41
C PRO G 254 -37.45 -36.91 -2.97
N THR G 255 -37.11 -37.37 -4.17
CA THR G 255 -35.77 -37.19 -4.73
C THR G 255 -35.45 -35.71 -4.96
N VAL G 256 -36.37 -35.07 -5.65
CA VAL G 256 -36.26 -33.67 -5.97
C VAL G 256 -36.13 -32.90 -4.67
N ARG G 257 -36.83 -33.37 -3.65
CA ARG G 257 -36.86 -32.67 -2.38
C ARG G 257 -35.55 -32.78 -1.64
N THR G 258 -34.93 -33.96 -1.65
CA THR G 258 -33.64 -34.10 -0.98
C THR G 258 -32.59 -33.23 -1.70
N TYR G 259 -32.66 -33.23 -3.03
CA TYR G 259 -31.70 -32.37 -3.75
C TYR G 259 -31.90 -30.89 -3.46
N VAL G 260 -33.13 -30.41 -3.56
CA VAL G 260 -33.47 -29.00 -3.41
C VAL G 260 -33.16 -28.55 -1.98
N GLU G 261 -33.44 -29.41 -1.00
CA GLU G 261 -33.15 -29.03 0.38
C GLU G 261 -31.68 -29.12 0.72
N ASN G 262 -30.90 -29.76 -0.15
CA ASN G 262 -29.45 -29.74 0.09
C ASN G 262 -28.71 -28.50 -0.46
N ARG G 263 -29.43 -27.63 -1.14
CA ARG G 263 -28.78 -26.43 -1.67
C ARG G 263 -28.48 -25.38 -0.58
N PRO G 264 -27.45 -24.54 -0.82
CA PRO G 264 -27.18 -23.39 0.04
C PRO G 264 -28.47 -22.58 0.17
N LYS G 265 -28.73 -22.01 1.34
CA LYS G 265 -29.96 -21.26 1.60
C LYS G 265 -29.80 -19.80 1.31
N TYR G 266 -30.76 -19.20 0.62
CA TYR G 266 -30.80 -17.76 0.33
C TYR G 266 -32.05 -17.06 0.83
N ALA G 267 -31.89 -15.83 1.28
CA ALA G 267 -32.98 -15.05 1.78
C ALA G 267 -33.69 -14.34 0.65
N GLY G 268 -32.94 -13.94 -0.33
CA GLY G 268 -33.50 -13.22 -1.44
C GLY G 268 -33.55 -11.73 -1.25
N TYR G 269 -33.91 -11.03 -2.32
CA TYR G 269 -34.06 -9.61 -2.36
C TYR G 269 -35.50 -9.17 -2.50
N SER G 270 -35.83 -8.04 -1.91
CA SER G 270 -37.10 -7.39 -2.16
C SER G 270 -37.24 -7.00 -3.63
N PHE G 271 -38.46 -6.87 -4.09
CA PHE G 271 -38.69 -6.46 -5.45
C PHE G 271 -38.26 -5.02 -5.73
N GLU G 272 -38.22 -4.20 -4.70
CA GLU G 272 -37.63 -2.87 -4.79
C GLU G 272 -36.15 -2.93 -5.16
N LYS G 273 -35.43 -3.94 -4.66
CA LYS G 273 -34.01 -4.08 -5.00
C LYS G 273 -33.75 -4.82 -6.33
N LEU G 274 -34.65 -5.74 -6.72
CA LEU G 274 -34.53 -6.46 -7.99
C LEU G 274 -34.92 -5.53 -9.15
N PHE G 275 -35.88 -4.63 -8.91
CA PHE G 275 -36.37 -3.73 -9.96
C PHE G 275 -36.47 -2.28 -9.49
N PRO G 276 -35.33 -1.65 -9.22
CA PRO G 276 -35.32 -0.26 -8.77
C PRO G 276 -35.72 0.69 -9.89
N ASP G 277 -36.18 1.90 -9.52
CA ASP G 277 -36.74 2.83 -10.50
C ASP G 277 -35.84 3.14 -11.68
N VAL G 278 -34.54 3.18 -11.44
CA VAL G 278 -33.56 3.56 -12.46
C VAL G 278 -33.52 2.58 -13.64
N LEU G 279 -33.98 1.35 -13.44
CA LEU G 279 -34.07 0.38 -14.51
C LEU G 279 -35.12 0.83 -15.52
N PHE G 280 -36.15 1.50 -15.06
CA PHE G 280 -37.29 1.83 -15.89
C PHE G 280 -37.05 3.02 -16.80
N PRO G 281 -37.39 2.90 -18.06
CA PRO G 281 -37.09 3.94 -19.05
C PRO G 281 -38.01 5.17 -18.94
N ALA G 282 -37.56 6.34 -19.38
CA ALA G 282 -38.34 7.55 -19.13
C ALA G 282 -38.51 8.53 -20.27
N ASP G 283 -39.60 9.28 -20.16
CA ASP G 283 -39.96 10.28 -21.12
C ASP G 283 -39.71 11.69 -20.59
N HIS G 286 -39.77 11.16 -14.71
CA HIS G 286 -39.68 9.78 -14.37
C HIS G 286 -40.75 9.35 -13.38
N ASN G 287 -41.50 8.35 -13.78
CA ASN G 287 -42.72 7.98 -13.11
C ASN G 287 -42.63 6.93 -12.05
N LYS G 288 -42.72 7.34 -10.82
CA LYS G 288 -42.59 6.43 -9.73
C LYS G 288 -43.75 5.50 -9.56
N LEU G 289 -44.93 5.96 -9.94
CA LEU G 289 -46.14 5.16 -9.75
C LEU G 289 -46.15 4.00 -10.72
N LYS G 290 -45.74 4.27 -11.95
CA LYS G 290 -45.62 3.27 -12.97
C LYS G 290 -44.63 2.17 -12.59
N ALA G 291 -43.50 2.56 -12.06
CA ALA G 291 -42.46 1.63 -11.71
C ALA G 291 -42.91 0.87 -10.51
N SER G 292 -43.60 1.52 -9.61
CA SER G 292 -44.11 0.81 -8.43
C SER G 292 -45.22 -0.21 -8.77
N GLN G 293 -46.09 0.14 -9.72
CA GLN G 293 -47.12 -0.78 -10.16
C GLN G 293 -46.51 -1.99 -10.86
N ALA G 294 -45.54 -1.73 -11.74
CA ALA G 294 -44.84 -2.81 -12.45
C ALA G 294 -44.18 -3.75 -11.45
N ARG G 295 -43.48 -3.19 -10.49
CA ARG G 295 -42.82 -3.95 -9.43
C ARG G 295 -43.81 -4.80 -8.65
N ASP G 296 -44.99 -4.25 -8.37
CA ASP G 296 -46.00 -5.00 -7.62
C ASP G 296 -46.52 -6.21 -8.42
N LEU G 297 -46.87 -5.95 -9.68
CA LEU G 297 -47.29 -7.03 -10.56
C LEU G 297 -46.21 -8.13 -10.65
N LEU G 298 -44.96 -7.73 -10.85
CA LEU G 298 -43.86 -8.67 -10.91
C LEU G 298 -43.84 -9.48 -9.61
N SER G 299 -43.99 -8.79 -8.48
CA SER G 299 -43.93 -9.43 -7.16
C SER G 299 -45.08 -10.40 -6.95
N LYS G 300 -46.15 -10.28 -7.74
CA LYS G 300 -47.25 -11.25 -7.66
C LYS G 300 -47.18 -12.34 -8.74
N MET G 301 -46.36 -12.14 -9.77
CA MET G 301 -46.16 -13.14 -10.82
C MET G 301 -44.95 -14.05 -10.61
N LEU G 302 -43.82 -13.48 -10.22
CA LEU G 302 -42.61 -14.25 -9.99
C LEU G 302 -42.61 -14.80 -8.57
N VAL G 303 -43.55 -15.67 -8.30
CA VAL G 303 -43.72 -16.28 -6.99
C VAL G 303 -43.55 -17.79 -7.16
N ILE G 304 -42.60 -18.39 -6.46
CA ILE G 304 -42.27 -19.81 -6.69
C ILE G 304 -43.42 -20.77 -6.41
N ASP G 305 -44.04 -20.66 -5.25
CA ASP G 305 -45.15 -21.52 -4.86
C ASP G 305 -46.36 -21.06 -5.65
N ALA G 306 -46.74 -21.83 -6.67
CA ALA G 306 -47.82 -21.45 -7.57
C ALA G 306 -49.19 -21.26 -6.87
N SER G 307 -49.33 -21.78 -5.65
CA SER G 307 -50.58 -21.63 -4.89
C SER G 307 -50.64 -20.23 -4.28
N LYS G 308 -49.55 -19.48 -4.36
CA LYS G 308 -49.52 -18.10 -3.89
C LYS G 308 -49.26 -17.08 -5.02
N ARG G 309 -49.22 -17.59 -6.25
CA ARG G 309 -48.94 -16.79 -7.42
C ARG G 309 -50.27 -16.35 -8.00
N ILE G 310 -50.37 -15.12 -8.51
CA ILE G 310 -51.64 -14.68 -9.09
C ILE G 310 -52.05 -15.43 -10.37
N SER G 311 -53.35 -15.40 -10.66
CA SER G 311 -53.87 -16.03 -11.86
C SER G 311 -53.95 -14.97 -12.96
N VAL G 312 -54.22 -15.39 -14.19
CA VAL G 312 -54.30 -14.42 -15.30
C VAL G 312 -55.46 -13.45 -15.18
N ASP G 313 -56.58 -13.90 -14.60
CA ASP G 313 -57.74 -13.01 -14.43
C ASP G 313 -57.39 -11.87 -13.46
N GLU G 314 -56.77 -12.20 -12.33
CA GLU G 314 -56.37 -11.18 -11.36
C GLU G 314 -55.28 -10.25 -11.90
N ALA G 315 -54.50 -10.73 -12.86
CA ALA G 315 -53.43 -9.95 -13.43
C ALA G 315 -54.05 -8.93 -14.37
N LEU G 316 -55.10 -9.36 -15.10
CA LEU G 316 -55.77 -8.44 -16.04
C LEU G 316 -56.44 -7.25 -15.33
N GLN G 317 -56.73 -7.42 -14.04
CA GLN G 317 -57.38 -6.39 -13.23
C GLN G 317 -56.34 -5.54 -12.52
N HIS G 318 -55.08 -5.88 -12.66
CA HIS G 318 -54.04 -5.16 -11.99
C HIS G 318 -53.90 -3.81 -12.62
N PRO G 319 -53.77 -2.76 -11.79
CA PRO G 319 -53.68 -1.38 -12.24
C PRO G 319 -52.65 -1.17 -13.36
N TYR G 320 -51.57 -1.94 -13.37
CA TYR G 320 -50.59 -1.75 -14.42
C TYR G 320 -51.11 -2.19 -15.78
N ILE G 321 -52.03 -3.14 -15.81
CA ILE G 321 -52.52 -3.76 -17.04
C ILE G 321 -53.93 -3.29 -17.35
N ASN G 322 -54.68 -3.01 -16.29
CA ASN G 322 -56.10 -2.79 -16.43
C ASN G 322 -56.45 -1.54 -17.23
N VAL G 323 -55.48 -0.64 -17.37
CA VAL G 323 -55.72 0.57 -18.13
C VAL G 323 -56.15 0.22 -19.56
N TRP G 324 -55.76 -0.97 -20.03
CA TRP G 324 -56.04 -1.43 -21.39
C TRP G 324 -57.27 -2.35 -21.50
N TYR G 325 -57.91 -2.66 -20.41
CA TYR G 325 -58.92 -3.68 -20.42
C TYR G 325 -60.16 -3.38 -21.23
N ASP G 326 -60.33 -4.12 -22.31
CA ASP G 326 -61.48 -4.00 -23.16
C ASP G 326 -62.23 -5.30 -23.11
N PRO G 327 -63.47 -5.24 -22.65
CA PRO G 327 -64.30 -6.44 -22.46
C PRO G 327 -64.33 -7.36 -23.69
N SER G 328 -64.18 -6.80 -24.89
CA SER G 328 -64.28 -7.61 -26.08
C SER G 328 -63.07 -8.49 -26.33
N GLU G 329 -61.96 -8.18 -25.69
CA GLU G 329 -60.75 -8.90 -25.94
C GLU G 329 -60.34 -9.68 -24.72
N ALA G 330 -60.67 -9.18 -23.55
CA ALA G 330 -60.35 -9.94 -22.37
C ALA G 330 -61.43 -10.93 -21.99
N GLU G 331 -62.59 -10.85 -22.64
CA GLU G 331 -63.62 -11.82 -22.38
C GLU G 331 -64.23 -12.19 -23.73
N ALA G 332 -63.45 -12.73 -24.64
CA ALA G 332 -64.00 -13.11 -25.90
C ALA G 332 -64.45 -14.51 -25.59
N PRO G 333 -65.29 -15.09 -26.43
CA PRO G 333 -65.79 -16.43 -26.16
C PRO G 333 -64.85 -17.56 -26.38
N PRO G 334 -64.92 -18.49 -25.49
CA PRO G 334 -63.96 -19.59 -25.44
C PRO G 334 -63.95 -20.41 -26.73
N PRO G 335 -62.83 -21.11 -27.03
CA PRO G 335 -62.82 -21.99 -28.20
C PRO G 335 -63.86 -23.10 -28.03
N LYS G 336 -64.27 -23.74 -29.13
CA LYS G 336 -65.20 -24.85 -29.00
C LYS G 336 -64.53 -26.13 -29.50
N ILE G 337 -64.16 -27.00 -28.57
CA ILE G 337 -63.42 -28.22 -28.89
C ILE G 337 -64.29 -29.49 -28.83
N PRO G 338 -64.39 -30.21 -29.95
CA PRO G 338 -65.02 -31.55 -29.93
C PRO G 338 -64.00 -32.68 -29.98
N GLU G 354 -53.55 -42.17 -39.67
CA GLU G 354 -54.91 -42.17 -40.18
C GLU G 354 -55.66 -40.90 -39.78
N LEU G 355 -56.33 -40.95 -38.63
CA LEU G 355 -57.08 -39.81 -38.14
C LEU G 355 -56.45 -38.49 -38.57
N ILE G 356 -55.13 -38.39 -38.38
CA ILE G 356 -54.39 -37.19 -38.75
C ILE G 356 -54.80 -36.76 -40.16
N TYR G 357 -55.16 -37.74 -40.99
CA TYR G 357 -55.57 -37.47 -42.36
C TYR G 357 -56.84 -36.67 -42.54
N LYS G 358 -57.94 -37.10 -41.95
CA LYS G 358 -59.23 -36.55 -42.32
C LYS G 358 -59.48 -35.15 -41.79
N GLU G 359 -58.86 -34.84 -40.69
CA GLU G 359 -59.00 -33.51 -40.16
C GLU G 359 -58.57 -32.55 -41.28
N VAL G 360 -57.45 -32.90 -41.90
CA VAL G 360 -56.86 -32.14 -42.97
C VAL G 360 -57.78 -31.89 -44.15
N MET G 361 -58.78 -32.74 -44.32
CA MET G 361 -59.67 -32.67 -45.48
C MET G 361 -60.95 -31.84 -45.39
N ASP G 362 -61.15 -31.11 -44.32
CA ASP G 362 -62.44 -30.56 -44.01
C ASP G 362 -62.29 -29.20 -43.32
N GLY H 24 -18.01 -34.16 -30.86
CA GLY H 24 -17.51 -35.48 -30.52
C GLY H 24 -17.75 -35.78 -29.05
N PRO H 25 -17.38 -37.00 -28.62
CA PRO H 25 -17.54 -37.40 -27.21
C PRO H 25 -16.48 -36.78 -26.34
N THR H 26 -16.78 -36.63 -25.05
CA THR H 26 -15.91 -35.91 -24.11
C THR H 26 -15.08 -36.84 -23.24
N ARG H 27 -13.76 -36.69 -23.25
CA ARG H 27 -12.93 -37.47 -22.34
C ARG H 27 -13.15 -37.00 -20.92
N ILE H 28 -13.65 -37.90 -20.07
CA ILE H 28 -13.87 -37.60 -18.67
C ILE H 28 -12.69 -38.14 -17.84
N LEU H 29 -12.19 -39.33 -18.19
CA LEU H 29 -11.05 -39.91 -17.49
C LEU H 29 -10.28 -40.69 -18.55
N PRO H 30 -9.01 -41.07 -18.29
CA PRO H 30 -8.23 -41.75 -19.33
C PRO H 30 -8.95 -42.80 -20.19
N ASN H 31 -9.81 -43.62 -19.59
CA ASN H 31 -10.54 -44.60 -20.40
C ASN H 31 -12.05 -44.49 -20.26
N LEU H 32 -12.53 -43.26 -20.09
CA LEU H 32 -13.94 -43.00 -19.88
C LEU H 32 -14.40 -41.74 -20.61
N TYR H 33 -15.26 -41.96 -21.60
CA TYR H 33 -15.87 -40.91 -22.40
C TYR H 33 -17.37 -40.83 -22.15
N LEU H 34 -17.90 -39.63 -22.38
CA LEU H 34 -19.30 -39.35 -22.18
C LEU H 34 -19.76 -38.69 -23.46
N GLY H 35 -20.79 -39.24 -24.08
CA GLY H 35 -21.22 -38.75 -25.38
C GLY H 35 -22.67 -39.07 -25.59
N CYS H 36 -23.09 -38.94 -26.85
CA CYS H 36 -24.45 -39.14 -27.28
C CYS H 36 -24.47 -40.28 -28.29
N GLN H 37 -25.65 -40.58 -28.84
CA GLN H 37 -25.80 -41.71 -29.77
C GLN H 37 -25.18 -41.44 -31.14
N ARG H 38 -25.18 -40.19 -31.58
CA ARG H 38 -24.48 -39.80 -32.80
C ARG H 38 -22.99 -40.16 -32.68
N ASP H 39 -22.45 -40.11 -31.47
CA ASP H 39 -21.07 -40.48 -31.18
C ASP H 39 -20.79 -41.98 -31.36
N VAL H 40 -21.65 -42.86 -30.81
CA VAL H 40 -21.44 -44.31 -30.93
C VAL H 40 -21.55 -44.83 -32.37
N LEU H 41 -22.42 -44.20 -33.16
CA LEU H 41 -22.75 -44.72 -34.48
C LEU H 41 -21.64 -44.48 -35.50
N ASN H 42 -20.67 -43.67 -35.09
CA ASN H 42 -19.49 -43.29 -35.87
C ASN H 42 -18.34 -44.29 -35.77
N LYS H 43 -18.21 -45.18 -36.73
CA LYS H 43 -17.16 -46.21 -36.69
C LYS H 43 -15.76 -45.81 -36.32
N GLU H 44 -15.16 -44.92 -37.08
CA GLU H 44 -13.76 -44.68 -36.90
C GLU H 44 -13.48 -43.98 -35.61
N LEU H 45 -14.17 -42.88 -35.37
CA LEU H 45 -13.94 -42.11 -34.19
C LEU H 45 -14.07 -42.95 -32.97
N MET H 46 -14.95 -43.93 -33.02
CA MET H 46 -14.93 -44.93 -31.97
C MET H 46 -13.57 -45.63 -31.96
N GLN H 47 -12.98 -45.85 -33.14
CA GLN H 47 -11.65 -46.51 -33.21
C GLN H 47 -10.41 -45.63 -32.95
N GLN H 48 -10.51 -44.36 -33.32
CA GLN H 48 -9.46 -43.37 -33.12
C GLN H 48 -9.29 -43.12 -31.62
N ASN H 49 -10.41 -42.92 -30.94
CA ASN H 49 -10.41 -42.76 -29.49
C ASN H 49 -10.19 -44.08 -28.74
N GLY H 50 -10.25 -45.21 -29.45
CA GLY H 50 -9.96 -46.48 -28.82
C GLY H 50 -11.16 -47.15 -28.18
N ILE H 51 -12.31 -46.53 -28.30
CA ILE H 51 -13.49 -47.00 -27.59
C ILE H 51 -13.98 -48.38 -28.10
N GLY H 52 -13.87 -49.39 -27.24
CA GLY H 52 -14.23 -50.74 -27.60
C GLY H 52 -15.36 -51.28 -26.75
N TYR H 53 -15.71 -50.54 -25.70
CA TYR H 53 -16.85 -50.86 -24.88
C TYR H 53 -17.92 -49.77 -25.01
N VAL H 54 -19.18 -50.13 -24.82
CA VAL H 54 -20.23 -49.13 -24.83
C VAL H 54 -21.19 -49.34 -23.64
N LEU H 55 -21.45 -48.24 -22.92
CA LEU H 55 -22.54 -48.20 -21.95
C LEU H 55 -23.62 -47.26 -22.48
N ASN H 56 -24.76 -47.86 -22.81
CA ASN H 56 -25.92 -47.21 -23.45
C ASN H 56 -27.09 -46.96 -22.47
N ALA H 57 -27.21 -45.73 -21.96
CA ALA H 57 -28.30 -45.39 -21.03
C ALA H 57 -29.50 -44.86 -21.78
N SER H 58 -30.29 -45.78 -22.32
CA SER H 58 -31.50 -45.44 -23.04
C SER H 58 -32.25 -46.69 -23.45
N ASN H 59 -33.45 -46.50 -23.99
CA ASN H 59 -34.26 -47.60 -24.49
C ASN H 59 -34.32 -47.60 -26.00
N THR H 60 -33.85 -46.52 -26.63
CA THR H 60 -34.14 -46.33 -28.05
C THR H 60 -32.89 -46.35 -28.93
N CYS H 61 -31.72 -46.25 -28.31
CA CYS H 61 -30.47 -46.22 -29.06
C CYS H 61 -29.70 -47.51 -29.34
N PRO H 62 -29.82 -48.01 -30.55
CA PRO H 62 -29.21 -49.29 -30.89
C PRO H 62 -27.76 -49.47 -30.57
N LYS H 63 -27.38 -50.71 -30.27
CA LYS H 63 -25.97 -51.07 -30.11
C LYS H 63 -25.35 -51.09 -31.49
N PRO H 64 -24.16 -50.51 -31.62
CA PRO H 64 -23.54 -50.34 -32.94
C PRO H 64 -23.15 -51.68 -33.53
N ASP H 65 -23.18 -51.79 -34.85
CA ASP H 65 -22.87 -53.05 -35.47
C ASP H 65 -21.53 -53.64 -35.00
N PHE H 66 -20.53 -52.80 -34.76
CA PHE H 66 -19.17 -53.25 -34.45
C PHE H 66 -18.85 -53.54 -32.99
N ILE H 67 -19.78 -53.25 -32.08
CA ILE H 67 -19.54 -53.53 -30.67
C ILE H 67 -20.15 -54.89 -30.30
N PRO H 68 -19.32 -55.82 -29.81
CA PRO H 68 -19.79 -57.14 -29.39
C PRO H 68 -20.66 -56.88 -28.17
N GLU H 69 -21.73 -57.63 -27.94
CA GLU H 69 -22.58 -57.34 -26.79
C GLU H 69 -21.92 -57.74 -25.45
N SER H 70 -20.82 -58.48 -25.52
CA SER H 70 -20.05 -58.74 -24.30
C SER H 70 -19.32 -57.47 -23.86
N HIS H 71 -19.07 -56.58 -24.80
CA HIS H 71 -18.46 -55.28 -24.51
C HIS H 71 -19.51 -54.17 -24.43
N PHE H 72 -20.73 -54.54 -24.03
CA PHE H 72 -21.86 -53.63 -24.12
C PHE H 72 -22.76 -53.80 -22.90
N LEU H 73 -23.33 -52.68 -22.46
CA LEU H 73 -24.25 -52.72 -21.34
C LEU H 73 -25.31 -51.67 -21.55
N ARG H 74 -26.55 -52.11 -21.65
CA ARG H 74 -27.66 -51.20 -21.82
C ARG H 74 -28.23 -50.89 -20.44
N VAL H 75 -28.43 -49.61 -20.16
CA VAL H 75 -29.04 -49.15 -18.92
C VAL H 75 -30.38 -48.57 -19.31
N PRO H 76 -31.38 -49.42 -19.40
CA PRO H 76 -32.64 -49.10 -20.08
C PRO H 76 -33.42 -48.07 -19.31
N VAL H 77 -33.17 -46.78 -19.56
CA VAL H 77 -33.86 -45.78 -18.79
C VAL H 77 -34.40 -44.69 -19.63
N ASN H 78 -35.44 -44.06 -19.11
CA ASN H 78 -35.99 -42.87 -19.74
C ASN H 78 -35.46 -41.64 -19.05
N ASP H 79 -35.55 -40.49 -19.72
CA ASP H 79 -35.17 -39.22 -19.11
C ASP H 79 -36.39 -38.56 -18.46
N SER H 80 -36.69 -38.92 -17.22
CA SER H 80 -37.93 -38.43 -16.61
C SER H 80 -37.85 -38.22 -15.09
N PHE H 81 -38.96 -37.82 -14.51
CA PHE H 81 -38.98 -37.54 -13.08
C PHE H 81 -39.39 -38.75 -12.22
N CYS H 82 -39.95 -39.78 -12.83
CA CYS H 82 -40.38 -40.92 -12.06
C CYS H 82 -39.42 -42.08 -12.29
N GLU H 83 -38.56 -41.95 -13.29
CA GLU H 83 -37.58 -42.98 -13.63
C GLU H 83 -36.54 -43.20 -12.53
N LYS H 84 -36.18 -44.45 -12.29
CA LYS H 84 -35.14 -44.78 -11.32
C LYS H 84 -33.85 -45.22 -12.03
N ILE H 85 -32.80 -44.43 -11.86
CA ILE H 85 -31.51 -44.76 -12.46
C ILE H 85 -30.57 -45.28 -11.37
N LEU H 86 -30.92 -44.97 -10.11
CA LEU H 86 -30.14 -45.38 -8.95
C LEU H 86 -29.83 -46.89 -8.88
N PRO H 87 -30.85 -47.75 -9.06
CA PRO H 87 -30.52 -49.17 -8.96
C PRO H 87 -29.67 -49.66 -10.13
N TRP H 88 -29.39 -48.82 -11.13
CA TRP H 88 -28.52 -49.25 -12.21
C TRP H 88 -27.09 -48.75 -12.01
N LEU H 89 -26.88 -47.98 -10.94
CA LEU H 89 -25.59 -47.32 -10.74
C LEU H 89 -24.43 -48.28 -10.47
N ASP H 90 -24.57 -49.11 -9.44
CA ASP H 90 -23.53 -50.09 -9.10
C ASP H 90 -23.06 -50.93 -10.29
N LYS H 91 -24.00 -51.63 -10.93
CA LYS H 91 -23.73 -52.34 -12.18
C LYS H 91 -22.93 -51.48 -13.15
N SER H 92 -23.41 -50.26 -13.40
CA SER H 92 -22.75 -49.34 -14.30
C SER H 92 -21.29 -49.14 -13.90
N VAL H 93 -21.04 -48.87 -12.61
CA VAL H 93 -19.67 -48.59 -12.24
C VAL H 93 -18.89 -49.87 -12.49
N ASP H 94 -19.49 -51.02 -12.18
CA ASP H 94 -18.79 -52.29 -12.37
C ASP H 94 -18.47 -52.48 -13.83
N PHE H 95 -19.44 -52.16 -14.70
CA PHE H 95 -19.16 -52.36 -16.13
C PHE H 95 -17.96 -51.51 -16.50
N ILE H 96 -17.96 -50.26 -16.05
CA ILE H 96 -16.89 -49.37 -16.41
C ILE H 96 -15.63 -49.91 -15.77
N GLU H 97 -15.74 -50.30 -14.51
CA GLU H 97 -14.58 -50.78 -13.76
C GLU H 97 -13.99 -51.97 -14.50
N LYS H 98 -14.88 -52.88 -14.88
CA LYS H 98 -14.46 -54.12 -15.55
C LYS H 98 -13.68 -53.80 -16.83
N ALA H 99 -14.16 -52.79 -17.56
CA ALA H 99 -13.53 -52.48 -18.82
C ALA H 99 -12.15 -51.86 -18.65
N LYS H 100 -11.87 -51.38 -17.45
CA LYS H 100 -10.55 -50.83 -17.17
C LYS H 100 -9.73 -51.76 -16.32
N ALA H 101 -10.01 -53.04 -16.40
CA ALA H 101 -9.12 -54.05 -15.88
C ALA H 101 -8.49 -54.76 -17.05
N SER H 102 -9.27 -54.80 -18.13
CA SER H 102 -8.91 -55.35 -19.41
C SER H 102 -8.15 -54.29 -20.18
N ASN H 103 -7.91 -53.17 -19.56
CA ASN H 103 -7.29 -52.04 -20.25
C ASN H 103 -8.07 -51.58 -21.46
N GLY H 104 -9.38 -51.58 -21.31
CA GLY H 104 -10.26 -51.11 -22.36
C GLY H 104 -10.81 -49.72 -22.10
N CYS H 105 -11.43 -49.15 -23.13
CA CYS H 105 -11.93 -47.80 -23.08
C CYS H 105 -13.45 -47.79 -23.26
N VAL H 106 -14.17 -47.11 -22.38
CA VAL H 106 -15.63 -47.09 -22.39
C VAL H 106 -16.24 -45.77 -22.88
N LEU H 107 -17.24 -45.85 -23.76
CA LEU H 107 -18.07 -44.68 -24.04
C LEU H 107 -19.43 -44.85 -23.34
N VAL H 108 -19.72 -43.94 -22.43
CA VAL H 108 -21.03 -43.86 -21.78
C VAL H 108 -21.89 -42.80 -22.47
N HIS H 109 -22.97 -43.24 -23.07
CA HIS H 109 -23.81 -42.37 -23.84
C HIS H 109 -25.31 -42.57 -23.53
N CYS H 110 -26.12 -41.63 -23.98
CA CYS H 110 -27.54 -41.71 -23.90
C CYS H 110 -27.90 -40.96 -25.17
N LEU H 111 -29.18 -40.69 -25.44
CA LEU H 111 -29.57 -40.00 -26.67
C LEU H 111 -28.71 -38.77 -26.99
N ALA H 112 -28.82 -37.75 -26.15
CA ALA H 112 -28.20 -36.45 -26.35
C ALA H 112 -26.94 -36.21 -25.52
N GLY H 113 -26.73 -37.03 -24.50
CA GLY H 113 -25.57 -36.91 -23.67
C GLY H 113 -25.66 -35.73 -22.72
N ILE H 114 -26.86 -35.46 -22.27
CA ILE H 114 -27.12 -34.30 -21.43
C ILE H 114 -27.58 -34.73 -20.04
N SER H 115 -28.47 -35.71 -19.98
CA SER H 115 -29.11 -36.07 -18.71
C SER H 115 -28.80 -37.50 -18.18
N ARG H 116 -29.25 -38.54 -18.87
CA ARG H 116 -29.11 -39.91 -18.38
C ARG H 116 -27.67 -40.37 -18.23
N SER H 117 -26.93 -40.27 -19.32
CA SER H 117 -25.57 -40.74 -19.33
C SER H 117 -24.73 -39.86 -18.43
N ALA H 118 -25.07 -38.56 -18.35
CA ALA H 118 -24.32 -37.62 -17.51
C ALA H 118 -24.49 -38.03 -16.06
N THR H 119 -25.70 -38.50 -15.73
CA THR H 119 -25.98 -38.98 -14.38
C THR H 119 -25.12 -40.20 -14.08
N ILE H 120 -25.01 -41.12 -15.04
CA ILE H 120 -24.13 -42.26 -14.80
C ILE H 120 -22.64 -41.88 -14.68
N ALA H 121 -22.16 -40.97 -15.51
CA ALA H 121 -20.77 -40.53 -15.46
C ALA H 121 -20.46 -39.85 -14.11
N ILE H 122 -21.36 -39.01 -13.66
CA ILE H 122 -21.22 -38.36 -12.38
C ILE H 122 -21.20 -39.40 -11.25
N ALA H 123 -22.06 -40.42 -11.34
CA ALA H 123 -22.04 -41.50 -10.33
C ALA H 123 -20.67 -42.16 -10.29
N TYR H 124 -20.11 -42.45 -11.46
CA TYR H 124 -18.80 -43.07 -11.51
C TYR H 124 -17.72 -42.18 -10.90
N ILE H 125 -17.75 -40.88 -11.20
CA ILE H 125 -16.78 -39.94 -10.66
C ILE H 125 -16.89 -39.82 -9.13
N MET H 126 -18.13 -39.80 -8.62
CA MET H 126 -18.37 -39.75 -7.19
C MET H 126 -17.74 -40.96 -6.50
N LYS H 127 -17.99 -42.14 -7.05
CA LYS H 127 -17.52 -43.40 -6.47
C LYS H 127 -16.01 -43.56 -6.58
N ARG H 128 -15.49 -43.36 -7.78
CA ARG H 128 -14.10 -43.68 -8.09
C ARG H 128 -13.14 -42.60 -7.61
N MET H 129 -13.64 -41.38 -7.44
CA MET H 129 -12.77 -40.29 -7.02
C MET H 129 -13.03 -39.77 -5.62
N ASP H 130 -13.89 -40.45 -4.85
CA ASP H 130 -14.26 -40.00 -3.50
C ASP H 130 -14.79 -38.57 -3.53
N MET H 131 -15.68 -38.28 -4.46
CA MET H 131 -16.22 -36.94 -4.61
C MET H 131 -17.69 -36.90 -4.20
N SER H 132 -18.14 -35.76 -3.68
CA SER H 132 -19.55 -35.55 -3.43
C SER H 132 -20.23 -35.16 -4.74
N LEU H 133 -21.54 -35.18 -4.77
CA LEU H 133 -22.25 -34.80 -5.97
C LEU H 133 -21.80 -33.44 -6.48
N ASP H 134 -21.76 -32.45 -5.60
CA ASP H 134 -21.36 -31.11 -6.00
C ASP H 134 -19.98 -31.10 -6.62
N GLU H 135 -19.06 -31.83 -6.04
CA GLU H 135 -17.71 -31.92 -6.58
C GLU H 135 -17.70 -32.57 -7.96
N ALA H 136 -18.35 -33.73 -8.08
CA ALA H 136 -18.32 -34.54 -9.30
C ALA H 136 -19.05 -33.85 -10.43
N TYR H 137 -20.15 -33.17 -10.09
CA TYR H 137 -20.93 -32.40 -11.07
C TYR H 137 -20.07 -31.33 -11.69
N ARG H 138 -19.36 -30.58 -10.84
CA ARG H 138 -18.46 -29.57 -11.38
C ARG H 138 -17.39 -30.19 -12.28
N PHE H 139 -16.83 -31.31 -11.83
CA PHE H 139 -15.80 -32.01 -12.60
C PHE H 139 -16.27 -32.37 -14.03
N VAL H 140 -17.44 -33.00 -14.14
CA VAL H 140 -17.95 -33.37 -15.44
C VAL H 140 -18.43 -32.16 -16.29
N LYS H 141 -19.14 -31.23 -15.63
CA LYS H 141 -19.69 -30.03 -16.26
C LYS H 141 -18.60 -29.20 -16.89
N GLU H 142 -17.45 -29.06 -16.22
CA GLU H 142 -16.35 -28.28 -16.77
C GLU H 142 -15.79 -28.91 -18.05
N LYS H 143 -15.90 -30.22 -18.14
CA LYS H 143 -15.46 -30.94 -19.33
C LYS H 143 -16.55 -31.01 -20.42
N ARG H 144 -17.81 -31.13 -20.03
CA ARG H 144 -18.92 -31.24 -20.98
C ARG H 144 -20.06 -30.29 -20.56
N PRO H 145 -19.94 -29.00 -20.92
CA PRO H 145 -20.77 -27.93 -20.33
C PRO H 145 -22.24 -28.03 -20.66
N THR H 146 -22.60 -28.85 -21.65
CA THR H 146 -23.99 -28.97 -22.03
C THR H 146 -24.75 -29.99 -21.15
N ILE H 147 -24.11 -30.56 -20.17
CA ILE H 147 -24.81 -31.49 -19.34
C ILE H 147 -25.85 -30.81 -18.50
N SER H 148 -26.95 -31.49 -18.34
CA SER H 148 -28.09 -31.00 -17.61
C SER H 148 -29.01 -32.11 -17.12
N PRO H 149 -28.60 -32.83 -16.11
CA PRO H 149 -29.44 -33.90 -15.55
C PRO H 149 -30.58 -33.31 -14.71
N ASN H 150 -31.80 -33.82 -14.89
CA ASN H 150 -32.94 -33.29 -14.15
C ASN H 150 -32.78 -33.54 -12.65
N PHE H 151 -33.64 -32.88 -11.87
CA PHE H 151 -33.54 -32.93 -10.41
C PHE H 151 -33.91 -34.26 -9.77
N ASN H 152 -34.65 -35.08 -10.49
CA ASN H 152 -34.95 -36.41 -10.00
C ASN H 152 -33.65 -37.26 -9.90
N PHE H 153 -32.88 -37.24 -10.98
CA PHE H 153 -31.60 -37.95 -11.04
C PHE H 153 -30.59 -37.41 -10.03
N LEU H 154 -30.56 -36.08 -9.83
CA LEU H 154 -29.61 -35.45 -8.90
C LEU H 154 -29.97 -35.79 -7.45
N GLY H 155 -31.26 -35.82 -7.15
CA GLY H 155 -31.71 -36.27 -5.85
C GLY H 155 -31.25 -37.70 -5.60
N GLN H 156 -31.39 -38.53 -6.65
CA GLN H 156 -30.92 -39.91 -6.56
C GLN H 156 -29.40 -40.04 -6.39
N LEU H 157 -28.65 -39.17 -7.06
CA LEU H 157 -27.20 -39.14 -6.92
C LEU H 157 -26.82 -38.74 -5.51
N LEU H 158 -27.64 -37.91 -4.89
CA LEU H 158 -27.41 -37.52 -3.49
C LEU H 158 -27.62 -38.72 -2.56
N ASP H 159 -28.66 -39.49 -2.89
CA ASP H 159 -28.95 -40.72 -2.18
C ASP H 159 -27.76 -41.68 -2.33
N TYR H 160 -27.17 -41.71 -3.52
CA TYR H 160 -26.02 -42.56 -3.81
C TYR H 160 -24.76 -42.10 -3.05
N GLU H 161 -24.64 -40.79 -2.85
CA GLU H 161 -23.55 -40.23 -2.07
C GLU H 161 -23.68 -40.79 -0.65
N LYS H 162 -24.92 -40.80 -0.16
CA LYS H 162 -25.17 -41.34 1.18
C LYS H 162 -24.87 -42.86 1.25
N LYS H 163 -25.29 -43.61 0.22
CA LYS H 163 -25.01 -45.05 0.16
C LYS H 163 -23.53 -45.40 0.21
N ILE H 164 -22.73 -44.65 -0.55
CA ILE H 164 -21.29 -44.86 -0.51
C ILE H 164 -20.71 -44.49 0.85
N LYS H 165 -21.05 -43.31 1.36
CA LYS H 165 -20.51 -42.87 2.66
C LYS H 165 -20.66 -43.92 3.79
N ASN H 166 -21.91 -44.24 4.12
CA ASN H 166 -22.20 -45.25 5.15
C ASN H 166 -21.92 -46.69 4.73
#